data_9D80
#
_entry.id   9D80
#
_cell.length_a   1.00
_cell.length_b   1.00
_cell.length_c   1.00
_cell.angle_alpha   90.00
_cell.angle_beta   90.00
_cell.angle_gamma   90.00
#
_symmetry.space_group_name_H-M   'P 1'
#
loop_
_entity.id
_entity.type
_entity.pdbx_description
1 polymer 'Portal protein'
2 polymer Gp83
3 polymer 'Tail protein'
4 polymer 'Tail fiber protein'
#
loop_
_entity_poly.entity_id
_entity_poly.type
_entity_poly.pdbx_seq_one_letter_code
_entity_poly.pdbx_strand_id
1 'polypeptide(L)'
;MEHQDSMTPLPDPGQSDKLTNWKKEPSIQTLKADLEAGKPAHDAIMKEIQKWNDLMKAEGSAKPPKVKGRSQVQPKLVRR
QAEWRYAPLSEPFLSSPKLFKLTPVTWEDEQAARQNELVLNYQFRTQLNRVKLVDDYVHSVCDDGTGIARVGWERKVVKV
KQDAPVFQMYPVETEEQVQILQQALDLQAQNPRGYEEQVADDVKEAVNYFNETGEATYAIQTGTTEVEVEKAVVNRPTVE
MLDPNNVVIDPSCNGDLDRALFAVVSFETCKADLLKTPDRYHNLDKIDWESSSPLTDPDHESKTPGDFQFRDAMRKRVIA
YEYWGFWDTNGDGELKPIVATWIGTTLIRMEENPYPDGKLPFVLVPYMPRKRELYGEADAELLGDNQKILGATMRGMIDL
LGRSANGQRAYPKGMLDTLNRRRFEDGLDYEYNPQTGNPSQAIIEHKFPELPQSAIVMSQMQNQEAEALTGVKAFAGGVT
GSAYGDVAAGIRGALDAASKREMAILRRLAKGMADIGTKICAMNAVFLSETEVVRITNEEYVTINREDLKGNFDIEVDIN
TAEVDNQKSQDLGFMVQTIGNTVDQQVTLKLVARIAELKRMPELAHELRTWKPEPDPMEEQLKQLAIQKAQLENQKLQSE
IALNEAKVRAEDAKKDMTNLDYLEQESGTKHAREMEKQKAQSQGNQNLQVTKALTQPVKEGETSPNISAAIGYNAITDGN
NQVNNELERDALAPQDPSLSIGSQYFDPSRDPALSPGMNL
;
A
2 'polypeptide(L)'
;MRKLSDVYKVLALTSLKSAGFITDDKVNIEAWGKPEVLAHINEGLTRLHSRFVLRTNNCIVEMKEGRTDYPLLARYSYER
FDPAKAPYPYIMDTPQEPFQEDVIKILNVYDSKGIRRKLNDDHDKNGLFTPRPDVLQCMWPRHFEALNVLYQAKHPELTG
DENQEIDLPETLYSALENWVGYRYHTGLNTEGSTAKAAEYLQLYESICGEVVDFDLANGSMSNTNVLFEKRGWV
;
B
3 'polypeptide(L)'
;MSCGAEVEANRLLLALTEGEDFALPDIDMSGPEWDIPGGDGSPIFAEVTRLTNEDLTTRVVGGSGTFDALMASAAAHLKQ
EFKEGRITGGEYTKAYIAIVETCMGNATQYLLGRDQAYWAAAMAQIQAVSARVALATSKAQYVLAKFQALNAKSEYALTK
LKLSTESETYCAALFNVEQTLPQQLKLLIEQTEAQRAQTLDKRSDGATVSGSIGKQKELYTQQITSYQRDAEVKASKLFT
DAWITQKTIDEGLTPPNGFTNSSIDDVLTTLKRNNNLNG
;
C
4 'polypeptide(L)'
;MGMNSHIPFDADNDWTLDPYHCNRSNDPLVDKVIGNAYAVVRAVYCNLGNLKLLYDFLNTYGMVLGVKSEAELKKLNKLA
KYARVYGFADTGDRQVTDYLYVPDDTSGIRPDDQTATGSWIKVSTSGSGSGGTGGGSGSYIPYVYANGSALGGETSFKVP
AEALGVPFIIINGSVQYIGYGFSFNPANSTVTLSNPLVQGDEVIALTSAAPASPDNPNVSNWVQVNWLYNNGAAVGGEQV
ITVPYNFKDVPAVYKNGERYYKNLQTKSYVYDPSTRTVTMTELLAQGDRVIITLGGESASLEITDRTTQEVARANNVKDT
DVVLSSSTNVVITDKKVLYDVNAQKYWDLPNLPPNVYIVKVEGNKLIYNPGAVVIDLLEPANPLVIVEPVLSRLGAETGN
PMAGTFEKGATVDSAAKSVGSTMEGKLYRWEGALPKTVRAGDTPSSSGGIGSGKWVEITNATLRSQLASTGGAAMVKASD
GRTVEQWLVQSDSASFRAKNMAKLAWCDYQVHNRGSLKCCFLGDSMTAGFDRTSSDTIPAQDGDWATRASMNYPYRFASY
LPEQSGCSVYITMRAISGYTAKQAYEEALWQSNPNCDIVFIMYAINDSGGVAGATLDLYMEYMEKLIRRYIDWGCAVVVQ
RPSGGGQGAGNPAWLHWAKRMQMVARVYGCPVFDAHEVMLNRHYAAVQSDGTHYNSMGYAIHGEKLASMLMAGGLLDTYK
PVVNETTVWTGMMSDHIGWCDARGNIGTGRSDGAYTRDKVTGVLQAGKATICTFSFYLDAEAAHIYGKLDGLINTIYTNG
YWWNNGNKPYYQYAVDIDNSFGASLQRVNKSANNYEGMPGSRKFVGRLIGRGWHTITLFTNLQGEALKDAFVNSITVQPI
PIGLSTEQMWGQDEERRYRVVHTRRMPSPSGQGGTLPVAVALTGFQMRAPQSFLGTGPGTNAVPAPYFYNTVPGKLKVYN
EKGDYIEWLVYKDGSSGLKWKGKVLTHSFADVASVPTLTAYMGTAKQNVIVAAGSSGANQPLENIYDYNAGLQEQTGNPS
TDLSWKGGIYLVFTLAWPSTAPTGYWTIELEGSDWFGNSESAVGCF
;
D,E,F
#
# COMPACT_ATOMS: atom_id res chain seq x y z
N ASP A 17 -42.89 -67.91 -49.58
CA ASP A 17 -42.39 -68.57 -48.39
C ASP A 17 -41.21 -69.50 -48.71
N LYS A 18 -41.40 -70.33 -49.74
CA LYS A 18 -40.37 -71.26 -50.20
C LYS A 18 -39.76 -70.68 -51.47
N LEU A 19 -38.69 -69.90 -51.31
CA LEU A 19 -38.06 -69.25 -52.45
C LEU A 19 -37.25 -70.23 -53.29
N THR A 20 -36.58 -71.19 -52.67
CA THR A 20 -35.71 -72.13 -53.37
C THR A 20 -36.37 -73.50 -53.46
N ASN A 21 -35.65 -74.42 -54.09
CA ASN A 21 -36.10 -75.80 -54.30
C ASN A 21 -35.29 -76.77 -53.47
N TRP A 22 -34.66 -76.30 -52.40
CA TRP A 22 -33.84 -77.12 -51.54
C TRP A 22 -34.70 -78.08 -50.73
N LYS A 23 -34.11 -79.20 -50.34
CA LYS A 23 -34.77 -80.17 -49.48
C LYS A 23 -34.88 -79.69 -48.04
N LYS A 24 -34.11 -78.68 -47.65
CA LYS A 24 -34.17 -78.14 -46.30
C LYS A 24 -33.80 -76.66 -46.32
N GLU A 25 -34.81 -75.79 -46.34
CA GLU A 25 -34.46 -74.39 -46.48
C GLU A 25 -34.66 -73.64 -45.17
N PRO A 26 -33.68 -72.84 -44.77
CA PRO A 26 -33.85 -72.04 -43.55
C PRO A 26 -34.99 -71.05 -43.68
N SER A 27 -35.64 -70.78 -42.55
CA SER A 27 -36.70 -69.79 -42.46
C SER A 27 -36.18 -68.54 -41.78
N ILE A 28 -36.79 -67.41 -42.09
CA ILE A 28 -36.38 -66.13 -41.55
C ILE A 28 -36.41 -66.13 -40.03
N GLN A 29 -37.35 -66.86 -39.41
CA GLN A 29 -37.38 -66.95 -37.96
C GLN A 29 -36.13 -67.60 -37.41
N THR A 30 -35.64 -68.67 -38.06
CA THR A 30 -34.44 -69.35 -37.62
C THR A 30 -33.21 -68.46 -37.72
N LEU A 31 -33.07 -67.75 -38.84
CA LEU A 31 -31.94 -66.86 -39.02
C LEU A 31 -31.98 -65.72 -38.01
N LYS A 32 -33.16 -65.16 -37.77
CA LYS A 32 -33.30 -64.11 -36.78
C LYS A 32 -32.96 -64.62 -35.38
N ALA A 33 -33.37 -65.84 -35.06
CA ALA A 33 -33.03 -66.43 -33.77
C ALA A 33 -31.52 -66.62 -33.62
N ASP A 34 -30.87 -67.07 -34.69
CA ASP A 34 -29.42 -67.22 -34.65
C ASP A 34 -28.73 -65.87 -34.43
N LEU A 35 -29.20 -64.84 -35.14
CA LEU A 35 -28.65 -63.50 -34.94
C LEU A 35 -28.85 -63.01 -33.51
N GLU A 36 -30.05 -63.22 -32.96
CA GLU A 36 -30.32 -62.81 -31.59
C GLU A 36 -29.45 -63.55 -30.59
N ALA A 37 -29.23 -64.86 -30.79
CA ALA A 37 -28.35 -65.61 -29.91
C ALA A 37 -26.90 -65.15 -30.01
N GLY A 38 -26.44 -64.80 -31.21
CA GLY A 38 -25.07 -64.34 -31.37
C GLY A 38 -24.85 -62.88 -31.02
N LYS A 39 -25.93 -62.12 -30.79
CA LYS A 39 -25.80 -60.70 -30.48
C LYS A 39 -24.98 -60.39 -29.23
N PRO A 40 -25.22 -61.02 -28.06
CA PRO A 40 -24.60 -60.53 -26.81
C PRO A 40 -23.08 -60.41 -26.82
N ALA A 41 -22.39 -61.37 -27.44
CA ALA A 41 -20.93 -61.27 -27.54
C ALA A 41 -20.53 -60.05 -28.35
N HIS A 42 -21.21 -59.81 -29.47
CA HIS A 42 -20.93 -58.62 -30.26
C HIS A 42 -21.27 -57.35 -29.49
N ASP A 43 -22.28 -57.41 -28.61
CA ASP A 43 -22.59 -56.27 -27.76
C ASP A 43 -21.45 -55.96 -26.80
N ALA A 44 -20.87 -56.99 -26.18
CA ALA A 44 -19.71 -56.77 -25.31
C ALA A 44 -18.52 -56.22 -26.10
N ILE A 45 -18.29 -56.77 -27.29
CA ILE A 45 -17.20 -56.30 -28.14
C ILE A 45 -17.39 -54.82 -28.46
N MET A 46 -18.61 -54.43 -28.83
CA MET A 46 -18.86 -53.03 -29.13
C MET A 46 -18.84 -52.17 -27.89
N LYS A 47 -19.13 -52.72 -26.71
CA LYS A 47 -18.92 -51.95 -25.49
C LYS A 47 -17.45 -51.59 -25.31
N GLU A 48 -16.56 -52.56 -25.53
CA GLU A 48 -15.13 -52.25 -25.48
C GLU A 48 -14.73 -51.24 -26.56
N ILE A 49 -15.25 -51.41 -27.77
CA ILE A 49 -14.93 -50.49 -28.86
C ILE A 49 -15.41 -49.08 -28.53
N GLN A 50 -16.60 -48.96 -27.94
CA GLN A 50 -17.13 -47.66 -27.56
C GLN A 50 -16.27 -47.02 -26.48
N LYS A 51 -15.80 -47.82 -25.52
CA LYS A 51 -14.92 -47.27 -24.49
C LYS A 51 -13.63 -46.74 -25.10
N TRP A 52 -13.05 -47.50 -26.04
CA TRP A 52 -11.82 -47.04 -26.69
C TRP A 52 -12.06 -45.76 -27.49
N ASN A 53 -13.16 -45.71 -28.23
CA ASN A 53 -13.48 -44.53 -29.01
C ASN A 53 -13.76 -43.32 -28.13
N ASP A 54 -14.39 -43.52 -26.97
CA ASP A 54 -14.62 -42.43 -26.04
C ASP A 54 -13.30 -41.91 -25.47
N LEU A 55 -12.39 -42.82 -25.13
CA LEU A 55 -11.07 -42.38 -24.69
C LEU A 55 -10.32 -41.64 -25.80
N MET A 56 -10.58 -42.00 -27.06
CA MET A 56 -9.87 -41.38 -28.16
C MET A 56 -10.15 -39.89 -28.26
N LYS A 57 -11.40 -39.48 -28.12
CA LYS A 57 -11.81 -38.10 -28.35
C LYS A 57 -12.29 -37.42 -27.08
N ALA A 58 -11.95 -37.99 -25.92
CA ALA A 58 -12.25 -37.39 -24.62
C ALA A 58 -13.71 -36.97 -24.49
N GLU A 59 -14.64 -37.91 -24.67
CA GLU A 59 -16.05 -37.63 -24.53
C GLU A 59 -16.76 -38.85 -23.96
N GLY A 60 -17.91 -38.62 -23.33
CA GLY A 60 -18.68 -39.70 -22.77
C GLY A 60 -18.17 -40.15 -21.41
N SER A 61 -17.58 -41.34 -21.35
CA SER A 61 -17.05 -41.84 -20.09
C SER A 61 -15.81 -41.07 -19.65
N ALA A 62 -14.99 -40.62 -20.58
CA ALA A 62 -13.78 -39.87 -20.28
C ALA A 62 -13.99 -38.37 -20.27
N LYS A 63 -15.23 -37.91 -20.45
CA LYS A 63 -15.53 -36.49 -20.42
C LYS A 63 -15.25 -35.94 -19.02
N PRO A 64 -14.33 -34.99 -18.86
CA PRO A 64 -14.07 -34.40 -17.54
C PRO A 64 -15.31 -33.71 -17.00
N PRO A 65 -15.57 -33.82 -15.70
CA PRO A 65 -16.76 -33.17 -15.13
C PRO A 65 -16.57 -31.66 -15.06
N LYS A 66 -17.56 -30.93 -15.56
CA LYS A 66 -17.50 -29.47 -15.57
C LYS A 66 -18.15 -28.92 -14.31
N VAL A 67 -17.36 -28.28 -13.46
CA VAL A 67 -17.85 -27.59 -12.27
C VAL A 67 -17.40 -26.14 -12.37
N LYS A 68 -18.20 -25.23 -11.81
CA LYS A 68 -17.93 -23.81 -11.96
C LYS A 68 -16.63 -23.43 -11.26
N GLY A 69 -15.85 -22.57 -11.92
CA GLY A 69 -14.57 -22.15 -11.38
C GLY A 69 -13.39 -22.96 -11.87
N ARG A 70 -13.44 -24.27 -11.69
CA ARG A 70 -12.34 -25.13 -12.09
C ARG A 70 -12.42 -25.47 -13.58
N SER A 71 -11.30 -25.94 -14.12
CA SER A 71 -11.16 -26.18 -15.54
C SER A 71 -11.75 -27.54 -15.93
N GLN A 72 -11.83 -27.78 -17.25
CA GLN A 72 -12.33 -29.04 -17.76
C GLN A 72 -11.51 -29.47 -18.97
N VAL A 73 -10.23 -29.11 -18.99
CA VAL A 73 -9.35 -29.39 -20.12
C VAL A 73 -8.74 -30.76 -19.93
N GLN A 74 -8.89 -31.62 -20.94
CA GLN A 74 -8.31 -32.97 -20.92
C GLN A 74 -7.41 -33.18 -22.12
N PRO A 75 -6.10 -33.23 -21.96
CA PRO A 75 -5.22 -33.52 -23.09
C PRO A 75 -5.54 -34.87 -23.70
N LYS A 76 -5.47 -34.94 -25.04
CA LYS A 76 -5.82 -36.15 -25.78
C LYS A 76 -4.53 -36.92 -26.09
N LEU A 77 -4.00 -37.57 -25.07
CA LEU A 77 -2.79 -38.38 -25.26
C LEU A 77 -3.06 -39.56 -26.19
N VAL A 78 -4.20 -40.23 -26.02
CA VAL A 78 -4.52 -41.38 -26.88
C VAL A 78 -4.60 -40.94 -28.34
N ARG A 79 -5.25 -39.81 -28.60
CA ARG A 79 -5.37 -39.31 -29.96
C ARG A 79 -4.00 -38.94 -30.53
N ARG A 80 -3.13 -38.36 -29.71
CA ARG A 80 -1.78 -38.03 -30.16
C ARG A 80 -1.02 -39.29 -30.57
N GLN A 81 -1.07 -40.32 -29.73
CA GLN A 81 -0.37 -41.55 -30.05
C GLN A 81 -0.96 -42.21 -31.30
N ALA A 82 -2.27 -42.13 -31.47
CA ALA A 82 -2.90 -42.69 -32.65
C ALA A 82 -2.55 -41.94 -33.93
N GLU A 83 -2.46 -40.62 -33.87
CA GLU A 83 -2.08 -39.84 -35.04
C GLU A 83 -0.61 -39.97 -35.38
N TRP A 84 0.24 -40.26 -34.40
CA TRP A 84 1.65 -40.54 -34.70
C TRP A 84 1.86 -41.97 -35.17
N ARG A 85 0.78 -42.70 -35.48
CA ARG A 85 0.87 -44.03 -36.03
C ARG A 85 -0.04 -44.25 -37.24
N TYR A 86 -1.03 -43.39 -37.46
CA TYR A 86 -1.85 -43.51 -38.66
C TYR A 86 -1.02 -43.42 -39.94
N ALA A 87 -0.11 -42.46 -40.02
CA ALA A 87 0.60 -42.15 -41.26
C ALA A 87 1.67 -43.20 -41.62
N PRO A 88 2.55 -43.61 -40.70
CA PRO A 88 3.56 -44.61 -41.08
C PRO A 88 2.96 -45.94 -41.51
N LEU A 89 1.77 -46.29 -41.05
CA LEU A 89 1.14 -47.56 -41.38
C LEU A 89 0.32 -47.51 -42.66
N SER A 90 0.12 -46.33 -43.25
CA SER A 90 -0.70 -46.18 -44.45
C SER A 90 0.11 -45.90 -45.69
N GLU A 91 1.29 -45.28 -45.54
CA GLU A 91 2.16 -44.96 -46.67
C GLU A 91 2.58 -46.17 -47.50
N PRO A 92 2.92 -47.35 -46.92
CA PRO A 92 3.30 -48.49 -47.76
C PRO A 92 2.28 -48.84 -48.84
N PHE A 93 0.99 -48.68 -48.53
CA PHE A 93 -0.05 -48.94 -49.50
C PHE A 93 -0.18 -47.86 -50.56
N LEU A 94 0.38 -46.67 -50.31
CA LEU A 94 0.20 -45.52 -51.18
C LEU A 94 1.49 -45.11 -51.89
N SER A 95 2.55 -45.92 -51.80
CA SER A 95 3.82 -45.53 -52.38
C SER A 95 4.02 -46.05 -53.80
N SER A 96 3.30 -47.09 -54.19
CA SER A 96 3.57 -47.59 -55.52
C SER A 96 2.39 -47.33 -56.45
N PRO A 97 2.66 -47.10 -57.74
CA PRO A 97 1.57 -46.90 -58.70
C PRO A 97 0.65 -48.10 -58.80
N LYS A 98 1.20 -49.29 -58.58
CA LYS A 98 0.43 -50.53 -58.56
C LYS A 98 0.40 -51.05 -57.13
N LEU A 99 -0.80 -51.21 -56.58
CA LEU A 99 -0.92 -51.60 -55.18
C LEU A 99 -0.58 -53.08 -55.00
N PHE A 100 -1.36 -53.96 -55.62
CA PHE A 100 -1.13 -55.39 -55.49
C PHE A 100 -0.14 -55.89 -56.52
N LYS A 101 0.86 -56.65 -56.09
CA LYS A 101 1.78 -57.33 -56.99
C LYS A 101 1.48 -58.82 -56.89
N LEU A 102 1.28 -59.46 -58.03
CA LEU A 102 1.01 -60.89 -58.07
C LEU A 102 2.15 -61.59 -58.79
N THR A 103 2.79 -62.52 -58.11
CA THR A 103 3.87 -63.27 -58.73
C THR A 103 3.41 -64.68 -59.04
N PRO A 104 3.81 -65.27 -60.17
CA PRO A 104 3.44 -66.65 -60.45
C PRO A 104 4.06 -67.60 -59.45
N VAL A 105 3.37 -68.72 -59.21
CA VAL A 105 3.87 -69.73 -58.29
C VAL A 105 4.83 -70.65 -59.05
N THR A 106 4.34 -71.28 -60.11
CA THR A 106 5.15 -72.12 -60.97
C THR A 106 5.45 -71.36 -62.27
N TRP A 107 6.16 -72.02 -63.19
CA TRP A 107 6.58 -71.33 -64.41
C TRP A 107 5.42 -71.18 -65.39
N GLU A 108 4.45 -72.09 -65.37
CA GLU A 108 3.31 -72.00 -66.28
C GLU A 108 2.28 -70.97 -65.84
N ASP A 109 2.38 -70.45 -64.62
CA ASP A 109 1.39 -69.53 -64.07
C ASP A 109 1.67 -68.08 -64.43
N GLU A 110 2.72 -67.82 -65.22
CA GLU A 110 3.20 -66.45 -65.47
C GLU A 110 2.18 -65.59 -66.21
N GLN A 111 1.61 -66.11 -67.31
CA GLN A 111 0.65 -65.32 -68.08
C GLN A 111 -0.60 -65.03 -67.27
N ALA A 112 -1.12 -66.03 -66.56
CA ALA A 112 -2.29 -65.82 -65.71
C ALA A 112 -2.02 -64.82 -64.61
N ALA A 113 -0.87 -64.90 -63.96
CA ALA A 113 -0.52 -63.92 -62.94
C ALA A 113 -0.38 -62.51 -63.51
N ARG A 114 0.24 -62.36 -64.68
CA ARG A 114 0.33 -61.05 -65.30
C ARG A 114 -1.05 -60.48 -65.62
N GLN A 115 -1.94 -61.31 -66.19
CA GLN A 115 -3.29 -60.84 -66.51
C GLN A 115 -4.04 -60.43 -65.24
N ASN A 116 -3.98 -61.26 -64.21
CA ASN A 116 -4.71 -60.99 -62.98
C ASN A 116 -4.20 -59.72 -62.32
N GLU A 117 -2.87 -59.54 -62.30
CA GLU A 117 -2.31 -58.32 -61.74
C GLU A 117 -2.74 -57.11 -62.53
N LEU A 118 -2.69 -57.19 -63.87
CA LEU A 118 -3.05 -56.05 -64.69
C LEU A 118 -4.53 -55.68 -64.60
N VAL A 119 -5.41 -56.64 -64.33
CA VAL A 119 -6.83 -56.37 -64.15
C VAL A 119 -7.14 -55.87 -62.75
N LEU A 120 -6.54 -56.48 -61.73
CA LEU A 120 -6.86 -56.09 -60.36
C LEU A 120 -6.16 -54.82 -59.91
N ASN A 121 -5.08 -54.41 -60.60
CA ASN A 121 -4.47 -53.11 -60.37
C ASN A 121 -5.18 -52.01 -61.13
N TYR A 122 -6.06 -52.36 -62.07
CA TYR A 122 -6.93 -51.41 -62.72
C TYR A 122 -8.27 -51.24 -62.01
N GLN A 123 -8.85 -52.33 -61.51
CA GLN A 123 -10.06 -52.21 -60.71
C GLN A 123 -9.83 -51.45 -59.41
N PHE A 124 -8.65 -51.58 -58.80
CA PHE A 124 -8.33 -50.89 -57.56
C PHE A 124 -7.84 -49.46 -57.79
N ARG A 125 -7.72 -49.02 -59.05
CA ARG A 125 -7.29 -47.66 -59.35
C ARG A 125 -8.43 -46.86 -59.97
N THR A 126 -9.09 -47.38 -61.01
CA THR A 126 -10.15 -46.63 -61.66
C THR A 126 -11.43 -46.62 -60.83
N GLN A 127 -11.79 -47.76 -60.24
CA GLN A 127 -13.09 -47.89 -59.60
C GLN A 127 -13.05 -47.46 -58.15
N LEU A 128 -12.22 -48.13 -57.35
CA LEU A 128 -12.13 -47.79 -55.93
C LEU A 128 -11.20 -46.62 -55.71
N ASN A 129 -11.52 -45.78 -54.73
CA ASN A 129 -10.65 -44.68 -54.34
C ASN A 129 -9.61 -45.21 -53.35
N ARG A 130 -8.38 -45.42 -53.84
CA ARG A 130 -7.36 -46.02 -53.00
C ARG A 130 -6.99 -45.13 -51.83
N VAL A 131 -6.86 -43.82 -52.05
CA VAL A 131 -6.44 -42.92 -50.97
C VAL A 131 -7.48 -42.84 -49.87
N LYS A 132 -8.76 -43.02 -50.19
CA LYS A 132 -9.81 -43.06 -49.17
C LYS A 132 -9.97 -44.45 -48.56
N LEU A 133 -9.86 -45.50 -49.38
CA LEU A 133 -9.97 -46.86 -48.84
C LEU A 133 -8.87 -47.16 -47.84
N VAL A 134 -7.61 -46.83 -48.17
CA VAL A 134 -6.51 -47.04 -47.24
C VAL A 134 -6.58 -46.12 -46.04
N ASP A 135 -7.12 -44.92 -46.20
CA ASP A 135 -7.26 -44.00 -45.08
C ASP A 135 -8.38 -44.40 -44.13
N ASP A 136 -9.39 -45.11 -44.61
CA ASP A 136 -10.41 -45.67 -43.73
C ASP A 136 -10.10 -47.10 -43.30
N TYR A 137 -9.06 -47.72 -43.86
CA TYR A 137 -8.61 -49.03 -43.43
C TYR A 137 -7.71 -48.94 -42.21
N VAL A 138 -6.61 -48.19 -42.32
CA VAL A 138 -5.71 -48.01 -41.19
C VAL A 138 -6.40 -47.31 -40.04
N HIS A 139 -7.25 -46.31 -40.34
CA HIS A 139 -7.95 -45.59 -39.29
C HIS A 139 -8.94 -46.49 -38.56
N SER A 140 -9.75 -47.25 -39.30
CA SER A 140 -10.72 -48.13 -38.67
C SER A 140 -10.07 -49.32 -37.98
N VAL A 141 -8.84 -49.66 -38.32
CA VAL A 141 -8.09 -50.67 -37.58
C VAL A 141 -7.45 -50.11 -36.31
N CYS A 142 -6.85 -48.91 -36.36
CA CYS A 142 -6.16 -48.36 -35.21
C CYS A 142 -7.08 -47.64 -34.22
N ASP A 143 -8.31 -47.34 -34.60
CA ASP A 143 -9.25 -46.67 -33.72
C ASP A 143 -10.20 -47.61 -33.00
N ASP A 144 -10.66 -48.66 -33.67
CA ASP A 144 -11.63 -49.60 -33.11
C ASP A 144 -11.02 -50.91 -32.65
N GLY A 145 -9.98 -51.39 -33.34
CA GLY A 145 -9.38 -52.65 -32.98
C GLY A 145 -9.48 -53.68 -34.09
N THR A 146 -10.53 -53.60 -34.89
CA THR A 146 -10.75 -54.52 -36.00
C THR A 146 -11.21 -53.75 -37.23
N GLY A 147 -11.03 -54.37 -38.39
CA GLY A 147 -11.26 -53.71 -39.66
C GLY A 147 -12.18 -54.46 -40.61
N ILE A 148 -13.25 -55.05 -40.08
CA ILE A 148 -14.15 -55.87 -40.90
C ILE A 148 -14.54 -55.11 -42.15
N ALA A 149 -14.24 -55.71 -43.31
CA ALA A 149 -14.51 -55.09 -44.59
C ALA A 149 -15.18 -56.11 -45.50
N ARG A 150 -16.22 -55.68 -46.22
CA ARG A 150 -16.98 -56.56 -47.09
C ARG A 150 -16.48 -56.44 -48.52
N VAL A 151 -16.21 -57.58 -49.14
CA VAL A 151 -15.79 -57.63 -50.54
C VAL A 151 -16.94 -58.25 -51.32
N GLY A 152 -17.65 -57.42 -52.09
CA GLY A 152 -18.78 -57.85 -52.87
C GLY A 152 -18.56 -57.69 -54.36
N TRP A 153 -19.67 -57.60 -55.09
CA TRP A 153 -19.63 -57.42 -56.54
C TRP A 153 -20.84 -56.62 -56.97
N GLU A 154 -20.60 -55.48 -57.61
CA GLU A 154 -21.67 -54.63 -58.11
C GLU A 154 -21.96 -55.00 -59.55
N ARG A 155 -23.22 -55.33 -59.84
CA ARG A 155 -23.62 -55.74 -61.18
C ARG A 155 -24.91 -55.03 -61.55
N LYS A 156 -24.96 -54.54 -62.79
CA LYS A 156 -26.15 -53.85 -63.32
C LYS A 156 -26.39 -54.38 -64.73
N VAL A 157 -27.21 -55.44 -64.82
CA VAL A 157 -27.51 -56.03 -66.12
C VAL A 157 -28.70 -55.29 -66.72
N VAL A 158 -28.57 -54.88 -67.98
CA VAL A 158 -29.62 -54.19 -68.71
C VAL A 158 -29.88 -54.96 -69.99
N LYS A 159 -31.14 -55.36 -70.20
CA LYS A 159 -31.52 -56.13 -71.38
C LYS A 159 -31.83 -55.16 -72.50
N VAL A 160 -30.80 -54.76 -73.24
CA VAL A 160 -30.94 -53.82 -74.34
C VAL A 160 -31.11 -54.61 -75.63
N LYS A 161 -31.77 -54.00 -76.61
CA LYS A 161 -32.02 -54.63 -77.90
C LYS A 161 -31.23 -53.89 -78.98
N GLN A 162 -30.41 -54.62 -79.72
CA GLN A 162 -29.51 -54.04 -80.71
C GLN A 162 -29.76 -54.67 -82.07
N ASP A 163 -29.32 -53.96 -83.11
CA ASP A 163 -29.41 -54.43 -84.50
C ASP A 163 -28.04 -54.97 -84.91
N ALA A 164 -27.97 -56.29 -85.13
CA ALA A 164 -26.73 -56.95 -85.48
C ALA A 164 -26.77 -57.40 -86.93
N PRO A 165 -25.81 -56.98 -87.76
CA PRO A 165 -25.81 -57.43 -89.15
C PRO A 165 -25.68 -58.94 -89.26
N VAL A 166 -26.37 -59.51 -90.24
CA VAL A 166 -26.33 -60.95 -90.52
C VAL A 166 -25.57 -61.14 -91.83
N PHE A 167 -24.65 -62.08 -91.85
CA PHE A 167 -23.71 -62.25 -92.94
C PHE A 167 -23.91 -63.60 -93.63
N GLN A 168 -23.78 -63.60 -94.95
CA GLN A 168 -23.81 -64.82 -95.75
C GLN A 168 -22.39 -65.16 -96.19
N MET A 169 -22.00 -66.42 -95.98
CA MET A 169 -20.60 -66.79 -96.12
C MET A 169 -20.36 -67.55 -97.42
N TYR A 170 -19.27 -67.20 -98.11
CA TYR A 170 -18.84 -67.90 -99.30
C TYR A 170 -17.38 -68.27 -99.13
N PRO A 171 -16.98 -69.50 -99.45
CA PRO A 171 -15.57 -69.89 -99.30
C PRO A 171 -14.65 -68.99 -100.11
N VAL A 172 -13.47 -68.73 -99.56
CA VAL A 172 -12.52 -67.83 -100.20
C VAL A 172 -12.02 -68.42 -101.51
N GLU A 173 -11.97 -67.59 -102.55
CA GLU A 173 -11.48 -68.03 -103.85
C GLU A 173 -10.23 -67.27 -104.24
N THR A 174 -10.29 -65.94 -104.21
CA THR A 174 -9.15 -65.13 -104.59
C THR A 174 -8.11 -65.12 -103.48
N GLU A 175 -6.85 -64.88 -103.88
CA GLU A 175 -5.77 -64.82 -102.89
C GLU A 175 -5.83 -63.53 -102.07
N GLU A 176 -6.44 -62.47 -102.62
CA GLU A 176 -6.54 -61.21 -101.89
C GLU A 176 -7.37 -61.39 -100.63
N GLN A 177 -8.47 -62.15 -100.72
CA GLN A 177 -9.29 -62.41 -99.55
C GLN A 177 -8.50 -63.16 -98.48
N VAL A 178 -7.67 -64.13 -98.90
CA VAL A 178 -6.84 -64.85 -97.95
C VAL A 178 -5.84 -63.91 -97.29
N GLN A 179 -5.28 -62.97 -98.06
CA GLN A 179 -4.35 -62.00 -97.48
C GLN A 179 -5.05 -61.11 -96.45
N ILE A 180 -6.26 -60.66 -96.77
CA ILE A 180 -7.02 -59.84 -95.82
C ILE A 180 -7.32 -60.63 -94.55
N LEU A 181 -7.71 -61.90 -94.72
CA LEU A 181 -7.99 -62.74 -93.57
C LEU A 181 -6.75 -62.92 -92.71
N GLN A 182 -5.59 -63.15 -93.32
CA GLN A 182 -4.37 -63.33 -92.56
C GLN A 182 -3.98 -62.05 -91.83
N GLN A 183 -4.14 -60.90 -92.48
CA GLN A 183 -3.83 -59.63 -91.83
C GLN A 183 -4.77 -59.39 -90.65
N ALA A 184 -6.05 -59.68 -90.81
CA ALA A 184 -7.00 -59.52 -89.72
C ALA A 184 -6.68 -60.47 -88.57
N LEU A 185 -6.30 -61.71 -88.88
CA LEU A 185 -5.91 -62.66 -87.85
C LEU A 185 -4.68 -62.20 -87.08
N ASP A 186 -3.68 -61.67 -87.79
CA ASP A 186 -2.49 -61.16 -87.12
C ASP A 186 -2.80 -59.94 -86.25
N LEU A 187 -3.66 -59.04 -86.74
CA LEU A 187 -4.05 -57.89 -85.94
C LEU A 187 -4.92 -58.26 -84.74
N GLN A 188 -5.67 -59.35 -84.83
CA GLN A 188 -6.48 -59.82 -83.71
C GLN A 188 -5.65 -60.49 -82.63
N ALA A 189 -4.39 -60.77 -82.91
CA ALA A 189 -3.49 -61.38 -81.93
C ALA A 189 -2.41 -60.43 -81.44
N GLN A 190 -2.01 -59.45 -82.26
CA GLN A 190 -0.99 -58.52 -81.81
C GLN A 190 -1.60 -57.31 -81.11
N ASN A 191 -2.61 -56.69 -81.72
CA ASN A 191 -3.26 -55.49 -81.18
C ASN A 191 -4.76 -55.71 -81.14
N PRO A 192 -5.27 -56.36 -80.09
CA PRO A 192 -6.72 -56.64 -80.02
C PRO A 192 -7.58 -55.39 -80.12
N ARG A 193 -7.16 -54.30 -79.46
CA ARG A 193 -7.92 -53.05 -79.57
C ARG A 193 -7.84 -52.47 -80.99
N GLY A 194 -6.67 -52.54 -81.60
CA GLY A 194 -6.55 -52.13 -82.99
C GLY A 194 -7.43 -52.95 -83.90
N TYR A 195 -7.54 -54.25 -83.63
CA TYR A 195 -8.47 -55.10 -84.37
C TYR A 195 -9.91 -54.65 -84.15
N GLU A 196 -10.24 -54.29 -82.91
CA GLU A 196 -11.62 -53.90 -82.62
C GLU A 196 -12.01 -52.62 -83.34
N GLU A 197 -11.12 -51.63 -83.37
CA GLU A 197 -11.51 -50.36 -83.97
C GLU A 197 -10.80 -50.06 -85.28
N GLN A 198 -10.33 -51.09 -85.98
CA GLN A 198 -9.72 -50.89 -87.29
C GLN A 198 -10.34 -51.80 -88.34
N VAL A 199 -10.72 -53.01 -87.94
CA VAL A 199 -11.15 -54.05 -88.87
C VAL A 199 -12.67 -54.03 -89.00
N ALA A 200 -13.16 -54.06 -90.25
CA ALA A 200 -14.58 -53.90 -90.52
C ALA A 200 -15.38 -55.10 -90.00
N ASP A 201 -16.70 -54.98 -90.07
CA ASP A 201 -17.58 -55.98 -89.47
C ASP A 201 -17.58 -57.28 -90.26
N ASP A 202 -17.58 -57.21 -91.58
CA ASP A 202 -17.65 -58.42 -92.40
C ASP A 202 -16.43 -59.30 -92.19
N VAL A 203 -15.24 -58.70 -92.28
CA VAL A 203 -14.01 -59.44 -92.03
C VAL A 203 -13.91 -59.84 -90.56
N LYS A 204 -14.53 -59.07 -89.66
CA LYS A 204 -14.60 -59.48 -88.26
C LYS A 204 -15.37 -60.79 -88.12
N GLU A 205 -16.52 -60.89 -88.79
CA GLU A 205 -17.29 -62.13 -88.75
C GLU A 205 -16.54 -63.26 -89.44
N ALA A 206 -15.79 -62.94 -90.50
CA ALA A 206 -14.96 -63.95 -91.15
C ALA A 206 -13.93 -64.51 -90.18
N VAL A 207 -13.28 -63.64 -89.42
CA VAL A 207 -12.29 -64.07 -88.44
C VAL A 207 -12.95 -64.91 -87.35
N ASN A 208 -14.12 -64.47 -86.89
CA ASN A 208 -14.83 -65.23 -85.86
C ASN A 208 -15.20 -66.62 -86.35
N TYR A 209 -15.69 -66.72 -87.60
CA TYR A 209 -16.01 -68.02 -88.16
C TYR A 209 -14.77 -68.90 -88.30
N PHE A 210 -13.65 -68.31 -88.72
CA PHE A 210 -12.42 -69.09 -88.84
C PHE A 210 -11.98 -69.61 -87.48
N ASN A 211 -12.09 -68.78 -86.44
CA ASN A 211 -11.72 -69.24 -85.11
C ASN A 211 -12.69 -70.29 -84.58
N GLU A 212 -13.96 -70.21 -84.97
CA GLU A 212 -14.95 -71.16 -84.49
C GLU A 212 -14.80 -72.52 -85.17
N THR A 213 -14.92 -72.55 -86.50
CA THR A 213 -14.86 -73.82 -87.23
C THR A 213 -13.44 -74.10 -87.75
N GLY A 214 -12.92 -73.20 -88.59
CA GLY A 214 -11.59 -73.38 -89.13
C GLY A 214 -11.50 -73.25 -90.63
N GLU A 215 -12.60 -72.86 -91.26
CA GLU A 215 -12.66 -72.70 -92.71
C GLU A 215 -12.48 -71.23 -93.08
N ALA A 216 -11.47 -70.94 -93.89
CA ALA A 216 -11.27 -69.58 -94.38
C ALA A 216 -12.45 -69.19 -95.27
N THR A 217 -13.22 -68.19 -94.83
CA THR A 217 -14.48 -67.85 -95.48
C THR A 217 -14.72 -66.36 -95.35
N TYR A 218 -15.01 -65.71 -96.48
CA TYR A 218 -15.38 -64.30 -96.46
C TYR A 218 -16.91 -64.15 -96.38
N ALA A 219 -17.36 -62.93 -96.11
CA ALA A 219 -18.76 -62.68 -95.78
C ALA A 219 -19.32 -61.56 -96.64
N ILE A 220 -20.62 -61.65 -96.93
CA ILE A 220 -21.38 -60.60 -97.61
C ILE A 220 -22.65 -60.34 -96.82
N GLN A 221 -22.94 -59.07 -96.58
CA GLN A 221 -24.09 -58.70 -95.75
C GLN A 221 -25.39 -58.84 -96.53
N THR A 222 -26.29 -59.67 -96.02
CA THR A 222 -27.61 -59.82 -96.61
C THR A 222 -28.58 -58.80 -96.04
N GLY A 223 -28.76 -58.82 -94.72
CA GLY A 223 -29.67 -57.91 -94.06
C GLY A 223 -29.26 -57.60 -92.63
N THR A 224 -30.25 -57.39 -91.76
CA THR A 224 -30.00 -57.08 -90.37
C THR A 224 -31.05 -57.74 -89.49
N THR A 225 -30.61 -58.35 -88.40
CA THR A 225 -31.49 -58.93 -87.39
C THR A 225 -31.55 -58.01 -86.19
N GLU A 226 -32.37 -58.40 -85.20
CA GLU A 226 -32.58 -57.59 -84.00
C GLU A 226 -32.42 -58.51 -82.79
N VAL A 227 -31.25 -58.44 -82.14
CA VAL A 227 -30.97 -59.38 -81.02
C VAL A 227 -31.16 -58.64 -79.68
N GLU A 228 -31.32 -59.38 -78.59
CA GLU A 228 -31.42 -58.77 -77.24
C GLU A 228 -30.00 -58.33 -76.85
N VAL A 229 -29.32 -59.07 -75.98
CA VAL A 229 -27.94 -58.76 -75.51
C VAL A 229 -28.08 -58.26 -74.07
N GLU A 230 -27.73 -59.11 -73.12
CA GLU A 230 -27.80 -58.76 -71.70
C GLU A 230 -26.47 -58.15 -71.22
N LYS A 231 -26.22 -56.91 -71.67
CA LYS A 231 -25.00 -56.22 -71.27
C LYS A 231 -25.02 -55.93 -69.77
N ALA A 232 -23.88 -56.15 -69.12
CA ALA A 232 -23.69 -55.76 -67.73
C ALA A 232 -22.99 -54.40 -67.73
N VAL A 233 -23.77 -53.35 -67.45
CA VAL A 233 -23.23 -51.99 -67.53
C VAL A 233 -22.12 -51.78 -66.50
N VAL A 234 -22.37 -52.21 -65.27
CA VAL A 234 -21.40 -52.07 -64.18
C VAL A 234 -20.97 -53.46 -63.73
N ASN A 235 -19.65 -53.68 -63.71
CA ASN A 235 -19.11 -54.98 -63.35
C ASN A 235 -17.89 -54.82 -62.45
N ARG A 236 -17.97 -53.92 -61.46
CA ARG A 236 -16.82 -53.62 -60.64
C ARG A 236 -16.94 -54.26 -59.26
N PRO A 237 -15.83 -54.69 -58.67
CA PRO A 237 -15.86 -55.13 -57.27
C PRO A 237 -16.04 -53.94 -56.33
N THR A 238 -16.59 -54.20 -55.16
CA THR A 238 -16.80 -53.18 -54.14
C THR A 238 -16.13 -53.63 -52.85
N VAL A 239 -15.21 -52.81 -52.35
CA VAL A 239 -14.61 -53.00 -51.04
C VAL A 239 -14.99 -51.83 -50.18
N GLU A 240 -15.78 -52.10 -49.13
CA GLU A 240 -16.33 -51.05 -48.28
C GLU A 240 -15.98 -51.35 -46.84
N MET A 241 -15.49 -50.33 -46.13
CA MET A 241 -15.17 -50.48 -44.71
C MET A 241 -16.46 -50.47 -43.89
N LEU A 242 -16.70 -51.56 -43.18
CA LEU A 242 -17.93 -51.81 -42.47
C LEU A 242 -17.80 -51.41 -41.01
N ASP A 243 -18.93 -51.07 -40.39
CA ASP A 243 -18.96 -50.64 -39.00
C ASP A 243 -19.13 -51.85 -38.08
N PRO A 244 -18.33 -51.94 -37.01
CA PRO A 244 -18.43 -53.10 -36.11
C PRO A 244 -19.77 -53.24 -35.41
N ASN A 245 -20.64 -52.24 -35.54
CA ASN A 245 -22.00 -52.32 -35.03
C ASN A 245 -22.92 -53.08 -35.98
N ASN A 246 -22.47 -53.32 -37.21
CA ASN A 246 -23.32 -53.93 -38.23
C ASN A 246 -23.03 -55.40 -38.44
N VAL A 247 -21.83 -55.87 -38.12
CA VAL A 247 -21.45 -57.26 -38.32
C VAL A 247 -21.62 -58.02 -37.02
N VAL A 248 -22.42 -59.09 -37.08
CA VAL A 248 -22.56 -59.98 -35.93
C VAL A 248 -21.97 -61.34 -36.30
N ILE A 249 -20.69 -61.53 -36.00
CA ILE A 249 -20.00 -62.77 -36.34
C ILE A 249 -20.28 -63.82 -35.27
N ASP A 250 -20.42 -65.07 -35.70
CA ASP A 250 -20.67 -66.21 -34.83
C ASP A 250 -19.68 -66.23 -33.67
N PRO A 251 -20.14 -66.22 -32.40
CA PRO A 251 -19.21 -66.18 -31.29
C PRO A 251 -18.56 -67.53 -30.99
N SER A 252 -18.95 -68.58 -31.70
CA SER A 252 -18.39 -69.94 -31.46
C SER A 252 -17.05 -70.08 -32.17
N CYS A 253 -16.84 -69.38 -33.29
CA CYS A 253 -15.54 -69.40 -33.97
C CYS A 253 -14.45 -69.16 -32.94
N ASN A 254 -13.93 -70.22 -32.31
CA ASN A 254 -12.80 -70.05 -31.36
C ASN A 254 -11.64 -69.43 -32.10
N GLY A 255 -11.78 -68.18 -32.55
CA GLY A 255 -10.76 -67.59 -33.43
C GLY A 255 -11.02 -68.11 -34.82
N ASP A 256 -10.19 -67.77 -35.79
CA ASP A 256 -10.33 -68.37 -37.16
C ASP A 256 -11.69 -68.05 -37.78
N LEU A 257 -11.82 -66.86 -38.37
CA LEU A 257 -13.08 -66.51 -39.03
C LEU A 257 -13.48 -67.50 -40.11
N ASP A 258 -12.49 -68.17 -40.69
CA ASP A 258 -12.78 -69.20 -41.71
C ASP A 258 -13.73 -70.22 -41.12
N ARG A 259 -13.61 -70.51 -39.81
CA ARG A 259 -14.43 -71.56 -39.19
C ARG A 259 -15.67 -70.95 -38.51
N ALA A 260 -16.16 -69.82 -39.00
CA ALA A 260 -17.39 -69.23 -38.44
C ALA A 260 -18.56 -69.66 -39.31
N LEU A 261 -19.62 -70.16 -38.69
CA LEU A 261 -20.75 -70.70 -39.42
C LEU A 261 -21.76 -69.66 -39.87
N PHE A 262 -21.68 -68.42 -39.37
CA PHE A 262 -22.60 -67.40 -39.85
C PHE A 262 -22.02 -66.02 -39.57
N ALA A 263 -22.55 -65.03 -40.28
CA ALA A 263 -22.20 -63.63 -40.08
C ALA A 263 -23.30 -62.74 -40.64
N VAL A 264 -23.96 -61.97 -39.78
CA VAL A 264 -25.10 -61.16 -40.16
C VAL A 264 -24.64 -59.71 -40.31
N VAL A 265 -24.95 -59.10 -41.45
CA VAL A 265 -24.52 -57.75 -41.77
C VAL A 265 -25.72 -56.91 -42.17
N SER A 266 -25.74 -55.66 -41.71
CA SER A 266 -26.78 -54.69 -42.03
C SER A 266 -26.22 -53.60 -42.94
N PHE A 267 -27.06 -53.13 -43.86
CA PHE A 267 -26.67 -52.04 -44.74
C PHE A 267 -27.91 -51.26 -45.15
N GLU A 268 -27.68 -50.01 -45.57
CA GLU A 268 -28.75 -49.12 -46.01
C GLU A 268 -28.89 -49.22 -47.52
N THR A 269 -29.78 -50.11 -47.95
CA THR A 269 -30.07 -50.28 -49.37
C THR A 269 -31.33 -49.53 -49.75
N CYS A 270 -31.56 -49.40 -51.06
CA CYS A 270 -32.76 -48.78 -51.60
C CYS A 270 -33.32 -49.69 -52.69
N LYS A 271 -34.56 -49.43 -53.08
CA LYS A 271 -35.21 -50.27 -54.08
C LYS A 271 -34.45 -50.25 -55.40
N ALA A 272 -33.83 -49.11 -55.73
CA ALA A 272 -33.06 -49.02 -56.96
C ALA A 272 -31.88 -49.98 -56.93
N ASP A 273 -31.21 -50.11 -55.79
CA ASP A 273 -30.09 -51.03 -55.67
C ASP A 273 -30.55 -52.48 -55.88
N LEU A 274 -31.68 -52.83 -55.28
CA LEU A 274 -32.21 -54.18 -55.46
C LEU A 274 -32.61 -54.44 -56.90
N LEU A 275 -33.19 -53.44 -57.57
CA LEU A 275 -33.61 -53.58 -58.95
C LEU A 275 -32.46 -53.45 -59.93
N LYS A 276 -31.26 -53.08 -59.47
CA LYS A 276 -30.10 -53.06 -60.35
C LYS A 276 -29.83 -54.43 -60.94
N THR A 277 -29.91 -55.46 -60.11
CA THR A 277 -29.78 -56.84 -60.58
C THR A 277 -31.09 -57.59 -60.37
N PRO A 278 -31.89 -57.75 -61.41
CA PRO A 278 -33.18 -58.44 -61.25
C PRO A 278 -33.01 -59.96 -61.16
N ASP A 279 -34.13 -60.68 -61.14
CA ASP A 279 -34.18 -62.14 -61.05
C ASP A 279 -33.23 -62.68 -59.99
N ARG A 280 -33.00 -61.89 -58.94
CA ARG A 280 -32.18 -62.30 -57.82
C ARG A 280 -32.93 -62.07 -56.52
N TYR A 281 -33.73 -61.00 -56.47
CA TYR A 281 -34.51 -60.65 -55.30
C TYR A 281 -35.98 -60.96 -55.58
N HIS A 282 -36.56 -61.83 -54.75
CA HIS A 282 -37.98 -62.12 -54.84
C HIS A 282 -38.75 -61.39 -53.74
N ASN A 283 -40.07 -61.42 -53.85
CA ASN A 283 -40.97 -60.87 -52.83
C ASN A 283 -40.67 -59.39 -52.57
N LEU A 284 -40.52 -58.62 -53.64
CA LEU A 284 -40.20 -57.21 -53.55
C LEU A 284 -41.45 -56.32 -53.46
N ASP A 285 -42.64 -56.92 -53.48
CA ASP A 285 -43.87 -56.15 -53.43
C ASP A 285 -44.53 -56.14 -52.05
N LYS A 286 -44.16 -57.06 -51.16
CA LYS A 286 -44.70 -57.05 -49.80
C LYS A 286 -44.16 -55.90 -48.97
N ILE A 287 -43.01 -55.34 -49.34
CA ILE A 287 -42.37 -54.29 -48.56
C ILE A 287 -43.00 -52.95 -48.89
N ASP A 288 -43.15 -52.10 -47.87
CA ASP A 288 -43.65 -50.76 -48.09
C ASP A 288 -42.57 -49.91 -48.75
N TRP A 289 -42.92 -49.28 -49.88
CA TRP A 289 -41.96 -48.50 -50.64
C TRP A 289 -42.32 -47.03 -50.76
N GLU A 290 -43.55 -46.64 -50.44
CA GLU A 290 -43.98 -45.25 -50.49
C GLU A 290 -44.63 -44.92 -49.14
N SER A 291 -43.79 -44.60 -48.15
CA SER A 291 -44.29 -44.19 -46.84
C SER A 291 -43.52 -42.98 -46.33
N SER A 292 -42.37 -42.70 -46.95
CA SER A 292 -41.50 -41.59 -46.55
C SER A 292 -41.15 -41.67 -45.07
N SER A 293 -41.04 -42.90 -44.55
CA SER A 293 -40.79 -43.11 -43.13
C SER A 293 -39.29 -43.28 -42.90
N PRO A 294 -38.66 -42.44 -42.08
CA PRO A 294 -37.23 -42.63 -41.78
C PRO A 294 -37.00 -43.98 -41.11
N LEU A 295 -35.82 -44.55 -41.35
CA LEU A 295 -35.47 -45.83 -40.77
C LEU A 295 -35.38 -45.74 -39.25
N THR A 296 -35.93 -46.74 -38.55
CA THR A 296 -35.97 -46.74 -37.10
C THR A 296 -35.37 -48.00 -36.49
N ASP A 297 -34.42 -48.63 -37.16
CA ASP A 297 -33.81 -49.84 -36.62
C ASP A 297 -32.95 -49.49 -35.42
N PRO A 298 -33.18 -50.10 -34.25
CA PRO A 298 -32.41 -49.75 -33.06
C PRO A 298 -31.04 -50.40 -32.99
N ASP A 299 -30.68 -51.27 -33.94
CA ASP A 299 -29.40 -51.96 -33.91
C ASP A 299 -28.40 -51.47 -34.93
N HIS A 300 -28.85 -50.95 -36.07
CA HIS A 300 -27.94 -50.45 -37.09
C HIS A 300 -27.55 -49.01 -36.78
N GLU A 301 -26.25 -48.77 -36.60
CA GLU A 301 -25.71 -47.45 -36.33
C GLU A 301 -25.02 -46.94 -37.59
N SER A 302 -25.49 -45.81 -38.10
CA SER A 302 -24.92 -45.22 -39.31
C SER A 302 -24.77 -43.72 -39.10
N LYS A 303 -24.36 -43.01 -40.14
CA LYS A 303 -24.21 -41.57 -40.09
C LYS A 303 -25.36 -40.79 -40.71
N THR A 304 -26.33 -41.46 -41.31
CA THR A 304 -27.50 -40.80 -41.89
C THR A 304 -28.31 -40.13 -40.79
N PRO A 305 -28.65 -38.85 -40.93
CA PRO A 305 -29.50 -38.20 -39.93
C PRO A 305 -30.83 -38.92 -39.76
N GLY A 306 -31.34 -38.96 -38.53
CA GLY A 306 -32.55 -39.70 -38.24
C GLY A 306 -33.79 -39.15 -38.92
N ASP A 307 -33.75 -37.89 -39.34
CA ASP A 307 -34.89 -37.23 -39.96
C ASP A 307 -34.68 -37.01 -41.46
N PHE A 308 -33.89 -37.88 -42.09
CA PHE A 308 -33.66 -37.82 -43.53
C PHE A 308 -34.26 -39.05 -44.18
N GLN A 309 -35.06 -38.83 -45.23
CA GLN A 309 -35.64 -39.93 -45.99
C GLN A 309 -36.09 -39.36 -47.34
N PHE A 310 -35.75 -40.06 -48.42
CA PHE A 310 -36.09 -39.58 -49.74
C PHE A 310 -37.60 -39.63 -49.97
N ARG A 311 -38.14 -38.55 -50.53
CA ARG A 311 -39.59 -38.44 -50.67
C ARG A 311 -40.13 -39.33 -51.79
N ASP A 312 -39.32 -39.60 -52.80
CA ASP A 312 -39.79 -40.36 -53.95
C ASP A 312 -39.87 -41.84 -53.62
N ALA A 313 -40.14 -42.66 -54.64
CA ALA A 313 -40.39 -44.09 -54.45
C ALA A 313 -39.12 -44.93 -54.52
N MET A 314 -38.41 -44.93 -55.66
CA MET A 314 -37.23 -45.78 -55.80
C MET A 314 -35.94 -45.09 -55.36
N ARG A 315 -35.95 -44.44 -54.20
CA ARG A 315 -34.73 -43.97 -53.57
C ARG A 315 -34.88 -44.09 -52.05
N LYS A 316 -36.00 -44.66 -51.62
CA LYS A 316 -36.30 -44.77 -50.19
C LYS A 316 -35.24 -45.63 -49.50
N ARG A 317 -34.76 -45.16 -48.36
CA ARG A 317 -33.72 -45.88 -47.63
C ARG A 317 -34.35 -46.89 -46.71
N VAL A 318 -33.94 -48.15 -46.84
CA VAL A 318 -34.40 -49.22 -45.98
C VAL A 318 -33.18 -49.93 -45.42
N ILE A 319 -33.38 -50.64 -44.32
CA ILE A 319 -32.30 -51.28 -43.58
C ILE A 319 -32.44 -52.78 -43.82
N ALA A 320 -31.59 -53.32 -44.69
CA ALA A 320 -31.65 -54.73 -45.04
C ALA A 320 -30.50 -55.49 -44.39
N TYR A 321 -30.82 -56.60 -43.73
CA TYR A 321 -29.82 -57.47 -43.16
C TYR A 321 -29.37 -58.50 -44.19
N GLU A 322 -28.32 -59.24 -43.85
CA GLU A 322 -27.78 -60.25 -44.76
C GLU A 322 -27.12 -61.35 -43.94
N TYR A 323 -27.62 -62.57 -44.05
CA TYR A 323 -27.11 -63.71 -43.29
C TYR A 323 -26.13 -64.47 -44.17
N TRP A 324 -24.84 -64.20 -44.00
CA TRP A 324 -23.80 -64.94 -44.70
C TRP A 324 -23.34 -66.07 -43.80
N GLY A 325 -23.63 -67.30 -44.17
CA GLY A 325 -23.29 -68.42 -43.32
C GLY A 325 -23.40 -69.75 -44.01
N PHE A 326 -23.25 -70.81 -43.23
CA PHE A 326 -23.28 -72.18 -43.71
C PHE A 326 -24.52 -72.89 -43.17
N TRP A 327 -25.24 -73.58 -44.06
CA TRP A 327 -26.42 -74.32 -43.67
C TRP A 327 -26.57 -75.53 -44.59
N ASP A 328 -26.84 -76.69 -44.00
CA ASP A 328 -26.99 -77.91 -44.79
C ASP A 328 -28.30 -77.86 -45.57
N THR A 329 -28.20 -77.95 -46.90
CA THR A 329 -29.38 -77.78 -47.74
C THR A 329 -30.02 -79.12 -48.10
N ASN A 330 -29.22 -80.07 -48.55
CA ASN A 330 -29.73 -81.37 -48.97
C ASN A 330 -30.15 -82.25 -47.80
N GLY A 331 -29.83 -81.87 -46.57
CA GLY A 331 -30.18 -82.67 -45.41
C GLY A 331 -29.27 -83.84 -45.16
N ASP A 332 -28.19 -84.00 -45.93
CA ASP A 332 -27.28 -85.12 -45.75
C ASP A 332 -26.19 -84.84 -44.72
N GLY A 333 -26.15 -83.63 -44.15
CA GLY A 333 -25.17 -83.29 -43.15
C GLY A 333 -23.97 -82.54 -43.65
N GLU A 334 -23.86 -82.30 -44.96
CA GLU A 334 -22.76 -81.53 -45.53
C GLU A 334 -23.16 -80.07 -45.57
N LEU A 335 -22.51 -79.25 -44.75
CA LEU A 335 -22.81 -77.83 -44.71
C LEU A 335 -22.40 -77.17 -46.02
N LYS A 336 -23.35 -76.50 -46.67
CA LYS A 336 -23.10 -75.82 -47.92
C LYS A 336 -23.33 -74.32 -47.74
N PRO A 337 -22.43 -73.47 -48.22
CA PRO A 337 -22.60 -72.02 -48.02
C PRO A 337 -23.92 -71.49 -48.56
N ILE A 338 -24.56 -70.61 -47.80
CA ILE A 338 -25.82 -69.98 -48.20
C ILE A 338 -25.75 -68.50 -47.90
N VAL A 339 -26.65 -67.76 -48.54
CA VAL A 339 -26.83 -66.33 -48.27
C VAL A 339 -28.32 -66.06 -48.12
N ALA A 340 -28.65 -64.98 -47.42
CA ALA A 340 -30.05 -64.64 -47.19
C ALA A 340 -30.15 -63.16 -46.86
N THR A 341 -31.15 -62.51 -47.42
CA THR A 341 -31.41 -61.10 -47.20
C THR A 341 -32.88 -60.91 -46.85
N TRP A 342 -33.16 -60.13 -45.82
CA TRP A 342 -34.54 -59.86 -45.42
C TRP A 342 -34.64 -58.41 -45.00
N ILE A 343 -35.68 -57.73 -45.47
CA ILE A 343 -35.98 -56.36 -45.04
C ILE A 343 -37.20 -56.41 -44.14
N GLY A 344 -37.05 -55.95 -42.90
CA GLY A 344 -38.15 -56.03 -41.96
C GLY A 344 -38.48 -57.47 -41.60
N THR A 345 -39.60 -57.97 -42.09
CA THR A 345 -40.02 -59.33 -41.82
C THR A 345 -40.18 -60.19 -43.06
N THR A 346 -39.86 -59.68 -44.25
CA THR A 346 -40.04 -60.41 -45.49
C THR A 346 -38.69 -60.83 -46.06
N LEU A 347 -38.54 -62.11 -46.35
CA LEU A 347 -37.32 -62.62 -46.98
C LEU A 347 -37.34 -62.29 -48.47
N ILE A 348 -36.23 -61.75 -48.97
CA ILE A 348 -36.14 -61.32 -50.36
C ILE A 348 -35.03 -62.02 -51.13
N ARG A 349 -34.18 -62.79 -50.46
CA ARG A 349 -33.10 -63.45 -51.18
C ARG A 349 -32.66 -64.70 -50.42
N MET A 350 -32.41 -65.77 -51.16
CA MET A 350 -31.84 -66.99 -50.58
C MET A 350 -31.20 -67.79 -51.70
N GLU A 351 -29.87 -67.86 -51.71
CA GLU A 351 -29.13 -68.60 -52.73
C GLU A 351 -27.94 -69.29 -52.07
N GLU A 352 -27.13 -69.92 -52.89
CA GLU A 352 -25.81 -70.40 -52.45
C GLU A 352 -24.81 -69.27 -52.62
N ASN A 353 -23.67 -69.41 -51.97
CA ASN A 353 -22.64 -68.37 -52.01
C ASN A 353 -22.14 -68.18 -53.44
N PRO A 354 -22.45 -67.05 -54.08
CA PRO A 354 -22.05 -66.87 -55.48
C PRO A 354 -20.55 -66.75 -55.69
N TYR A 355 -19.83 -66.28 -54.68
CA TYR A 355 -18.40 -66.04 -54.85
C TYR A 355 -17.64 -67.37 -54.95
N PRO A 356 -16.62 -67.44 -55.80
CA PRO A 356 -15.91 -68.71 -56.03
C PRO A 356 -15.24 -69.27 -54.80
N ASP A 357 -14.75 -68.44 -53.88
CA ASP A 357 -13.98 -68.93 -52.75
C ASP A 357 -14.81 -69.71 -51.73
N GLY A 358 -16.13 -69.60 -51.78
CA GLY A 358 -16.99 -70.33 -50.87
C GLY A 358 -16.75 -70.01 -49.41
N LYS A 359 -16.60 -68.72 -49.11
CA LYS A 359 -16.35 -68.27 -47.75
C LYS A 359 -17.10 -66.98 -47.51
N LEU A 360 -17.18 -66.59 -46.24
CA LEU A 360 -17.84 -65.34 -45.90
C LEU A 360 -17.10 -64.17 -46.53
N PRO A 361 -17.81 -63.22 -47.15
CA PRO A 361 -17.13 -62.10 -47.80
C PRO A 361 -16.75 -61.00 -46.83
N PHE A 362 -16.09 -61.35 -45.74
CA PHE A 362 -15.56 -60.37 -44.78
C PHE A 362 -14.10 -60.67 -44.52
N VAL A 363 -13.32 -59.61 -44.34
CA VAL A 363 -11.91 -59.71 -44.02
C VAL A 363 -11.67 -58.89 -42.76
N LEU A 364 -11.20 -59.55 -41.71
CA LEU A 364 -11.02 -58.92 -40.40
C LEU A 364 -9.55 -58.99 -40.02
N VAL A 365 -8.95 -57.85 -39.70
CA VAL A 365 -7.56 -57.80 -39.27
C VAL A 365 -7.48 -57.07 -37.92
N PRO A 366 -6.81 -57.66 -36.93
CA PRO A 366 -6.66 -56.97 -35.64
C PRO A 366 -5.53 -55.96 -35.66
N TYR A 367 -5.61 -54.99 -34.76
CA TYR A 367 -4.53 -54.04 -34.56
C TYR A 367 -3.46 -54.64 -33.66
N MET A 368 -3.82 -54.92 -32.41
CA MET A 368 -2.97 -55.72 -31.53
C MET A 368 -3.69 -57.03 -31.24
N PRO A 369 -3.18 -58.16 -31.72
CA PRO A 369 -3.95 -59.40 -31.64
C PRO A 369 -4.17 -59.85 -30.20
N ARG A 370 -5.33 -60.45 -29.97
CA ARG A 370 -5.64 -61.11 -28.71
C ARG A 370 -5.35 -62.60 -28.89
N LYS A 371 -4.64 -63.19 -27.94
CA LYS A 371 -4.23 -64.59 -28.04
C LYS A 371 -5.45 -65.49 -28.23
N ARG A 372 -5.46 -66.22 -29.34
CA ARG A 372 -6.52 -67.19 -29.66
C ARG A 372 -7.90 -66.54 -29.59
N GLU A 373 -8.02 -65.38 -30.25
CA GLU A 373 -9.29 -64.65 -30.25
C GLU A 373 -9.45 -63.97 -31.60
N LEU A 374 -10.67 -64.02 -32.14
CA LEU A 374 -10.93 -63.48 -33.47
C LEU A 374 -10.75 -61.96 -33.49
N TYR A 375 -11.38 -61.26 -32.55
CA TYR A 375 -11.26 -59.81 -32.51
C TYR A 375 -9.92 -59.40 -31.93
N GLY A 376 -9.58 -58.12 -32.10
CA GLY A 376 -8.32 -57.59 -31.65
C GLY A 376 -8.52 -56.48 -30.65
N GLU A 377 -7.45 -56.16 -29.94
CA GLU A 377 -7.45 -55.14 -28.89
C GLU A 377 -6.80 -53.87 -29.44
N ALA A 378 -7.47 -52.74 -29.25
CA ALA A 378 -7.01 -51.48 -29.82
C ALA A 378 -5.88 -50.90 -28.97
N ASP A 379 -5.53 -49.65 -29.25
CA ASP A 379 -4.39 -48.99 -28.62
C ASP A 379 -4.74 -48.38 -27.27
N ALA A 380 -5.97 -47.86 -27.10
CA ALA A 380 -6.35 -47.15 -25.90
C ALA A 380 -6.58 -48.07 -24.70
N GLU A 381 -6.40 -49.37 -24.87
CA GLU A 381 -6.53 -50.29 -23.74
C GLU A 381 -5.38 -50.15 -22.75
N LEU A 382 -4.15 -50.14 -23.23
CA LEU A 382 -2.99 -49.93 -22.37
C LEU A 382 -2.86 -48.46 -21.95
N LEU A 383 -3.30 -47.54 -22.80
CA LEU A 383 -3.24 -46.12 -22.51
C LEU A 383 -4.29 -45.68 -21.51
N GLY A 384 -5.04 -46.61 -20.92
CA GLY A 384 -6.01 -46.24 -19.92
C GLY A 384 -5.34 -45.75 -18.66
N ASP A 385 -5.98 -44.76 -18.03
CA ASP A 385 -5.58 -44.14 -16.76
C ASP A 385 -4.34 -43.26 -16.92
N ASN A 386 -3.61 -43.40 -18.01
CA ASN A 386 -2.55 -42.44 -18.31
C ASN A 386 -3.12 -41.12 -18.76
N GLN A 387 -4.11 -41.16 -19.66
CA GLN A 387 -4.83 -39.95 -20.02
C GLN A 387 -5.52 -39.34 -18.81
N LYS A 388 -6.05 -40.19 -17.92
CA LYS A 388 -6.73 -39.68 -16.74
C LYS A 388 -5.77 -38.90 -15.85
N ILE A 389 -4.62 -39.49 -15.53
CA ILE A 389 -3.66 -38.81 -14.65
C ILE A 389 -3.12 -37.55 -15.32
N LEU A 390 -2.76 -37.64 -16.60
CA LEU A 390 -2.21 -36.47 -17.28
C LEU A 390 -3.24 -35.35 -17.38
N GLY A 391 -4.50 -35.67 -17.68
CA GLY A 391 -5.53 -34.65 -17.69
C GLY A 391 -5.82 -34.06 -16.34
N ALA A 392 -5.82 -34.88 -15.29
CA ALA A 392 -6.05 -34.41 -13.94
C ALA A 392 -4.91 -33.54 -13.42
N THR A 393 -3.70 -33.71 -13.93
CA THR A 393 -2.60 -32.82 -13.59
C THR A 393 -2.60 -31.54 -14.42
N MET A 394 -2.92 -31.63 -15.71
CA MET A 394 -3.02 -30.41 -16.51
C MET A 394 -4.16 -29.53 -16.03
N ARG A 395 -5.29 -30.14 -15.65
CA ARG A 395 -6.40 -29.37 -15.10
C ARG A 395 -6.04 -28.74 -13.77
N GLY A 396 -5.20 -29.41 -12.99
CA GLY A 396 -4.73 -28.84 -11.74
C GLY A 396 -3.84 -27.63 -11.97
N MET A 397 -2.93 -27.73 -12.95
CA MET A 397 -2.08 -26.60 -13.28
C MET A 397 -2.90 -25.42 -13.80
N ILE A 398 -3.87 -25.69 -14.66
CA ILE A 398 -4.73 -24.62 -15.17
C ILE A 398 -5.57 -24.02 -14.06
N ASP A 399 -6.03 -24.87 -13.13
CA ASP A 399 -6.76 -24.37 -11.97
C ASP A 399 -5.88 -23.44 -11.13
N LEU A 400 -4.63 -23.83 -10.94
CA LEU A 400 -3.69 -23.04 -10.15
C LEU A 400 -3.45 -21.68 -10.80
N LEU A 401 -3.31 -21.66 -12.13
CA LEU A 401 -3.10 -20.40 -12.82
C LEU A 401 -4.35 -19.52 -12.88
N GLY A 402 -5.52 -20.09 -13.15
CA GLY A 402 -6.71 -19.31 -13.39
C GLY A 402 -7.46 -18.87 -12.15
N ARG A 403 -7.36 -19.64 -11.08
CA ARG A 403 -8.06 -19.30 -9.83
C ARG A 403 -7.20 -18.39 -8.96
N SER A 404 -6.25 -17.69 -9.58
CA SER A 404 -5.36 -16.79 -8.88
C SER A 404 -5.72 -15.34 -9.21
N ALA A 405 -4.96 -14.41 -8.67
CA ALA A 405 -5.15 -12.99 -8.90
C ALA A 405 -3.94 -12.47 -9.66
N ASN A 406 -4.14 -12.06 -10.91
CA ASN A 406 -3.09 -11.53 -11.75
C ASN A 406 -3.38 -10.05 -12.01
N GLY A 407 -2.42 -9.20 -11.68
CA GLY A 407 -2.59 -7.77 -11.85
C GLY A 407 -3.66 -7.18 -10.93
N GLN A 408 -3.64 -7.58 -9.66
CA GLN A 408 -4.56 -7.08 -8.65
C GLN A 408 -3.74 -6.44 -7.53
N ARG A 409 -3.45 -5.14 -7.69
CA ARG A 409 -2.65 -4.43 -6.70
C ARG A 409 -3.43 -4.29 -5.40
N ALA A 410 -2.75 -4.53 -4.28
CA ALA A 410 -3.35 -4.52 -2.95
C ALA A 410 -2.68 -3.44 -2.12
N TYR A 411 -3.30 -2.28 -2.04
CA TYR A 411 -2.76 -1.18 -1.26
C TYR A 411 -2.99 -1.41 0.23
N PRO A 412 -1.98 -1.20 1.06
CA PRO A 412 -2.22 -1.26 2.52
C PRO A 412 -3.11 -0.12 2.96
N LYS A 413 -3.92 -0.38 3.99
CA LYS A 413 -4.93 0.57 4.46
C LYS A 413 -4.25 1.58 5.37
N GLY A 414 -3.84 2.70 4.76
CA GLY A 414 -3.27 3.79 5.53
C GLY A 414 -2.02 4.39 4.93
N MET A 415 -1.39 3.67 4.00
CA MET A 415 -0.13 4.11 3.40
C MET A 415 -0.34 5.36 2.54
N LEU A 416 -1.14 5.24 1.50
CA LEU A 416 -1.37 6.33 0.56
C LEU A 416 -2.67 7.05 0.92
N ASP A 417 -2.56 8.31 1.29
CA ASP A 417 -3.73 9.09 1.66
C ASP A 417 -4.54 9.47 0.43
N THR A 418 -5.57 10.29 0.63
CA THR A 418 -6.37 10.76 -0.48
C THR A 418 -5.55 11.71 -1.34
N LEU A 419 -5.75 11.57 -2.65
CA LEU A 419 -5.05 12.29 -3.72
C LEU A 419 -3.62 11.81 -3.88
N ASN A 420 -3.07 11.14 -2.87
CA ASN A 420 -1.77 10.51 -3.04
C ASN A 420 -1.89 9.11 -3.60
N ARG A 421 -3.10 8.57 -3.61
CA ARG A 421 -3.43 7.38 -4.38
C ARG A 421 -4.01 7.72 -5.75
N ARG A 422 -4.66 8.88 -5.87
CA ARG A 422 -5.07 9.35 -7.19
C ARG A 422 -3.87 9.74 -8.05
N ARG A 423 -2.82 10.30 -7.43
CA ARG A 423 -1.58 10.49 -8.17
C ARG A 423 -0.97 9.16 -8.58
N PHE A 424 -1.04 8.16 -7.70
CA PHE A 424 -0.46 6.86 -8.01
C PHE A 424 -1.18 6.19 -9.18
N GLU A 425 -2.51 6.22 -9.17
CA GLU A 425 -3.30 5.57 -10.22
C GLU A 425 -3.40 6.42 -11.48
N ASP A 426 -2.55 7.43 -11.63
CA ASP A 426 -2.51 8.23 -12.83
C ASP A 426 -1.13 8.33 -13.45
N GLY A 427 -0.10 7.79 -12.80
CA GLY A 427 1.23 7.81 -13.36
C GLY A 427 2.15 8.82 -12.68
N LEU A 428 1.57 9.89 -12.14
CA LEU A 428 2.35 10.94 -11.52
C LEU A 428 3.08 10.42 -10.27
N ASP A 429 4.19 11.07 -9.95
CA ASP A 429 4.94 10.71 -8.75
C ASP A 429 4.10 10.97 -7.51
N TYR A 430 4.18 10.06 -6.55
CA TYR A 430 3.37 10.13 -5.33
C TYR A 430 4.27 10.29 -4.12
N GLU A 431 3.64 10.59 -2.98
CA GLU A 431 4.32 10.67 -1.71
C GLU A 431 3.60 9.77 -0.72
N TYR A 432 4.34 8.88 -0.07
CA TYR A 432 3.78 7.87 0.81
C TYR A 432 4.24 8.11 2.24
N ASN A 433 3.43 7.65 3.19
CA ASN A 433 3.76 7.76 4.60
C ASN A 433 4.79 6.71 4.97
N PRO A 434 6.00 7.10 5.40
CA PRO A 434 7.03 6.11 5.71
C PRO A 434 6.66 5.18 6.86
N GLN A 435 5.87 5.67 7.81
CA GLN A 435 5.62 4.93 9.04
C GLN A 435 4.78 3.67 8.81
N THR A 436 4.15 3.57 7.64
CA THR A 436 3.30 2.43 7.34
C THR A 436 4.08 1.24 6.80
N GLY A 437 5.14 1.48 6.02
CA GLY A 437 5.91 0.39 5.45
C GLY A 437 6.83 0.83 4.34
N ASN A 438 6.91 0.02 3.29
CA ASN A 438 7.75 0.31 2.14
C ASN A 438 6.94 0.07 0.87
N PRO A 439 6.87 1.03 -0.05
CA PRO A 439 6.07 0.83 -1.25
C PRO A 439 6.78 -0.02 -2.29
N SER A 440 7.42 -1.10 -1.82
CA SER A 440 7.94 -2.15 -2.68
C SER A 440 7.70 -3.54 -2.12
N GLN A 441 7.55 -3.68 -0.80
CA GLN A 441 7.10 -4.91 -0.18
C GLN A 441 5.64 -4.86 0.23
N ALA A 442 5.13 -3.69 0.59
CA ALA A 442 3.69 -3.46 0.61
C ALA A 442 3.27 -3.07 -0.80
N ILE A 443 2.02 -2.64 -0.98
CA ILE A 443 1.46 -2.40 -2.31
C ILE A 443 1.78 -3.59 -3.21
N ILE A 444 1.25 -4.75 -2.87
CA ILE A 444 1.60 -6.00 -3.53
C ILE A 444 0.98 -6.03 -4.92
N GLU A 445 1.77 -6.43 -5.91
CA GLU A 445 1.29 -6.70 -7.26
C GLU A 445 1.21 -8.21 -7.42
N HIS A 446 0.01 -8.75 -7.20
CA HIS A 446 -0.18 -10.20 -7.27
C HIS A 446 0.13 -10.71 -8.66
N LYS A 447 0.85 -11.83 -8.73
CA LYS A 447 1.28 -12.41 -9.99
C LYS A 447 0.79 -13.85 -10.08
N PHE A 448 1.13 -14.49 -11.19
CA PHE A 448 0.81 -15.90 -11.35
C PHE A 448 1.55 -16.73 -10.31
N PRO A 449 0.93 -17.75 -9.74
CA PRO A 449 1.66 -18.65 -8.83
C PRO A 449 2.71 -19.43 -9.58
N GLU A 450 3.63 -20.01 -8.83
CA GLU A 450 4.72 -20.81 -9.39
C GLU A 450 4.24 -22.25 -9.50
N LEU A 451 4.31 -22.80 -10.72
CA LEU A 451 3.91 -24.17 -10.98
C LEU A 451 4.73 -25.15 -10.16
N PRO A 452 4.10 -26.03 -9.41
CA PRO A 452 4.86 -27.04 -8.65
C PRO A 452 5.64 -27.95 -9.58
N GLN A 453 6.84 -28.34 -9.15
CA GLN A 453 7.63 -29.26 -9.94
C GLN A 453 6.97 -30.64 -10.02
N SER A 454 6.11 -30.95 -9.05
CA SER A 454 5.43 -32.24 -9.04
C SER A 454 4.53 -32.43 -10.25
N ALA A 455 3.79 -31.39 -10.66
CA ALA A 455 2.91 -31.53 -11.81
C ALA A 455 3.70 -31.85 -13.08
N ILE A 456 4.79 -31.11 -13.31
CA ILE A 456 5.61 -31.34 -14.49
C ILE A 456 6.26 -32.72 -14.46
N VAL A 457 6.81 -33.12 -13.32
CA VAL A 457 7.45 -34.43 -13.23
C VAL A 457 6.45 -35.57 -13.38
N MET A 458 5.24 -35.43 -12.85
CA MET A 458 4.20 -36.44 -13.05
C MET A 458 3.74 -36.51 -14.50
N SER A 459 3.58 -35.37 -15.16
CA SER A 459 3.24 -35.39 -16.57
C SER A 459 4.32 -36.08 -17.39
N GLN A 460 5.59 -35.78 -17.11
CA GLN A 460 6.68 -36.44 -17.81
C GLN A 460 6.68 -37.94 -17.55
N MET A 461 6.46 -38.34 -16.30
CA MET A 461 6.44 -39.76 -15.97
C MET A 461 5.31 -40.49 -16.69
N GLN A 462 4.12 -39.90 -16.74
CA GLN A 462 3.00 -40.53 -17.42
C GLN A 462 3.24 -40.60 -18.93
N ASN A 463 3.80 -39.52 -19.51
CA ASN A 463 4.12 -39.57 -20.94
C ASN A 463 5.13 -40.66 -21.25
N GLN A 464 6.19 -40.78 -20.44
CA GLN A 464 7.18 -41.82 -20.67
C GLN A 464 6.60 -43.21 -20.49
N GLU A 465 5.75 -43.41 -19.49
CA GLU A 465 5.15 -44.72 -19.29
C GLU A 465 4.23 -45.09 -20.45
N ALA A 466 3.44 -44.13 -20.93
CA ALA A 466 2.58 -44.41 -22.08
C ALA A 466 3.39 -44.70 -23.33
N GLU A 467 4.46 -43.93 -23.57
CA GLU A 467 5.33 -44.16 -24.70
C GLU A 467 6.08 -45.48 -24.63
N ALA A 468 6.38 -45.97 -23.42
CA ALA A 468 6.96 -47.30 -23.26
C ALA A 468 5.94 -48.40 -23.47
N LEU A 469 4.71 -48.20 -22.99
CA LEU A 469 3.66 -49.19 -23.20
C LEU A 469 3.37 -49.36 -24.69
N THR A 470 3.20 -48.26 -25.40
CA THR A 470 2.99 -48.28 -26.84
C THR A 470 4.16 -47.57 -27.51
N GLY A 471 4.97 -48.33 -28.25
CA GLY A 471 6.21 -47.80 -28.79
C GLY A 471 6.02 -46.79 -29.89
N VAL A 472 5.29 -45.71 -29.59
CA VAL A 472 5.08 -44.64 -30.54
C VAL A 472 5.53 -43.31 -29.93
N LYS A 473 6.73 -42.88 -30.28
CA LYS A 473 7.26 -41.63 -29.74
C LYS A 473 6.99 -40.48 -30.71
N ALA A 474 6.59 -39.33 -30.18
CA ALA A 474 6.37 -38.17 -31.02
C ALA A 474 7.67 -37.74 -31.69
N PHE A 475 7.58 -37.46 -32.99
CA PHE A 475 8.73 -37.10 -33.81
C PHE A 475 9.84 -38.15 -33.72
N ALA A 483 8.50 -35.46 -52.36
CA ALA A 483 8.78 -36.89 -52.23
C ALA A 483 7.58 -37.72 -52.67
N TYR A 484 6.75 -37.15 -53.53
CA TYR A 484 5.56 -37.83 -54.04
C TYR A 484 5.81 -38.22 -55.49
N GLY A 485 5.52 -39.47 -55.82
CA GLY A 485 5.59 -39.97 -57.17
C GLY A 485 6.57 -41.11 -57.26
N ASP A 486 7.02 -41.37 -58.49
CA ASP A 486 8.07 -42.36 -58.74
C ASP A 486 9.43 -41.71 -58.50
N VAL A 487 9.66 -41.35 -57.24
CA VAL A 487 10.84 -40.59 -56.84
C VAL A 487 11.97 -41.57 -56.53
N ALA A 488 13.21 -41.08 -56.53
CA ALA A 488 14.38 -41.92 -56.27
C ALA A 488 14.39 -42.45 -54.85
N ALA A 489 15.40 -43.27 -54.52
CA ALA A 489 15.49 -43.91 -53.22
C ALA A 489 15.93 -42.96 -52.11
N GLY A 490 16.86 -42.05 -52.37
CA GLY A 490 17.36 -41.19 -51.31
C GLY A 490 16.29 -40.26 -50.76
N ILE A 491 15.54 -39.61 -51.65
CA ILE A 491 14.50 -38.69 -51.22
C ILE A 491 13.39 -39.45 -50.49
N ARG A 492 13.00 -40.61 -51.02
CA ARG A 492 11.97 -41.44 -50.40
C ARG A 492 12.41 -42.01 -49.06
N GLY A 493 13.70 -42.17 -48.82
CA GLY A 493 14.18 -42.71 -47.56
C GLY A 493 14.55 -41.62 -46.58
N ALA A 494 14.63 -40.38 -47.05
CA ALA A 494 14.94 -39.25 -46.18
C ALA A 494 13.77 -38.84 -45.30
N LEU A 495 12.57 -39.33 -45.60
CA LEU A 495 11.38 -38.94 -44.85
C LEU A 495 11.46 -39.40 -43.39
N ASP A 496 11.59 -38.46 -42.48
CA ASP A 496 11.57 -38.76 -41.04
C ASP A 496 10.15 -38.68 -40.51
N ALA A 497 10.01 -38.65 -39.19
CA ALA A 497 8.69 -38.52 -38.58
C ALA A 497 8.10 -37.15 -38.93
N ALA A 498 6.77 -37.14 -39.09
CA ALA A 498 5.93 -36.00 -39.45
C ALA A 498 6.11 -35.61 -40.91
N SER A 499 7.16 -36.11 -41.56
CA SER A 499 7.23 -35.98 -43.01
C SER A 499 6.30 -36.99 -43.66
N LYS A 500 6.23 -38.20 -43.12
CA LYS A 500 5.24 -39.18 -43.54
C LYS A 500 3.83 -38.77 -43.16
N ARG A 501 3.67 -37.84 -42.22
CA ARG A 501 2.37 -37.29 -41.86
C ARG A 501 1.96 -36.14 -42.77
N GLU A 502 2.90 -35.30 -43.20
CA GLU A 502 2.63 -34.32 -44.24
C GLU A 502 2.37 -34.97 -45.60
N MET A 503 3.08 -36.04 -45.93
CA MET A 503 2.80 -36.77 -47.16
C MET A 503 1.40 -37.39 -47.12
N ALA A 504 0.93 -37.76 -45.93
CA ALA A 504 -0.41 -38.34 -45.82
C ALA A 504 -1.50 -37.35 -46.22
N ILE A 505 -1.24 -36.05 -46.09
CA ILE A 505 -2.20 -35.06 -46.56
C ILE A 505 -1.91 -34.67 -48.00
N LEU A 506 -0.63 -34.61 -48.37
CA LEU A 506 -0.28 -34.27 -49.74
C LEU A 506 -0.83 -35.31 -50.70
N ARG A 507 -0.91 -36.58 -50.30
CA ARG A 507 -1.46 -37.61 -51.17
C ARG A 507 -2.97 -37.46 -51.37
N ARG A 508 -3.71 -37.07 -50.33
CA ARG A 508 -5.13 -36.79 -50.53
C ARG A 508 -5.33 -35.58 -51.45
N LEU A 509 -4.52 -34.53 -51.25
CA LEU A 509 -4.60 -33.38 -52.15
C LEU A 509 -4.26 -33.79 -53.58
N ALA A 510 -3.27 -34.65 -53.76
CA ALA A 510 -2.90 -35.13 -55.09
C ALA A 510 -3.98 -35.99 -55.71
N LYS A 511 -4.68 -36.80 -54.90
CA LYS A 511 -5.79 -37.58 -55.41
C LYS A 511 -6.91 -36.68 -55.90
N GLY A 512 -7.17 -35.60 -55.17
CA GLY A 512 -8.15 -34.64 -55.64
C GLY A 512 -7.78 -34.06 -57.00
N MET A 513 -6.53 -33.67 -57.17
CA MET A 513 -6.09 -33.10 -58.44
C MET A 513 -6.10 -34.15 -59.55
N ALA A 514 -5.79 -35.40 -59.21
CA ALA A 514 -5.86 -36.46 -60.21
C ALA A 514 -7.29 -36.71 -60.67
N ASP A 515 -8.24 -36.66 -59.73
CA ASP A 515 -9.65 -36.78 -60.10
C ASP A 515 -10.08 -35.63 -60.99
N ILE A 516 -9.65 -34.41 -60.67
CA ILE A 516 -9.95 -33.27 -61.52
C ILE A 516 -9.35 -33.47 -62.91
N GLY A 517 -8.12 -33.97 -62.96
CA GLY A 517 -7.45 -34.17 -64.24
C GLY A 517 -8.15 -35.20 -65.11
N THR A 518 -8.56 -36.32 -64.51
CA THR A 518 -9.23 -37.33 -65.31
C THR A 518 -10.64 -36.89 -65.71
N LYS A 519 -11.31 -36.10 -64.85
CA LYS A 519 -12.60 -35.54 -65.25
C LYS A 519 -12.45 -34.61 -66.44
N ILE A 520 -11.40 -33.80 -66.45
CA ILE A 520 -11.17 -32.90 -67.57
C ILE A 520 -10.78 -33.69 -68.82
N CYS A 521 -9.93 -34.70 -68.66
CA CYS A 521 -9.48 -35.50 -69.80
C CYS A 521 -10.65 -36.24 -70.45
N ALA A 522 -11.57 -36.75 -69.62
CA ALA A 522 -12.76 -37.40 -70.18
C ALA A 522 -13.62 -36.39 -70.93
N MET A 523 -13.73 -35.17 -70.42
CA MET A 523 -14.54 -34.15 -71.09
C MET A 523 -13.89 -33.68 -72.37
N ASN A 524 -12.56 -33.71 -72.44
CA ASN A 524 -11.86 -33.23 -73.63
C ASN A 524 -12.15 -34.12 -74.84
N ALA A 525 -12.45 -35.40 -74.61
CA ALA A 525 -12.59 -36.32 -75.74
C ALA A 525 -13.88 -36.07 -76.52
N VAL A 526 -14.86 -35.41 -75.91
CA VAL A 526 -16.16 -35.21 -76.57
C VAL A 526 -16.48 -33.76 -76.87
N PHE A 527 -15.73 -32.80 -76.33
CA PHE A 527 -16.07 -31.39 -76.51
C PHE A 527 -15.13 -30.65 -77.44
N LEU A 528 -13.84 -30.99 -77.44
CA LEU A 528 -12.90 -30.36 -78.37
C LEU A 528 -12.95 -31.07 -79.71
N SER A 529 -13.11 -30.30 -80.78
CA SER A 529 -13.12 -30.85 -82.12
C SER A 529 -11.70 -31.25 -82.53
N GLU A 530 -11.59 -31.84 -83.73
CA GLU A 530 -10.29 -32.30 -84.20
C GLU A 530 -9.33 -31.13 -84.38
N THR A 531 -9.81 -30.04 -84.98
CA THR A 531 -8.95 -28.91 -85.32
C THR A 531 -8.28 -28.31 -84.10
N GLU A 532 -9.02 -28.17 -83.00
CA GLU A 532 -8.45 -27.58 -81.80
C GLU A 532 -7.29 -28.41 -81.27
N VAL A 533 -7.44 -29.73 -81.24
CA VAL A 533 -6.38 -30.60 -80.74
C VAL A 533 -5.20 -30.65 -81.70
N VAL A 534 -5.43 -30.68 -83.01
CA VAL A 534 -4.33 -30.72 -83.98
C VAL A 534 -3.62 -29.37 -84.00
N ARG A 535 -4.28 -28.33 -83.52
CA ARG A 535 -3.62 -27.04 -83.36
C ARG A 535 -2.84 -26.94 -82.07
N ILE A 536 -3.35 -27.48 -80.97
CA ILE A 536 -2.63 -27.44 -79.70
C ILE A 536 -1.39 -28.33 -79.76
N THR A 537 -1.52 -29.55 -80.27
CA THR A 537 -0.44 -30.53 -80.23
C THR A 537 0.39 -30.58 -81.49
N ASN A 538 -0.15 -30.13 -82.62
CA ASN A 538 0.53 -30.16 -83.92
C ASN A 538 0.93 -31.57 -84.33
N GLU A 539 0.18 -32.57 -83.88
CA GLU A 539 0.36 -33.95 -84.30
C GLU A 539 -0.98 -34.53 -84.73
N GLU A 540 -0.93 -35.77 -85.23
CA GLU A 540 -2.14 -36.42 -85.72
C GLU A 540 -3.14 -36.62 -84.59
N TYR A 541 -4.41 -36.41 -84.90
CA TYR A 541 -5.49 -36.61 -83.94
C TYR A 541 -5.75 -38.09 -83.76
N VAL A 542 -5.76 -38.55 -82.51
CA VAL A 542 -6.03 -39.94 -82.18
C VAL A 542 -7.46 -40.00 -81.64
N THR A 543 -8.30 -40.80 -82.29
CA THR A 543 -9.69 -40.91 -81.88
C THR A 543 -9.83 -41.87 -80.72
N ILE A 544 -10.63 -41.49 -79.73
CA ILE A 544 -10.92 -42.31 -78.57
C ILE A 544 -12.41 -42.66 -78.63
N ASN A 545 -12.71 -43.96 -78.60
CA ASN A 545 -14.08 -44.41 -78.71
C ASN A 545 -14.91 -43.89 -77.55
N ARG A 546 -16.10 -43.36 -77.88
CA ARG A 546 -16.94 -42.73 -76.86
C ARG A 546 -17.58 -43.76 -75.93
N GLU A 547 -17.80 -44.98 -76.39
CA GLU A 547 -18.47 -45.98 -75.56
C GLU A 547 -17.62 -46.34 -74.33
N ASP A 548 -16.31 -46.45 -74.50
CA ASP A 548 -15.42 -46.85 -73.43
C ASP A 548 -14.84 -45.68 -72.64
N LEU A 549 -15.41 -44.49 -72.79
CA LEU A 549 -14.92 -43.31 -72.09
C LEU A 549 -15.22 -43.32 -70.60
N LYS A 550 -16.08 -44.23 -70.13
CA LYS A 550 -16.42 -44.32 -68.71
C LYS A 550 -15.54 -45.29 -67.95
N GLY A 551 -14.39 -45.66 -68.50
CA GLY A 551 -13.53 -46.61 -67.84
C GLY A 551 -12.09 -46.17 -67.67
N ASN A 552 -11.67 -45.15 -68.41
CA ASN A 552 -10.28 -44.68 -68.39
C ASN A 552 -9.32 -45.85 -68.61
N PHE A 553 -9.62 -46.64 -69.65
CA PHE A 553 -8.95 -47.94 -69.79
C PHE A 553 -7.46 -47.78 -70.09
N ASP A 554 -7.11 -46.95 -71.07
CA ASP A 554 -5.74 -46.91 -71.58
C ASP A 554 -5.09 -45.55 -71.34
N ILE A 555 -5.51 -44.86 -70.27
CA ILE A 555 -4.91 -43.58 -69.90
C ILE A 555 -4.81 -43.47 -68.39
N GLU A 556 -3.60 -43.17 -67.89
CA GLU A 556 -3.40 -42.94 -66.47
C GLU A 556 -2.96 -41.50 -66.24
N VAL A 557 -3.50 -40.88 -65.19
CA VAL A 557 -3.29 -39.47 -64.91
C VAL A 557 -2.83 -39.30 -63.47
N ASP A 558 -1.80 -38.48 -63.28
CA ASP A 558 -1.29 -38.16 -61.95
C ASP A 558 -0.49 -36.87 -62.06
N ILE A 559 -0.41 -36.14 -60.94
CA ILE A 559 0.31 -34.87 -60.96
C ILE A 559 1.81 -35.13 -61.12
N ASN A 560 2.51 -34.13 -61.65
CA ASN A 560 3.93 -34.23 -61.95
C ASN A 560 4.69 -33.14 -61.22
N THR A 561 5.75 -33.53 -60.50
CA THR A 561 6.60 -32.61 -59.77
C THR A 561 8.01 -32.65 -60.32
N ALA A 562 8.85 -31.74 -59.82
CA ALA A 562 10.23 -31.65 -60.28
C ALA A 562 11.01 -32.93 -59.98
N GLU A 563 10.84 -33.48 -58.79
CA GLU A 563 11.52 -34.71 -58.43
C GLU A 563 11.11 -35.87 -59.35
N VAL A 564 9.82 -35.93 -59.69
CA VAL A 564 9.34 -36.96 -60.60
C VAL A 564 10.00 -36.81 -61.97
N ASP A 565 10.12 -35.57 -62.44
CA ASP A 565 10.76 -35.32 -63.73
C ASP A 565 12.22 -35.74 -63.70
N ASN A 566 12.92 -35.40 -62.64
CA ASN A 566 14.34 -35.77 -62.52
C ASN A 566 14.50 -37.28 -62.51
N GLN A 567 13.68 -37.98 -61.73
CA GLN A 567 13.81 -39.43 -61.64
C GLN A 567 13.42 -40.10 -62.95
N LYS A 568 12.42 -39.56 -63.65
CA LYS A 568 12.06 -40.11 -64.95
C LYS A 568 13.19 -39.92 -65.95
N SER A 569 13.84 -38.76 -65.93
CA SER A 569 14.98 -38.54 -66.82
C SER A 569 16.10 -39.51 -66.50
N GLN A 570 16.39 -39.73 -65.22
CA GLN A 570 17.41 -40.71 -64.85
C GLN A 570 17.03 -42.12 -65.28
N ASP A 571 15.76 -42.50 -65.16
CA ASP A 571 15.33 -43.83 -65.59
C ASP A 571 15.48 -43.99 -67.10
N LEU A 572 15.12 -42.97 -67.87
CA LEU A 572 15.32 -43.03 -69.32
C LEU A 572 16.80 -43.12 -69.67
N GLY A 573 17.65 -42.39 -68.96
CA GLY A 573 19.09 -42.49 -69.16
C GLY A 573 19.59 -43.89 -68.88
N PHE A 574 19.10 -44.50 -67.80
CA PHE A 574 19.48 -45.86 -67.46
C PHE A 574 19.04 -46.84 -68.54
N MET A 575 17.82 -46.66 -69.07
CA MET A 575 17.35 -47.53 -70.14
C MET A 575 18.21 -47.38 -71.38
N VAL A 576 18.59 -46.14 -71.71
CA VAL A 576 19.48 -45.92 -72.86
C VAL A 576 20.82 -46.61 -72.64
N GLN A 577 21.36 -46.52 -71.42
CA GLN A 577 22.63 -47.17 -71.13
C GLN A 577 22.51 -48.69 -71.27
N THR A 578 21.44 -49.27 -70.71
CA THR A 578 21.26 -50.71 -70.76
C THR A 578 21.06 -51.20 -72.19
N ILE A 579 19.95 -50.82 -72.83
CA ILE A 579 19.74 -51.17 -74.23
C ILE A 579 20.25 -50.03 -75.12
N GLY A 580 21.55 -50.04 -75.39
CA GLY A 580 22.13 -49.02 -76.26
C GLY A 580 22.88 -49.64 -77.42
N ASN A 581 23.33 -50.88 -77.25
CA ASN A 581 24.05 -51.59 -78.29
C ASN A 581 23.31 -52.82 -78.79
N THR A 582 22.33 -53.33 -78.04
CA THR A 582 21.57 -54.49 -78.49
C THR A 582 20.51 -54.10 -79.51
N VAL A 583 19.61 -53.20 -79.12
CA VAL A 583 18.53 -52.76 -80.01
C VAL A 583 19.11 -51.84 -81.08
N ASP A 584 18.33 -51.56 -82.12
CA ASP A 584 18.78 -50.69 -83.19
C ASP A 584 18.79 -49.23 -82.75
N GLN A 585 19.09 -48.32 -83.69
CA GLN A 585 19.22 -46.91 -83.38
C GLN A 585 17.89 -46.22 -83.12
N GLN A 586 16.80 -46.73 -83.68
CA GLN A 586 15.50 -46.06 -83.56
C GLN A 586 15.04 -46.00 -82.11
N VAL A 587 15.16 -47.11 -81.38
CA VAL A 587 14.67 -47.17 -80.00
C VAL A 587 15.48 -46.23 -79.12
N THR A 588 16.80 -46.29 -79.24
CA THR A 588 17.66 -45.42 -78.44
C THR A 588 17.42 -43.95 -78.77
N LEU A 589 17.25 -43.65 -80.06
CA LEU A 589 16.99 -42.27 -80.45
C LEU A 589 15.67 -41.77 -79.91
N LYS A 590 14.64 -42.63 -79.92
CA LYS A 590 13.35 -42.23 -79.36
C LYS A 590 13.46 -41.99 -77.86
N LEU A 591 14.22 -42.83 -77.16
CA LEU A 591 14.40 -42.62 -75.72
C LEU A 591 15.14 -41.32 -75.44
N VAL A 592 16.18 -41.01 -76.23
CA VAL A 592 16.89 -39.75 -76.03
C VAL A 592 16.00 -38.57 -76.38
N ALA A 593 15.12 -38.73 -77.38
CA ALA A 593 14.16 -37.68 -77.69
C ALA A 593 13.19 -37.44 -76.54
N ARG A 594 12.75 -38.51 -75.88
CA ARG A 594 11.93 -38.34 -74.68
C ARG A 594 12.69 -37.62 -73.58
N ILE A 595 13.96 -37.96 -73.40
CA ILE A 595 14.80 -37.25 -72.43
C ILE A 595 14.86 -35.76 -72.77
N ALA A 596 15.05 -35.44 -74.04
CA ALA A 596 15.09 -34.05 -74.49
C ALA A 596 13.75 -33.34 -74.30
N GLU A 597 12.64 -34.05 -74.46
CA GLU A 597 11.32 -33.49 -74.16
C GLU A 597 11.18 -33.16 -72.68
N LEU A 598 11.67 -34.04 -71.80
CA LEU A 598 11.63 -33.73 -70.38
C LEU A 598 12.46 -32.49 -70.05
N LYS A 599 13.48 -32.21 -70.85
CA LYS A 599 14.33 -31.04 -70.64
C LYS A 599 13.77 -29.78 -71.28
N ARG A 600 12.54 -29.81 -71.79
CA ARG A 600 11.88 -28.66 -72.39
C ARG A 600 12.62 -28.17 -73.63
N MET A 601 12.95 -29.11 -74.53
CA MET A 601 13.55 -28.81 -75.83
C MET A 601 12.71 -29.51 -76.89
N PRO A 602 11.54 -28.97 -77.23
CA PRO A 602 10.65 -29.63 -78.20
C PRO A 602 11.20 -29.69 -79.62
N GLU A 603 12.21 -28.89 -79.94
CA GLU A 603 12.78 -28.91 -81.29
C GLU A 603 13.78 -30.04 -81.46
N LEU A 604 14.57 -30.31 -80.42
CA LEU A 604 15.49 -31.43 -80.48
C LEU A 604 14.75 -32.75 -80.59
N ALA A 605 13.57 -32.84 -79.99
CA ALA A 605 12.78 -34.06 -80.10
C ALA A 605 12.40 -34.35 -81.55
N HIS A 606 11.97 -33.32 -82.28
CA HIS A 606 11.65 -33.51 -83.69
C HIS A 606 12.91 -33.79 -84.51
N GLU A 607 13.99 -33.08 -84.22
CA GLU A 607 15.22 -33.32 -84.96
C GLU A 607 15.82 -34.69 -84.68
N LEU A 608 15.44 -35.33 -83.58
CA LEU A 608 15.99 -36.62 -83.20
C LEU A 608 15.07 -37.79 -83.49
N ARG A 609 13.76 -37.58 -83.58
CA ARG A 609 12.83 -38.67 -83.88
C ARG A 609 12.82 -38.95 -85.39
N THR A 610 12.50 -37.93 -86.19
CA THR A 610 12.50 -38.07 -87.64
C THR A 610 13.91 -37.81 -88.16
N TRP A 611 14.79 -38.78 -87.94
CA TRP A 611 16.18 -38.70 -88.38
C TRP A 611 16.54 -40.01 -89.03
N LYS A 612 16.66 -40.01 -90.36
CA LYS A 612 17.06 -41.19 -91.12
C LYS A 612 18.53 -41.09 -91.46
N PRO A 613 19.38 -41.98 -90.95
CA PRO A 613 20.81 -41.92 -91.28
C PRO A 613 21.05 -42.08 -92.77
N GLU A 614 21.58 -41.05 -93.41
CA GLU A 614 21.79 -41.07 -94.85
C GLU A 614 22.85 -42.10 -95.22
N PRO A 615 22.63 -42.91 -96.24
CA PRO A 615 23.66 -43.87 -96.65
C PRO A 615 24.78 -43.17 -97.43
N ASP A 616 25.98 -43.72 -97.34
CA ASP A 616 27.15 -43.08 -98.00
C ASP A 616 27.41 -43.75 -99.34
N PRO A 617 27.17 -43.07 -100.48
CA PRO A 617 27.37 -43.70 -101.79
C PRO A 617 28.65 -44.51 -101.82
N MET A 618 29.78 -43.86 -101.57
CA MET A 618 31.10 -44.55 -101.62
C MET A 618 31.06 -45.80 -100.71
N GLU A 619 30.98 -45.60 -99.39
CA GLU A 619 31.03 -46.76 -98.48
C GLU A 619 30.07 -47.85 -98.98
N GLU A 620 28.95 -47.45 -99.59
CA GLU A 620 28.04 -48.47 -100.17
C GLU A 620 28.79 -49.24 -101.24
N GLN A 621 29.09 -48.60 -102.38
CA GLN A 621 29.83 -49.28 -103.48
C GLN A 621 30.91 -50.18 -102.89
N LEU A 622 31.95 -49.60 -102.31
CA LEU A 622 33.08 -50.42 -101.83
C LEU A 622 32.59 -51.81 -101.39
N LYS A 623 31.51 -51.90 -100.62
CA LYS A 623 31.05 -53.19 -100.14
C LYS A 623 30.63 -54.10 -101.31
N GLN A 624 29.95 -53.53 -102.29
CA GLN A 624 29.57 -54.31 -103.47
C GLN A 624 30.81 -54.80 -104.22
N LEU A 625 31.81 -53.93 -104.36
CA LEU A 625 33.05 -54.34 -105.02
C LEU A 625 33.79 -55.41 -104.22
N ALA A 626 33.73 -55.35 -102.89
CA ALA A 626 34.33 -56.41 -102.08
C ALA A 626 33.62 -57.74 -102.28
N ILE A 627 32.29 -57.73 -102.35
CA ILE A 627 31.56 -58.96 -102.63
C ILE A 627 31.96 -59.51 -104.01
N GLN A 628 32.03 -58.63 -105.00
CA GLN A 628 32.47 -59.03 -106.34
C GLN A 628 33.88 -59.62 -106.29
N LYS A 629 34.76 -59.01 -105.50
CA LYS A 629 36.13 -59.50 -105.36
C LYS A 629 36.16 -60.90 -104.76
N ALA A 630 35.31 -61.15 -103.75
CA ALA A 630 35.25 -62.48 -103.15
C ALA A 630 34.78 -63.51 -104.17
N GLN A 631 33.74 -63.17 -104.94
CA GLN A 631 33.26 -64.10 -105.96
C GLN A 631 34.34 -64.37 -107.01
N LEU A 632 35.04 -63.31 -107.43
CA LEU A 632 36.10 -63.46 -108.42
C LEU A 632 37.23 -64.33 -107.88
N GLU A 633 37.56 -64.18 -106.60
CA GLU A 633 38.59 -65.01 -106.00
C GLU A 633 38.18 -66.48 -105.98
N ASN A 634 36.92 -66.75 -105.64
CA ASN A 634 36.44 -68.13 -105.67
C ASN A 634 36.53 -68.71 -107.07
N GLN A 635 36.13 -67.94 -108.08
CA GLN A 635 36.26 -68.41 -109.46
C GLN A 635 37.71 -68.62 -109.84
N LYS A 636 38.62 -67.76 -109.36
CA LYS A 636 40.04 -67.92 -109.64
C LYS A 636 40.58 -69.22 -109.06
N LEU A 637 40.18 -69.54 -107.83
CA LEU A 637 40.59 -70.82 -107.25
C LEU A 637 40.03 -72.00 -108.04
N GLN A 638 38.77 -71.92 -108.48
CA GLN A 638 38.22 -72.98 -109.30
C GLN A 638 39.01 -73.16 -110.59
N SER A 639 39.35 -72.04 -111.24
CA SER A 639 40.14 -72.10 -112.47
C SER A 639 41.51 -72.71 -112.21
N GLU A 640 42.12 -72.39 -111.07
CA GLU A 640 43.41 -72.97 -110.72
C GLU A 640 43.31 -74.48 -110.54
N ILE A 641 42.25 -74.96 -109.88
CA ILE A 641 42.06 -76.41 -109.76
C ILE A 641 41.90 -77.05 -111.13
N ALA A 642 41.12 -76.40 -112.02
CA ALA A 642 40.93 -76.94 -113.36
C ALA A 642 42.26 -77.03 -114.11
N LEU A 643 43.08 -75.99 -113.99
CA LEU A 643 44.39 -75.99 -114.65
C LEU A 643 45.28 -77.09 -114.09
N ASN A 644 45.26 -77.29 -112.77
CA ASN A 644 46.07 -78.35 -112.18
C ASN A 644 45.63 -79.72 -112.68
N GLU A 645 44.32 -79.94 -112.79
CA GLU A 645 43.83 -81.22 -113.31
C GLU A 645 44.26 -81.41 -114.77
N ALA A 646 44.19 -80.34 -115.57
CA ALA A 646 44.63 -80.44 -116.96
C ALA A 646 46.11 -80.79 -117.05
N LYS A 647 46.93 -80.15 -116.21
CA LYS A 647 48.36 -80.47 -116.19
C LYS A 647 48.60 -81.90 -115.75
N VAL A 648 47.80 -82.41 -114.80
CA VAL A 648 47.93 -83.80 -114.38
C VAL A 648 47.64 -84.73 -115.55
N ARG A 649 46.59 -84.45 -116.31
CA ARG A 649 46.26 -85.27 -117.46
C ARG A 649 47.37 -85.22 -118.52
N ALA A 650 47.93 -84.03 -118.75
CA ALA A 650 49.01 -83.90 -119.73
C ALA A 650 50.23 -84.71 -119.29
N GLU A 651 50.57 -84.66 -118.00
CA GLU A 651 51.69 -85.44 -117.50
C GLU A 651 51.42 -86.94 -117.57
N ASP A 652 50.18 -87.37 -117.35
CA ASP A 652 49.85 -88.78 -117.52
C ASP A 652 50.03 -89.21 -118.97
N ALA A 653 49.61 -88.36 -119.92
CA ALA A 653 49.81 -88.68 -121.33
C ALA A 653 51.30 -88.78 -121.68
N LYS A 654 52.11 -87.85 -121.15
CA LYS A 654 53.55 -87.93 -121.38
C LYS A 654 54.15 -89.18 -120.77
N LYS A 655 53.69 -89.59 -119.58
CA LYS A 655 54.18 -90.82 -118.98
C LYS A 655 53.84 -92.03 -119.84
N ASP A 656 52.62 -92.05 -120.39
CA ASP A 656 52.24 -93.15 -121.27
C ASP A 656 53.12 -93.18 -122.51
N MET A 657 53.41 -92.02 -123.09
CA MET A 657 54.29 -91.97 -124.25
C MET A 657 55.70 -92.46 -123.90
N THR A 658 56.21 -92.07 -122.73
CA THR A 658 57.53 -92.53 -122.31
C THR A 658 57.55 -94.04 -122.11
N ASN A 659 56.48 -94.59 -121.52
CA ASN A 659 56.39 -96.04 -121.35
C ASN A 659 56.39 -96.75 -122.71
N LEU A 660 55.64 -96.20 -123.66
CA LEU A 660 55.59 -96.79 -125.00
C LEU A 660 56.98 -96.76 -125.65
N ASP A 661 57.68 -95.63 -125.54
CA ASP A 661 59.03 -95.53 -126.09
C ASP A 661 60.01 -96.46 -125.43
N TYR A 662 59.91 -96.67 -124.12
CA TYR A 662 60.74 -97.63 -123.43
C TYR A 662 60.46 -99.07 -123.86
N LEU A 663 59.18 -99.43 -123.98
CA LEU A 663 58.84 -100.79 -124.41
C LEU A 663 59.33 -101.05 -125.83
N GLU A 664 59.14 -100.09 -126.73
CA GLU A 664 59.57 -100.28 -128.11
C GLU A 664 61.08 -100.44 -128.19
N GLN A 665 61.82 -99.62 -127.43
CA GLN A 665 63.28 -99.73 -127.45
C GLN A 665 63.75 -101.04 -126.85
N GLU A 666 63.13 -101.48 -125.75
CA GLU A 666 63.53 -102.73 -125.11
C GLU A 666 63.25 -103.92 -126.00
N SER A 667 62.08 -103.96 -126.65
CA SER A 667 61.70 -105.10 -127.47
C SER A 667 62.33 -105.08 -128.85
N GLY A 668 63.07 -104.03 -129.21
CA GLY A 668 63.66 -103.96 -130.53
C GLY A 668 62.68 -103.61 -131.62
N THR A 669 61.47 -103.15 -131.26
CA THR A 669 60.49 -102.78 -132.28
C THR A 669 60.99 -101.60 -133.11
N LYS A 670 61.67 -100.65 -132.47
CA LYS A 670 62.24 -99.53 -133.21
C LYS A 670 63.28 -100.02 -134.22
N HIS A 671 64.12 -100.97 -133.80
CA HIS A 671 65.12 -101.54 -134.71
C HIS A 671 64.45 -102.28 -135.86
N ALA A 672 63.39 -103.03 -135.55
CA ALA A 672 62.68 -103.78 -136.58
C ALA A 672 62.05 -102.85 -137.62
N ARG A 673 61.42 -101.76 -137.14
CA ARG A 673 60.82 -100.80 -138.06
C ARG A 673 61.88 -100.03 -138.84
N GLU A 674 63.07 -99.85 -138.25
CA GLU A 674 64.14 -99.17 -138.96
C GLU A 674 64.61 -99.97 -140.18
N MET A 675 64.33 -101.27 -140.21
CA MET A 675 64.69 -102.09 -141.35
C MET A 675 63.44 -102.51 -142.14
N MET B 1 -11.82 31.58 8.37
CA MET B 1 -10.84 32.56 8.81
C MET B 1 -11.34 33.26 10.07
N ARG B 2 -10.98 32.69 11.22
CA ARG B 2 -11.46 33.16 12.51
C ARG B 2 -10.81 34.49 12.88
N LYS B 3 -11.26 35.06 14.00
CA LYS B 3 -10.75 36.32 14.50
C LYS B 3 -10.03 36.10 15.82
N LEU B 4 -9.13 37.04 16.15
CA LEU B 4 -8.39 36.91 17.40
C LEU B 4 -9.31 36.93 18.61
N SER B 5 -10.44 37.62 18.51
CA SER B 5 -11.42 37.62 19.60
C SER B 5 -11.96 36.20 19.81
N ASP B 6 -12.27 35.50 18.72
CA ASP B 6 -12.77 34.14 18.83
C ASP B 6 -11.68 33.20 19.35
N VAL B 7 -10.42 33.44 18.95
CA VAL B 7 -9.33 32.60 19.42
C VAL B 7 -9.15 32.72 20.92
N TYR B 8 -9.35 33.93 21.45
CA TYR B 8 -9.30 34.12 22.90
C TYR B 8 -10.34 33.24 23.60
N LYS B 9 -11.57 33.24 23.07
CA LYS B 9 -12.63 32.47 23.70
C LYS B 9 -12.37 30.97 23.59
N VAL B 10 -11.99 30.49 22.41
CA VAL B 10 -11.77 29.06 22.22
C VAL B 10 -10.57 28.59 23.02
N LEU B 11 -9.59 29.49 23.24
CA LEU B 11 -8.46 29.15 24.10
C LEU B 11 -8.90 29.05 25.56
N ALA B 12 -9.85 29.88 25.96
CA ALA B 12 -10.29 29.92 27.35
C ALA B 12 -11.11 28.70 27.74
N LEU B 13 -11.60 27.93 26.78
CA LEU B 13 -12.46 26.78 27.06
C LEU B 13 -11.75 25.45 26.94
N THR B 14 -10.66 25.37 26.17
CA THR B 14 -10.03 24.07 25.94
C THR B 14 -8.65 23.97 26.56
N SER B 15 -7.74 24.89 26.20
CA SER B 15 -6.36 24.78 26.66
C SER B 15 -6.15 25.51 27.98
N LEU B 16 -6.40 26.81 27.98
CA LEU B 16 -6.24 27.62 29.19
C LEU B 16 -7.59 27.66 29.90
N LYS B 17 -8.01 26.50 30.42
CA LYS B 17 -9.24 26.40 31.18
C LYS B 17 -9.03 26.55 32.67
N SER B 18 -7.94 26.00 33.20
CA SER B 18 -7.60 26.16 34.60
C SER B 18 -6.75 27.38 34.86
N ALA B 19 -6.45 28.18 33.84
CA ALA B 19 -5.60 29.35 34.01
C ALA B 19 -6.28 30.37 34.92
N GLY B 20 -5.46 31.14 35.63
CA GLY B 20 -6.00 32.11 36.57
C GLY B 20 -6.74 33.25 35.92
N PHE B 21 -6.22 33.77 34.80
CA PHE B 21 -6.81 34.97 34.21
C PHE B 21 -8.11 34.71 33.48
N ILE B 22 -8.70 33.52 33.62
CA ILE B 22 -9.99 33.26 32.99
C ILE B 22 -11.07 34.03 33.72
N THR B 23 -11.83 34.83 32.97
CA THR B 23 -12.81 35.71 33.58
C THR B 23 -13.97 34.91 34.17
N ASP B 24 -14.81 35.61 34.93
CA ASP B 24 -15.92 34.96 35.64
C ASP B 24 -16.95 34.35 34.71
N ASP B 25 -17.09 34.84 33.47
CA ASP B 25 -18.01 34.23 32.52
C ASP B 25 -17.42 33.03 31.81
N LYS B 26 -16.13 32.72 32.05
CA LYS B 26 -15.40 31.57 31.53
C LYS B 26 -15.24 31.61 30.02
N VAL B 27 -15.63 32.68 29.33
CA VAL B 27 -15.69 32.69 27.88
C VAL B 27 -14.75 33.79 27.37
N ASN B 28 -13.82 34.22 28.22
CA ASN B 28 -12.90 35.27 27.81
C ASN B 28 -11.68 35.23 28.74
N ILE B 29 -10.69 36.04 28.38
CA ILE B 29 -9.41 36.10 29.10
C ILE B 29 -9.24 37.50 29.65
N GLU B 30 -8.83 37.60 30.92
CA GLU B 30 -8.73 38.90 31.57
C GLU B 30 -7.66 39.76 30.89
N ALA B 31 -7.79 41.07 31.09
CA ALA B 31 -6.97 42.05 30.39
C ALA B 31 -5.56 42.17 30.94
N TRP B 32 -5.15 41.29 31.86
CA TRP B 32 -3.79 41.31 32.38
C TRP B 32 -2.91 40.20 31.81
N GLY B 33 -3.51 39.15 31.27
CA GLY B 33 -2.75 38.08 30.67
C GLY B 33 -2.85 38.04 29.17
N LYS B 34 -3.63 38.96 28.60
CA LYS B 34 -3.78 39.00 27.14
C LYS B 34 -2.47 39.26 26.42
N PRO B 35 -1.59 40.18 26.87
CA PRO B 35 -0.28 40.29 26.22
C PRO B 35 0.48 38.97 26.23
N GLU B 36 0.35 38.20 27.31
CA GLU B 36 1.02 36.91 27.41
C GLU B 36 0.47 35.92 26.39
N VAL B 37 -0.86 35.81 26.32
CA VAL B 37 -1.47 34.87 25.37
C VAL B 37 -1.19 35.30 23.93
N LEU B 38 -1.28 36.61 23.66
CA LEU B 38 -1.00 37.09 22.31
C LEU B 38 0.45 36.82 21.92
N ALA B 39 1.38 36.90 22.87
CA ALA B 39 2.77 36.57 22.59
C ALA B 39 2.98 35.07 22.41
N HIS B 40 2.00 34.25 22.79
CA HIS B 40 2.07 32.82 22.56
C HIS B 40 1.41 32.41 21.25
N ILE B 41 0.32 33.07 20.87
CA ILE B 41 -0.29 32.81 19.57
C ILE B 41 0.66 33.19 18.44
N ASN B 42 1.31 34.35 18.57
CA ASN B 42 2.22 34.81 17.53
C ASN B 42 3.36 33.82 17.32
N GLU B 43 3.94 33.31 18.42
CA GLU B 43 4.94 32.27 18.30
C GLU B 43 4.33 30.97 17.77
N GLY B 44 3.10 30.67 18.18
CA GLY B 44 2.46 29.45 17.73
C GLY B 44 2.26 29.41 16.22
N LEU B 45 1.77 30.52 15.66
CA LEU B 45 1.59 30.57 14.21
C LEU B 45 2.93 30.52 13.48
N THR B 46 3.96 31.16 14.04
CA THR B 46 5.26 31.16 13.41
C THR B 46 5.81 29.75 13.27
N ARG B 47 5.67 28.93 14.31
CA ARG B 47 6.13 27.55 14.23
C ARG B 47 5.30 26.76 13.22
N LEU B 48 3.98 26.92 13.25
CA LEU B 48 3.13 26.18 12.34
C LEU B 48 3.36 26.61 10.89
N HIS B 49 3.58 27.91 10.67
CA HIS B 49 3.87 28.39 9.33
C HIS B 49 5.30 28.10 8.88
N SER B 50 6.14 27.55 9.76
CA SER B 50 7.50 27.20 9.40
C SER B 50 7.63 25.76 8.93
N ARG B 51 7.07 24.80 9.67
CA ARG B 51 7.11 23.41 9.25
C ARG B 51 6.35 23.21 7.95
N PHE B 52 5.05 23.46 7.96
CA PHE B 52 4.25 23.31 6.75
C PHE B 52 4.41 24.54 5.86
N VAL B 53 4.22 24.32 4.56
CA VAL B 53 4.16 25.44 3.60
C VAL B 53 2.70 25.86 3.56
N LEU B 54 2.35 26.79 4.44
CA LEU B 54 0.96 27.21 4.58
C LEU B 54 0.64 28.49 3.83
N ARG B 55 1.61 29.40 3.71
CA ARG B 55 1.38 30.70 3.06
C ARG B 55 2.54 30.98 2.13
N THR B 56 2.32 30.78 0.83
CA THR B 56 3.32 31.09 -0.18
C THR B 56 2.97 32.40 -0.86
N ASN B 57 3.81 33.42 -0.66
CA ASN B 57 3.55 34.76 -1.17
C ASN B 57 4.77 35.27 -1.93
N ASN B 58 4.53 36.14 -2.90
CA ASN B 58 5.58 36.73 -3.72
C ASN B 58 5.48 38.24 -3.69
N CYS B 59 6.61 38.90 -3.44
CA CYS B 59 6.69 40.36 -3.42
C CYS B 59 7.78 40.79 -4.40
N ILE B 60 7.42 41.64 -5.35
CA ILE B 60 8.36 42.05 -6.40
C ILE B 60 9.30 43.09 -5.84
N VAL B 61 10.56 43.04 -6.27
CA VAL B 61 11.63 43.89 -5.75
C VAL B 61 12.26 44.61 -6.92
N GLU B 62 11.95 45.90 -7.08
CA GLU B 62 12.53 46.69 -8.16
C GLU B 62 14.02 46.89 -7.94
N MET B 63 14.75 47.06 -9.03
CA MET B 63 16.19 47.29 -8.97
C MET B 63 16.48 48.78 -8.90
N LYS B 64 17.28 49.18 -7.92
CA LYS B 64 17.80 50.53 -7.82
C LYS B 64 19.30 50.47 -8.09
N GLU B 65 19.76 51.32 -9.01
CA GLU B 65 21.15 51.30 -9.45
C GLU B 65 22.08 51.65 -8.30
N GLY B 66 23.17 50.89 -8.19
CA GLY B 66 24.14 51.07 -7.14
C GLY B 66 23.91 50.23 -5.91
N ARG B 67 22.77 49.56 -5.81
CA ARG B 67 22.43 48.71 -4.68
C ARG B 67 22.40 47.26 -5.15
N THR B 68 23.20 46.42 -4.50
CA THR B 68 23.20 45.00 -4.83
C THR B 68 22.53 44.18 -3.72
N ASP B 69 22.84 44.47 -2.47
CA ASP B 69 22.19 43.81 -1.35
C ASP B 69 20.79 44.41 -1.17
N TYR B 70 19.77 43.55 -1.18
CA TYR B 70 18.37 43.97 -1.16
C TYR B 70 17.65 43.28 -0.02
N PRO B 71 17.78 43.79 1.22
CA PRO B 71 17.03 43.22 2.34
C PRO B 71 15.53 43.32 2.09
N LEU B 72 14.82 42.24 2.38
CA LEU B 72 13.37 42.20 2.18
C LEU B 72 12.64 42.58 3.45
N LEU B 73 12.97 43.74 4.04
CA LEU B 73 12.31 44.21 5.23
C LEU B 73 11.11 45.07 4.85
N ALA B 74 10.37 45.56 5.84
CA ALA B 74 9.24 46.43 5.59
C ALA B 74 9.62 47.90 5.53
N ARG B 75 10.81 48.26 6.00
CA ARG B 75 11.25 49.64 5.95
C ARG B 75 11.61 50.09 4.54
N TYR B 76 11.92 49.16 3.65
CA TYR B 76 12.27 49.49 2.27
C TYR B 76 11.09 49.42 1.32
N SER B 77 9.90 49.10 1.80
CA SER B 77 8.74 48.97 0.92
C SER B 77 8.23 50.34 0.52
N TYR B 78 7.17 50.36 -0.30
CA TYR B 78 6.60 51.60 -0.79
C TYR B 78 5.58 52.19 0.18
N GLU B 79 4.60 51.39 0.60
CA GLU B 79 3.53 51.90 1.46
C GLU B 79 3.99 52.08 2.89
N ARG B 80 5.07 51.41 3.30
CA ARG B 80 5.60 51.53 4.65
C ARG B 80 7.02 52.09 4.64
N PHE B 81 7.28 53.04 3.75
CA PHE B 81 8.62 53.62 3.64
C PHE B 81 8.98 54.35 4.93
N ASP B 82 10.17 54.08 5.43
CA ASP B 82 10.66 54.71 6.66
C ASP B 82 11.91 55.52 6.30
N PRO B 83 11.76 56.84 6.08
CA PRO B 83 12.90 57.63 5.57
C PRO B 83 14.08 57.67 6.53
N ALA B 84 13.84 57.37 7.81
CA ALA B 84 14.90 57.41 8.80
C ALA B 84 15.85 56.23 8.70
N LYS B 85 15.42 55.10 8.15
CA LYS B 85 16.24 53.89 8.09
C LYS B 85 16.37 53.33 6.68
N ALA B 86 15.80 54.00 5.66
CA ALA B 86 15.87 53.52 4.29
C ALA B 86 16.10 54.71 3.37
N PRO B 87 17.10 54.65 2.50
CA PRO B 87 17.37 55.79 1.60
C PRO B 87 16.31 55.94 0.52
N TYR B 88 15.90 54.82 -0.08
CA TYR B 88 14.88 54.84 -1.13
C TYR B 88 14.07 53.56 -1.02
N PRO B 89 12.79 53.59 -1.43
CA PRO B 89 11.99 52.37 -1.43
C PRO B 89 12.17 51.61 -2.73
N TYR B 90 12.27 50.29 -2.65
CA TYR B 90 12.43 49.47 -3.84
C TYR B 90 11.49 48.26 -3.93
N ILE B 91 10.86 47.85 -2.83
CA ILE B 91 9.83 46.81 -2.90
C ILE B 91 8.56 47.47 -3.39
N MET B 92 7.61 46.69 -3.89
CA MET B 92 6.37 47.23 -4.43
C MET B 92 5.20 46.50 -3.80
N ASP B 93 4.34 47.24 -3.11
CA ASP B 93 3.12 46.69 -2.53
C ASP B 93 1.98 47.68 -2.70
N THR B 94 0.79 47.14 -2.82
CA THR B 94 -0.44 47.90 -2.93
C THR B 94 -0.94 48.31 -1.55
N PRO B 95 -1.74 49.37 -1.46
CA PRO B 95 -2.25 49.78 -0.15
C PRO B 95 -3.09 48.71 0.54
N GLN B 96 -3.83 47.90 -0.21
CA GLN B 96 -4.68 46.90 0.42
C GLN B 96 -3.86 45.73 0.96
N GLU B 97 -2.73 45.43 0.33
CA GLU B 97 -1.85 44.34 0.75
C GLU B 97 -0.42 44.85 0.88
N PRO B 98 -0.11 45.57 1.95
CA PRO B 98 1.25 46.06 2.16
C PRO B 98 2.17 44.91 2.59
N PHE B 99 3.47 45.15 2.45
CA PHE B 99 4.48 44.18 2.89
C PHE B 99 4.42 44.06 4.40
N GLN B 100 4.42 42.83 4.91
CA GLN B 100 4.23 42.58 6.34
C GLN B 100 5.48 42.01 6.99
N GLU B 101 6.65 42.12 6.35
CA GLU B 101 7.90 41.61 6.91
C GLU B 101 7.77 40.16 7.34
N ASP B 102 7.27 39.31 6.46
CA ASP B 102 6.92 37.95 6.83
C ASP B 102 7.61 36.91 5.96
N VAL B 103 8.91 37.07 5.75
CA VAL B 103 9.70 36.14 4.94
C VAL B 103 10.41 35.16 5.88
N ILE B 104 10.11 33.88 5.72
CA ILE B 104 10.81 32.83 6.45
C ILE B 104 11.89 32.17 5.59
N LYS B 105 11.54 31.80 4.37
CA LYS B 105 12.48 31.17 3.44
C LYS B 105 12.11 31.60 2.03
N ILE B 106 13.12 31.98 1.26
CA ILE B 106 12.93 32.37 -0.14
C ILE B 106 13.11 31.15 -1.01
N LEU B 107 12.14 30.89 -1.88
CA LEU B 107 12.07 29.63 -2.61
C LEU B 107 12.41 29.75 -4.10
N ASN B 108 11.87 30.73 -4.81
CA ASN B 108 12.07 30.82 -6.25
C ASN B 108 11.81 32.23 -6.75
N VAL B 109 12.79 32.83 -7.41
CA VAL B 109 12.68 34.22 -7.86
C VAL B 109 12.78 34.27 -9.38
N TYR B 110 11.79 34.90 -10.01
CA TYR B 110 11.81 35.14 -11.45
C TYR B 110 12.27 36.56 -11.72
N ASP B 111 12.16 37.01 -12.97
CA ASP B 111 12.67 38.31 -13.37
C ASP B 111 11.56 39.12 -14.02
N SER B 112 11.91 40.30 -14.52
CA SER B 112 10.97 41.10 -15.30
C SER B 112 10.85 40.61 -16.73
N LYS B 113 11.80 39.78 -17.19
CA LYS B 113 11.76 39.22 -18.53
C LYS B 113 11.24 37.79 -18.58
N GLY B 114 11.08 37.15 -17.42
CA GLY B 114 10.65 35.76 -17.36
C GLY B 114 11.77 34.76 -17.17
N ILE B 115 13.01 35.22 -17.00
CA ILE B 115 14.15 34.32 -16.84
C ILE B 115 14.30 33.97 -15.38
N ARG B 116 14.25 32.68 -15.06
CA ARG B 116 14.47 32.23 -13.70
C ARG B 116 15.96 32.31 -13.35
N ARG B 117 16.23 32.88 -12.17
CA ARG B 117 17.63 33.04 -11.73
C ARG B 117 17.87 32.08 -10.56
N LYS B 118 18.92 31.27 -10.63
CA LYS B 118 19.17 30.24 -9.60
C LYS B 118 19.49 30.90 -8.25
N LEU B 119 19.34 30.15 -7.17
CA LEU B 119 19.64 30.68 -5.82
C LEU B 119 20.84 29.95 -5.22
N ASN B 120 21.80 30.68 -4.63
CA ASN B 120 22.98 30.12 -3.99
C ASN B 120 23.73 29.19 -4.92
N ASP B 121 24.10 29.68 -6.11
CA ASP B 121 24.87 28.90 -7.07
C ASP B 121 26.20 29.64 -7.27
N ASP B 122 27.27 29.08 -6.71
CA ASP B 122 28.58 29.73 -6.71
C ASP B 122 29.06 30.02 -8.13
N HIS B 123 28.97 29.02 -9.01
CA HIS B 123 29.39 29.17 -10.40
C HIS B 123 28.15 29.42 -11.25
N ASP B 124 27.59 30.62 -11.16
CA ASP B 124 26.35 30.88 -11.93
C ASP B 124 26.06 32.37 -12.03
N LYS B 125 26.79 33.09 -12.90
CA LYS B 125 26.40 34.49 -13.15
C LYS B 125 24.90 34.43 -13.42
N ASN B 126 24.17 35.49 -13.12
CA ASN B 126 22.69 35.42 -13.23
C ASN B 126 22.20 34.59 -12.04
N GLY B 127 22.85 34.71 -10.89
CA GLY B 127 22.37 34.05 -9.70
C GLY B 127 22.25 34.97 -8.51
N LEU B 128 21.11 34.93 -7.83
CA LEU B 128 20.88 35.80 -6.69
C LEU B 128 21.20 35.09 -5.38
N PHE B 129 22.37 35.37 -4.82
CA PHE B 129 22.73 34.80 -3.52
C PHE B 129 21.96 35.49 -2.41
N THR B 130 21.67 34.75 -1.34
CA THR B 130 21.04 35.31 -0.16
C THR B 130 22.02 35.21 1.01
N PRO B 131 22.73 36.28 1.36
CA PRO B 131 23.72 36.18 2.45
C PRO B 131 23.10 36.01 3.82
N ARG B 132 21.81 36.28 3.96
CA ARG B 132 21.06 35.99 5.19
C ARG B 132 19.60 35.84 4.81
N PRO B 133 18.86 34.95 5.49
CA PRO B 133 17.53 34.53 5.02
C PRO B 133 16.63 35.63 4.47
N ASP B 134 16.63 36.81 5.08
CA ASP B 134 15.74 37.89 4.68
C ASP B 134 16.46 38.96 3.86
N VAL B 135 17.43 38.54 3.05
CA VAL B 135 18.17 39.44 2.17
C VAL B 135 18.20 38.88 0.76
N LEU B 136 18.92 39.57 -0.13
CA LEU B 136 19.05 39.15 -1.52
C LEU B 136 20.20 39.94 -2.13
N GLN B 137 21.13 39.23 -2.78
CA GLN B 137 22.34 39.84 -3.32
C GLN B 137 22.39 39.60 -4.83
N CYS B 138 21.76 40.49 -5.59
CA CYS B 138 21.87 40.46 -7.04
C CYS B 138 23.15 41.18 -7.45
N MET B 139 24.01 40.49 -8.19
CA MET B 139 25.34 40.99 -8.52
C MET B 139 25.36 41.83 -9.79
N TRP B 140 24.21 42.05 -10.43
CA TRP B 140 24.16 42.84 -11.67
C TRP B 140 22.79 43.49 -11.76
N PRO B 141 22.61 44.64 -11.14
CA PRO B 141 21.32 45.33 -11.22
C PRO B 141 21.09 45.97 -12.59
N ARG B 142 20.61 45.17 -13.53
CA ARG B 142 20.40 45.64 -14.90
C ARG B 142 19.27 46.67 -14.92
N HIS B 143 19.21 47.43 -16.02
CA HIS B 143 18.18 48.44 -16.19
C HIS B 143 16.80 47.79 -16.34
N PHE B 144 15.78 48.50 -15.85
CA PHE B 144 14.39 48.09 -16.01
C PHE B 144 14.15 46.66 -15.54
N GLU B 145 14.53 46.35 -14.30
CA GLU B 145 14.41 44.99 -13.79
C GLU B 145 13.48 44.97 -12.57
N ALA B 146 13.15 43.75 -12.14
CA ALA B 146 12.31 43.48 -10.98
C ALA B 146 12.42 42.01 -10.65
N LEU B 147 11.93 41.57 -9.50
CA LEU B 147 12.14 40.19 -9.07
C LEU B 147 10.91 39.72 -8.29
N ASN B 148 10.06 38.92 -8.93
CA ASN B 148 8.98 38.25 -8.22
C ASN B 148 9.56 37.12 -7.38
N VAL B 149 9.65 37.33 -6.07
CA VAL B 149 10.35 36.43 -5.17
C VAL B 149 9.31 35.57 -4.46
N LEU B 150 9.14 34.33 -4.92
CA LEU B 150 8.25 33.41 -4.23
C LEU B 150 8.93 32.89 -2.97
N TYR B 151 8.30 33.13 -1.83
CA TYR B 151 8.91 32.78 -0.55
C TYR B 151 7.89 32.17 0.39
N GLN B 152 8.35 31.30 1.27
CA GLN B 152 7.56 30.85 2.40
C GLN B 152 7.29 32.02 3.33
N ALA B 153 6.06 32.07 3.86
CA ALA B 153 5.65 33.23 4.63
C ALA B 153 5.07 32.78 5.97
N LYS B 154 5.12 33.68 6.95
CA LYS B 154 4.49 33.50 8.23
C LYS B 154 3.23 34.37 8.29
N HIS B 155 2.38 34.08 9.26
CA HIS B 155 1.19 34.88 9.46
C HIS B 155 1.58 36.30 9.85
N PRO B 156 0.95 37.33 9.28
CA PRO B 156 1.26 38.71 9.66
C PRO B 156 1.12 38.91 11.17
N GLU B 157 2.04 39.69 11.75
CA GLU B 157 2.11 39.84 13.19
C GLU B 157 0.80 40.30 13.79
N LEU B 158 0.37 39.65 14.87
CA LEU B 158 -0.86 40.00 15.56
C LEU B 158 -0.56 41.12 16.55
N THR B 159 -0.97 42.34 16.21
CA THR B 159 -0.68 43.50 17.05
C THR B 159 -1.35 43.37 18.41
N GLY B 160 -2.60 42.91 18.42
CA GLY B 160 -3.36 42.81 19.65
C GLY B 160 -4.81 43.20 19.46
N ASP B 161 -5.11 43.76 18.29
CA ASP B 161 -6.48 44.14 17.97
C ASP B 161 -7.36 42.89 17.93
N GLU B 162 -8.51 42.97 18.57
CA GLU B 162 -9.43 41.82 18.64
C GLU B 162 -10.31 41.70 17.41
N ASN B 163 -9.97 42.39 16.32
CA ASN B 163 -10.69 42.24 15.08
C ASN B 163 -9.78 41.80 13.94
N GLN B 164 -8.56 41.38 14.23
CA GLN B 164 -7.64 40.90 13.22
C GLN B 164 -7.91 39.43 12.94
N GLU B 165 -8.03 39.08 11.67
CA GLU B 165 -8.44 37.73 11.29
C GLU B 165 -7.22 36.84 11.09
N ILE B 166 -7.36 35.58 11.49
CA ILE B 166 -6.24 34.64 11.58
C ILE B 166 -6.37 33.65 10.43
N ASP B 167 -5.27 33.46 9.70
CA ASP B 167 -5.22 32.56 8.55
C ASP B 167 -4.60 31.23 8.97
N LEU B 168 -5.46 30.34 9.47
CA LEU B 168 -5.01 29.00 9.79
C LEU B 168 -6.02 27.97 9.29
N PRO B 169 -5.56 26.83 8.77
CA PRO B 169 -6.49 25.77 8.41
C PRO B 169 -7.30 25.31 9.62
N GLU B 170 -8.57 25.02 9.39
CA GLU B 170 -9.45 24.65 10.50
C GLU B 170 -8.99 23.37 11.19
N THR B 171 -8.29 22.49 10.48
CA THR B 171 -7.83 21.25 11.06
C THR B 171 -6.61 21.42 11.95
N LEU B 172 -5.94 22.58 11.89
CA LEU B 172 -4.72 22.81 12.66
C LEU B 172 -4.97 23.68 13.88
N TYR B 173 -6.22 23.97 14.19
CA TYR B 173 -6.50 24.76 15.39
C TYR B 173 -6.36 23.94 16.65
N SER B 174 -6.40 22.62 16.54
CA SER B 174 -6.23 21.75 17.70
C SER B 174 -4.76 21.58 18.01
N ALA B 175 -3.90 22.13 17.18
CA ALA B 175 -2.47 22.14 17.43
C ALA B 175 -1.98 23.49 17.92
N LEU B 176 -2.61 24.59 17.48
CA LEU B 176 -2.27 25.89 18.03
C LEU B 176 -2.64 25.99 19.50
N GLU B 177 -3.78 25.42 19.89
CA GLU B 177 -4.17 25.40 21.30
C GLU B 177 -3.18 24.59 22.14
N ASN B 178 -2.74 23.45 21.62
CA ASN B 178 -1.82 22.59 22.35
C ASN B 178 -0.41 23.18 22.44
N TRP B 179 -0.10 24.21 21.68
CA TRP B 179 1.15 24.93 21.81
C TRP B 179 1.06 26.13 22.73
N VAL B 180 -0.08 26.82 22.73
CA VAL B 180 -0.31 27.87 23.72
C VAL B 180 -0.34 27.27 25.11
N GLY B 181 -0.98 26.11 25.27
CA GLY B 181 -0.99 25.43 26.55
C GLY B 181 0.41 25.06 27.01
N TYR B 182 1.25 24.60 26.08
CA TYR B 182 2.63 24.27 26.42
C TYR B 182 3.38 25.50 26.91
N ARG B 183 3.32 26.60 26.16
CA ARG B 183 4.09 27.78 26.53
C ARG B 183 3.62 28.34 27.87
N TYR B 184 2.31 28.36 28.11
CA TYR B 184 1.77 28.90 29.35
C TYR B 184 2.10 28.01 30.54
N HIS B 185 1.84 26.71 30.43
CA HIS B 185 1.98 25.82 31.57
C HIS B 185 3.43 25.54 31.93
N THR B 186 4.35 25.77 31.00
CA THR B 186 5.77 25.49 31.26
C THR B 186 6.48 26.62 31.98
N GLY B 187 5.86 27.79 32.11
CA GLY B 187 6.50 28.92 32.74
C GLY B 187 6.21 29.03 34.23
N LEU B 188 5.21 28.29 34.71
CA LEU B 188 4.84 28.40 36.11
C LEU B 188 5.87 27.76 37.02
N ASN B 189 6.73 26.88 36.47
CA ASN B 189 7.80 26.23 37.21
C ASN B 189 7.31 25.35 38.35
N THR B 190 6.04 24.95 38.32
CA THR B 190 5.50 24.02 39.31
C THR B 190 5.48 22.62 38.74
N GLU B 191 5.63 21.62 39.61
CA GLU B 191 5.73 20.23 39.15
C GLU B 191 4.45 19.80 38.45
N GLY B 192 3.29 20.19 38.99
CA GLY B 192 2.04 19.82 38.35
C GLY B 192 1.85 20.47 37.00
N SER B 193 2.20 21.75 36.88
CA SER B 193 2.01 22.46 35.63
C SER B 193 3.04 22.03 34.59
N THR B 194 4.27 21.77 35.02
CA THR B 194 5.30 21.35 34.06
C THR B 194 4.95 20.02 33.41
N ALA B 195 4.45 19.07 34.20
CA ALA B 195 4.07 17.77 33.65
C ALA B 195 2.91 17.89 32.67
N LYS B 196 2.06 18.91 32.83
CA LYS B 196 0.99 19.14 31.87
C LYS B 196 1.53 19.79 30.60
N ALA B 197 2.58 20.60 30.72
CA ALA B 197 3.16 21.25 29.55
C ALA B 197 3.72 20.21 28.57
N ALA B 198 4.36 19.17 29.09
CA ALA B 198 4.91 18.13 28.23
C ALA B 198 3.80 17.41 27.46
N GLU B 199 2.69 17.13 28.15
CA GLU B 199 1.57 16.48 27.48
C GLU B 199 1.00 17.37 26.37
N TYR B 200 0.87 18.67 26.63
CA TYR B 200 0.35 19.57 25.62
C TYR B 200 1.33 19.73 24.46
N LEU B 201 2.63 19.74 24.76
CA LEU B 201 3.62 19.89 23.69
C LEU B 201 3.69 18.62 22.83
N GLN B 202 3.65 17.45 23.48
CA GLN B 202 3.68 16.21 22.71
C GLN B 202 2.44 16.06 21.85
N LEU B 203 1.29 16.51 22.35
CA LEU B 203 0.07 16.47 21.55
C LEU B 203 0.18 17.39 20.34
N TYR B 204 0.95 18.47 20.46
CA TYR B 204 1.22 19.35 19.34
C TYR B 204 1.88 18.59 18.20
N GLU B 205 2.87 17.75 18.52
CA GLU B 205 3.52 16.95 17.50
C GLU B 205 2.58 15.89 16.93
N SER B 206 1.75 15.30 17.79
CA SER B 206 0.83 14.26 17.32
C SER B 206 -0.17 14.83 16.31
N ILE B 207 -0.74 16.00 16.60
CA ILE B 207 -1.64 16.62 15.66
C ILE B 207 -0.89 17.14 14.43
N CYS B 208 0.30 17.70 14.62
CA CYS B 208 1.13 18.09 13.49
C CYS B 208 1.65 16.91 12.70
N GLY B 209 1.52 15.69 13.22
CA GLY B 209 1.87 14.50 12.48
C GLY B 209 0.70 13.93 11.71
N GLU B 210 -0.50 14.03 12.28
CA GLU B 210 -1.70 13.60 11.58
C GLU B 210 -2.04 14.52 10.42
N VAL B 211 -1.62 15.78 10.47
CA VAL B 211 -1.88 16.74 9.40
C VAL B 211 -0.95 16.45 8.24
N VAL B 212 0.21 15.88 8.52
CA VAL B 212 1.20 15.61 7.47
C VAL B 212 1.07 14.18 7.00
N ASP B 213 0.34 13.36 7.75
CA ASP B 213 0.07 11.97 7.35
C ASP B 213 -1.22 11.86 6.53
N PHE B 214 -1.91 12.98 6.30
CA PHE B 214 -3.12 12.96 5.50
C PHE B 214 -3.12 14.08 4.46
N ASP B 215 -2.02 14.82 4.32
CA ASP B 215 -1.88 15.86 3.31
C ASP B 215 -2.96 16.94 3.46
N LEU B 216 -3.22 17.31 4.71
CA LEU B 216 -4.17 18.39 5.01
C LEU B 216 -3.54 19.77 4.95
N ALA B 217 -2.22 19.86 4.78
CA ALA B 217 -1.54 21.14 4.71
C ALA B 217 -0.81 21.29 3.39
N ASN B 218 -1.16 20.47 2.40
CA ASN B 218 -0.57 20.52 1.06
C ASN B 218 0.94 20.39 1.11
N GLY B 219 1.43 19.26 1.60
CA GLY B 219 2.86 19.02 1.69
C GLY B 219 3.39 18.13 0.57
N SER B 220 2.56 17.19 0.13
CA SER B 220 2.96 16.32 -0.97
C SER B 220 2.98 17.10 -2.28
N MET B 221 3.98 16.82 -3.11
CA MET B 221 4.16 17.56 -4.36
C MET B 221 4.43 16.58 -5.50
N SER B 222 3.77 16.80 -6.63
CA SER B 222 4.04 16.07 -7.86
C SER B 222 4.16 17.06 -9.00
N ASN B 223 5.15 16.82 -9.86
CA ASN B 223 5.40 17.73 -10.98
C ASN B 223 5.69 16.90 -12.24
N THR B 224 5.41 17.50 -13.38
CA THR B 224 5.73 16.87 -14.65
C THR B 224 7.25 16.82 -14.85
N ASN B 225 7.73 15.67 -15.31
CA ASN B 225 9.16 15.44 -15.49
C ASN B 225 9.66 16.10 -16.77
N VAL B 226 9.82 17.43 -16.71
CA VAL B 226 10.26 18.19 -17.87
C VAL B 226 11.73 17.92 -18.17
N LEU B 227 12.47 17.37 -17.21
CA LEU B 227 13.88 17.09 -17.42
C LEU B 227 14.09 16.01 -18.47
N PHE B 228 13.14 15.08 -18.58
CA PHE B 228 13.22 13.95 -19.49
C PHE B 228 13.48 14.37 -20.93
N GLU B 229 12.64 15.26 -21.46
CA GLU B 229 12.76 15.64 -22.86
C GLU B 229 14.01 16.47 -23.14
N LYS B 230 14.51 17.20 -22.14
CA LYS B 230 15.66 18.06 -22.34
C LYS B 230 16.97 17.28 -22.47
N ARG B 231 17.15 16.22 -21.69
CA ARG B 231 18.38 15.45 -21.70
C ARG B 231 18.51 14.53 -22.91
N GLY B 232 17.65 14.67 -23.91
CA GLY B 232 17.61 13.76 -25.03
C GLY B 232 16.41 12.85 -24.94
N TRP B 233 16.65 11.54 -24.82
CA TRP B 233 15.62 10.55 -24.53
C TRP B 233 14.38 10.71 -25.41
N VAL B 234 14.54 10.50 -26.71
CA VAL B 234 13.41 10.61 -27.64
C VAL B 234 12.30 9.64 -27.27
N GLY C 4 -15.86 70.56 129.24
CA GLY C 4 -15.48 70.36 127.84
C GLY C 4 -14.46 69.27 127.66
N ALA C 5 -14.92 68.04 127.41
CA ALA C 5 -14.03 66.91 127.22
C ALA C 5 -13.42 66.87 125.83
N GLU C 6 -14.01 67.57 124.87
CA GLU C 6 -13.52 67.56 123.49
C GLU C 6 -12.11 68.15 123.39
N VAL C 7 -11.89 69.30 124.05
CA VAL C 7 -10.62 69.99 123.95
C VAL C 7 -9.51 69.16 124.60
N GLU C 8 -9.81 68.58 125.77
CA GLU C 8 -8.79 67.80 126.48
C GLU C 8 -8.39 66.56 125.69
N ALA C 9 -9.36 65.91 125.05
CA ALA C 9 -9.07 64.71 124.28
C ALA C 9 -8.12 65.00 123.12
N ASN C 10 -8.40 66.08 122.38
CA ASN C 10 -7.55 66.46 121.27
C ASN C 10 -6.15 66.85 121.74
N ARG C 11 -6.08 67.63 122.82
CA ARG C 11 -4.79 68.06 123.33
C ARG C 11 -3.94 66.89 123.80
N LEU C 12 -4.57 65.93 124.49
CA LEU C 12 -3.84 64.79 125.01
C LEU C 12 -3.27 63.94 123.88
N LEU C 13 -4.05 63.73 122.82
CA LEU C 13 -3.61 62.89 121.72
C LEU C 13 -2.41 63.50 120.99
N LEU C 14 -2.42 64.82 120.82
CA LEU C 14 -1.33 65.50 120.12
C LEU C 14 -0.15 65.72 121.05
N ALA C 15 -0.28 65.30 122.31
CA ALA C 15 0.81 65.41 123.27
C ALA C 15 1.36 64.07 123.74
N LEU C 16 0.54 63.02 123.86
CA LEU C 16 1.04 61.70 124.21
C LEU C 16 1.73 61.02 123.05
N THR C 17 1.45 61.44 121.81
CA THR C 17 2.06 60.87 120.60
C THR C 17 2.66 62.03 119.82
N GLU C 18 3.91 62.36 120.14
CA GLU C 18 4.63 63.45 119.49
C GLU C 18 5.75 62.88 118.64
N GLY C 19 5.87 63.39 117.42
CA GLY C 19 6.86 62.90 116.49
C GLY C 19 6.39 61.69 115.71
N GLU C 20 5.59 60.85 116.35
CA GLU C 20 5.04 59.65 115.71
C GLU C 20 3.68 59.93 115.08
N ASP C 21 3.61 60.97 114.26
CA ASP C 21 2.40 61.26 113.49
C ASP C 21 2.61 60.79 112.05
N PHE C 22 2.38 59.49 111.84
CA PHE C 22 2.52 58.91 110.51
C PHE C 22 1.31 59.24 109.66
N ALA C 23 1.56 59.68 108.43
CA ALA C 23 0.49 60.11 107.55
C ALA C 23 -0.14 58.92 106.82
N LEU C 24 -1.46 58.95 106.74
CA LEU C 24 -2.26 57.96 106.02
C LEU C 24 -2.36 58.34 104.55
N PRO C 25 -2.65 57.37 103.68
CA PRO C 25 -2.85 57.70 102.27
C PRO C 25 -4.06 58.60 102.05
N ASP C 26 -4.04 59.38 100.96
CA ASP C 26 -5.12 60.33 100.71
C ASP C 26 -5.62 60.28 99.27
N ILE C 27 -5.63 59.09 98.67
CA ILE C 27 -6.07 58.97 97.28
C ILE C 27 -7.58 59.18 97.21
N ASP C 28 -8.00 59.98 96.24
CA ASP C 28 -9.42 60.32 96.05
C ASP C 28 -10.05 59.25 95.18
N MET C 29 -10.60 58.21 95.82
CA MET C 29 -11.26 57.11 95.12
C MET C 29 -12.74 57.43 94.89
N SER C 30 -12.99 58.50 94.14
CA SER C 30 -14.36 58.92 93.89
C SER C 30 -14.59 59.33 92.44
N GLY C 31 -13.69 58.98 91.53
CA GLY C 31 -13.87 59.31 90.13
C GLY C 31 -14.50 58.17 89.37
N PRO C 32 -14.54 58.29 88.04
CA PRO C 32 -15.07 57.21 87.19
C PRO C 32 -14.06 56.13 86.85
N GLU C 33 -12.80 56.28 87.24
CA GLU C 33 -11.76 55.30 86.97
C GLU C 33 -11.61 54.28 88.08
N TRP C 34 -12.34 54.41 89.18
CA TRP C 34 -12.29 53.46 90.28
C TRP C 34 -13.42 52.44 90.21
N ASP C 35 -14.22 52.48 89.15
CA ASP C 35 -15.24 51.48 88.89
C ASP C 35 -14.71 50.51 87.85
N ILE C 36 -15.57 49.58 87.43
CA ILE C 36 -15.22 48.66 86.37
C ILE C 36 -14.92 49.47 85.12
N PRO C 37 -13.78 49.25 84.45
CA PRO C 37 -13.42 50.09 83.30
C PRO C 37 -14.50 50.11 82.23
N GLY C 38 -14.77 51.29 81.67
CA GLY C 38 -15.83 51.49 80.71
C GLY C 38 -17.15 51.91 81.34
N GLY C 39 -17.24 51.86 82.67
CA GLY C 39 -18.47 52.27 83.32
C GLY C 39 -19.59 51.26 83.13
N ASP C 40 -20.82 51.77 83.09
CA ASP C 40 -22.01 50.94 82.92
C ASP C 40 -22.20 50.46 81.49
N GLY C 41 -21.29 50.81 80.58
CA GLY C 41 -21.33 50.36 79.21
C GLY C 41 -20.19 49.44 78.84
N SER C 42 -19.53 48.81 79.81
CA SER C 42 -18.39 47.95 79.53
C SER C 42 -18.86 46.70 78.78
N PRO C 43 -17.98 46.08 78.00
CA PRO C 43 -18.37 44.88 77.26
C PRO C 43 -18.74 43.70 78.15
N ILE C 44 -18.60 43.84 79.46
CA ILE C 44 -18.99 42.78 80.37
C ILE C 44 -20.50 42.56 80.33
N PHE C 45 -21.28 43.64 80.17
CA PHE C 45 -22.74 43.53 80.10
C PHE C 45 -23.22 43.15 78.71
N ALA C 46 -22.68 42.09 78.14
CA ALA C 46 -23.18 41.56 76.87
C ALA C 46 -24.20 40.48 77.14
N GLU C 47 -24.57 39.71 76.12
CA GLU C 47 -25.48 38.59 76.34
C GLU C 47 -24.87 37.31 75.77
N VAL C 48 -24.14 36.57 76.61
CA VAL C 48 -23.53 35.32 76.18
C VAL C 48 -24.61 34.31 75.85
N THR C 49 -24.72 33.95 74.57
CA THR C 49 -25.72 33.02 74.10
C THR C 49 -25.21 31.58 74.25
N ARG C 50 -26.16 30.65 74.36
CA ARG C 50 -25.80 29.25 74.53
C ARG C 50 -25.04 28.75 73.30
N LEU C 51 -23.90 28.13 73.54
CA LEU C 51 -23.09 27.61 72.45
C LEU C 51 -23.73 26.38 71.84
N THR C 52 -24.26 26.52 70.64
CA THR C 52 -24.90 25.43 69.92
C THR C 52 -23.94 24.92 68.83
N ASN C 53 -24.42 23.96 68.04
CA ASN C 53 -23.63 23.40 66.96
C ASN C 53 -23.73 24.23 65.68
N GLU C 54 -24.45 25.35 65.72
CA GLU C 54 -24.50 26.29 64.60
C GLU C 54 -23.43 27.37 64.73
N ASP C 55 -22.58 27.27 65.74
CA ASP C 55 -21.42 28.15 65.88
C ASP C 55 -20.14 27.56 65.32
N LEU C 56 -20.04 26.23 65.22
CA LEU C 56 -18.91 25.61 64.52
C LEU C 56 -19.04 25.83 63.02
N THR C 57 -20.12 25.30 62.43
CA THR C 57 -20.40 25.47 61.01
C THR C 57 -21.89 25.70 60.82
N THR C 58 -22.23 26.63 59.94
CA THR C 58 -23.63 26.90 59.62
C THR C 58 -24.14 26.04 58.46
N ARG C 59 -23.38 25.01 58.07
CA ARG C 59 -23.75 24.10 56.99
C ARG C 59 -23.90 24.83 55.66
N VAL C 60 -23.13 25.90 55.45
CA VAL C 60 -23.14 26.64 54.21
C VAL C 60 -21.78 27.30 54.03
N VAL C 61 -21.29 27.31 52.78
CA VAL C 61 -19.99 27.91 52.50
C VAL C 61 -20.05 29.41 52.74
N GLY C 62 -19.01 29.93 53.40
CA GLY C 62 -18.96 31.34 53.75
C GLY C 62 -20.03 31.72 54.75
N GLY C 63 -20.20 30.89 55.77
CA GLY C 63 -21.22 31.10 56.77
C GLY C 63 -20.76 32.02 57.90
N SER C 64 -21.43 31.89 59.05
CA SER C 64 -21.14 32.73 60.21
C SER C 64 -20.63 31.89 61.38
N GLY C 65 -20.00 30.76 61.09
CA GLY C 65 -19.39 29.92 62.10
C GLY C 65 -17.90 30.16 62.19
N THR C 66 -17.22 29.25 62.89
CA THR C 66 -15.77 29.29 62.99
C THR C 66 -15.10 28.36 61.98
N PHE C 67 -15.67 27.18 61.74
CA PHE C 67 -15.18 26.32 60.67
C PHE C 67 -15.31 27.01 59.33
N ASP C 68 -16.48 27.62 59.08
CA ASP C 68 -16.68 28.32 57.81
C ASP C 68 -15.71 29.48 57.65
N ALA C 69 -15.52 30.25 58.72
CA ALA C 69 -14.65 31.43 58.64
C ALA C 69 -13.22 31.02 58.33
N LEU C 70 -12.71 30.00 59.03
CA LEU C 70 -11.35 29.54 58.78
C LEU C 70 -11.23 28.90 57.40
N MET C 71 -12.22 28.10 57.01
CA MET C 71 -12.20 27.42 55.72
C MET C 71 -12.48 28.36 54.55
N ALA C 72 -13.18 29.47 54.79
CA ALA C 72 -13.36 30.49 53.77
C ALA C 72 -12.31 31.59 53.82
N SER C 73 -11.42 31.59 54.81
CA SER C 73 -10.27 32.49 54.81
C SER C 73 -9.03 31.85 54.23
N ALA C 74 -8.86 30.53 54.40
CA ALA C 74 -7.78 29.83 53.72
C ALA C 74 -7.98 29.84 52.22
N ALA C 75 -9.22 29.64 51.76
CA ALA C 75 -9.50 29.72 50.33
C ALA C 75 -9.34 31.13 49.80
N ALA C 76 -9.65 32.13 50.62
CA ALA C 76 -9.44 33.53 50.25
C ALA C 76 -7.99 33.94 50.35
N HIS C 77 -7.14 33.10 50.94
CA HIS C 77 -5.70 33.31 50.97
C HIS C 77 -4.96 32.55 49.89
N LEU C 78 -5.57 31.50 49.33
CA LEU C 78 -5.00 30.78 48.20
C LEU C 78 -5.49 31.31 46.85
N LYS C 79 -6.66 31.96 46.83
CA LYS C 79 -7.18 32.51 45.60
C LYS C 79 -6.40 33.76 45.21
N GLN C 80 -5.69 34.34 46.17
CA GLN C 80 -4.78 35.44 45.88
C GLN C 80 -3.63 35.00 44.98
N GLU C 81 -3.24 33.74 45.03
CA GLU C 81 -2.27 33.19 44.07
C GLU C 81 -2.95 32.80 42.76
N PHE C 82 -3.99 31.97 42.85
CA PHE C 82 -4.66 31.45 41.66
C PHE C 82 -5.09 32.55 40.70
N LYS C 83 -5.51 33.69 41.24
CA LYS C 83 -5.92 34.82 40.40
C LYS C 83 -4.74 35.67 39.94
N GLU C 84 -3.51 35.31 40.32
CA GLU C 84 -2.32 36.02 39.89
C GLU C 84 -1.33 35.06 39.22
N GLY C 85 -1.83 33.99 38.64
CA GLY C 85 -0.93 32.99 38.08
C GLY C 85 -0.32 32.16 39.17
N ARG C 86 0.88 31.64 38.92
CA ARG C 86 1.71 30.98 39.92
C ARG C 86 1.15 29.63 40.34
N ILE C 87 -0.09 29.32 39.93
CA ILE C 87 -0.72 28.03 40.14
C ILE C 87 -1.88 27.92 39.17
N THR C 88 -2.09 26.72 38.62
CA THR C 88 -3.26 26.46 37.79
C THR C 88 -4.46 26.17 38.68
N GLY C 89 -5.63 26.09 38.06
CA GLY C 89 -6.86 25.82 38.79
C GLY C 89 -6.83 24.53 39.57
N GLY C 90 -6.28 23.48 38.98
CA GLY C 90 -6.22 22.18 39.62
C GLY C 90 -5.40 22.18 40.89
N GLU C 91 -4.25 22.87 40.88
CA GLU C 91 -3.40 22.90 42.06
C GLU C 91 -4.07 23.65 43.20
N TYR C 92 -4.77 24.75 42.89
CA TYR C 92 -5.43 25.54 43.92
C TYR C 92 -6.49 24.72 44.66
N THR C 93 -7.31 23.98 43.89
CA THR C 93 -8.38 23.20 44.50
C THR C 93 -7.81 22.11 45.40
N LYS C 94 -6.75 21.45 44.95
CA LYS C 94 -6.13 20.39 45.74
C LYS C 94 -5.63 20.93 47.08
N ALA C 95 -5.03 22.12 47.06
CA ALA C 95 -4.60 22.75 48.31
C ALA C 95 -5.80 23.07 49.19
N TYR C 96 -6.88 23.58 48.58
CA TYR C 96 -8.08 23.93 49.34
C TYR C 96 -8.70 22.70 50.01
N ILE C 97 -8.78 21.60 49.27
CA ILE C 97 -9.36 20.37 49.79
C ILE C 97 -8.57 19.79 50.95
N ALA C 98 -7.24 19.83 50.88
CA ALA C 98 -6.38 19.26 51.91
C ALA C 98 -6.28 20.15 53.14
N ILE C 99 -7.06 21.23 53.21
CA ILE C 99 -7.06 22.12 54.36
C ILE C 99 -8.22 21.82 55.31
N VAL C 100 -9.24 21.10 54.85
CA VAL C 100 -10.45 20.87 55.65
C VAL C 100 -10.09 20.21 56.98
N GLU C 101 -9.15 19.27 56.97
CA GLU C 101 -8.74 18.61 58.20
C GLU C 101 -8.13 19.61 59.18
N THR C 102 -7.29 20.53 58.68
CA THR C 102 -6.65 21.51 59.54
C THR C 102 -7.67 22.53 60.07
N CYS C 103 -8.52 23.05 59.19
CA CYS C 103 -9.48 24.07 59.61
C CYS C 103 -10.47 23.52 60.63
N MET C 104 -10.98 22.31 60.39
CA MET C 104 -11.94 21.72 61.31
C MET C 104 -11.29 21.47 62.68
N GLY C 105 -10.04 21.02 62.68
CA GLY C 105 -9.35 20.80 63.94
C GLY C 105 -9.09 22.08 64.70
N ASN C 106 -8.71 23.14 63.98
CA ASN C 106 -8.41 24.42 64.63
C ASN C 106 -9.66 25.21 64.96
N ALA C 107 -10.77 24.98 64.26
CA ALA C 107 -12.00 25.68 64.59
C ALA C 107 -12.56 25.22 65.92
N THR C 108 -12.53 23.92 66.18
CA THR C 108 -12.99 23.41 67.47
C THR C 108 -12.11 23.91 68.61
N GLN C 109 -10.80 23.96 68.38
CA GLN C 109 -9.89 24.46 69.41
C GLN C 109 -10.18 25.92 69.73
N TYR C 110 -10.47 26.72 68.70
CA TYR C 110 -10.77 28.12 68.93
C TYR C 110 -12.13 28.30 69.60
N LEU C 111 -13.15 27.60 69.10
CA LEU C 111 -14.50 27.76 69.62
C LEU C 111 -14.56 27.43 71.11
N LEU C 112 -14.06 26.26 71.49
CA LEU C 112 -13.99 25.87 72.89
C LEU C 112 -12.74 26.50 73.49
N GLY C 113 -12.86 27.78 73.84
CA GLY C 113 -11.73 28.52 74.35
C GLY C 113 -11.73 29.98 73.92
N ARG C 114 -12.58 30.33 72.95
CA ARG C 114 -12.71 31.73 72.57
C ARG C 114 -13.36 32.53 73.70
N ASP C 115 -14.49 32.05 74.22
CA ASP C 115 -15.20 32.77 75.27
C ASP C 115 -14.41 32.78 76.56
N GLN C 116 -13.85 31.62 76.95
CA GLN C 116 -13.13 31.52 78.20
C GLN C 116 -11.88 32.40 78.22
N ALA C 117 -11.22 32.58 77.08
CA ALA C 117 -10.06 33.45 77.01
C ALA C 117 -10.41 34.92 77.03
N TYR C 118 -11.69 35.27 76.89
CA TYR C 118 -12.09 36.67 77.01
C TYR C 118 -12.40 37.03 78.45
N TRP C 119 -13.17 36.20 79.15
CA TRP C 119 -13.51 36.48 80.53
C TRP C 119 -12.27 36.45 81.42
N ALA C 120 -11.32 35.56 81.12
CA ALA C 120 -10.05 35.58 81.84
C ALA C 120 -9.29 36.88 81.59
N ALA C 121 -9.57 37.58 80.49
CA ALA C 121 -9.02 38.90 80.24
C ALA C 121 -10.00 40.01 80.57
N ALA C 122 -11.19 39.67 81.07
CA ALA C 122 -12.17 40.64 81.52
C ALA C 122 -12.37 40.64 83.02
N MET C 123 -12.42 39.47 83.64
CA MET C 123 -12.45 39.36 85.10
C MET C 123 -11.09 39.61 85.72
N ALA C 124 -10.04 39.74 84.91
CA ALA C 124 -8.73 40.17 85.39
C ALA C 124 -8.56 41.67 85.37
N GLN C 125 -9.20 42.37 84.44
CA GLN C 125 -9.18 43.83 84.47
C GLN C 125 -9.86 44.35 85.73
N ILE C 126 -11.00 43.76 86.09
CA ILE C 126 -11.67 44.13 87.33
C ILE C 126 -10.79 43.79 88.53
N GLN C 127 -10.14 42.62 88.48
CA GLN C 127 -9.23 42.23 89.55
C GLN C 127 -7.89 42.94 89.41
N ALA C 128 -7.81 43.89 88.48
CA ALA C 128 -6.67 44.78 88.38
C ALA C 128 -6.99 46.22 88.77
N VAL C 129 -8.22 46.68 88.56
CA VAL C 129 -8.63 47.97 89.12
C VAL C 129 -8.78 47.89 90.63
N SER C 130 -9.40 46.83 91.16
CA SER C 130 -9.52 46.64 92.59
C SER C 130 -8.18 46.38 93.27
N ALA C 131 -7.16 45.99 92.50
CA ALA C 131 -5.81 45.90 93.06
C ALA C 131 -5.26 47.29 93.35
N ARG C 132 -5.61 48.29 92.53
CA ARG C 132 -5.26 49.66 92.85
C ARG C 132 -5.91 50.11 94.15
N VAL C 133 -7.17 49.72 94.35
CA VAL C 133 -7.83 49.98 95.63
C VAL C 133 -7.15 49.20 96.75
N ALA C 134 -6.82 47.93 96.49
CA ALA C 134 -6.13 47.09 97.46
C ALA C 134 -4.69 47.51 97.70
N LEU C 135 -4.15 48.41 96.87
CA LEU C 135 -2.83 48.97 97.13
C LEU C 135 -2.90 50.17 98.05
N ALA C 136 -3.97 50.97 97.98
CA ALA C 136 -4.16 52.05 98.92
C ALA C 136 -4.35 51.51 100.33
N THR C 137 -5.11 50.43 100.48
CA THR C 137 -5.26 49.81 101.79
C THR C 137 -3.95 49.31 102.35
N SER C 138 -3.10 48.69 101.52
CA SER C 138 -1.77 48.28 101.96
C SER C 138 -0.90 49.45 102.37
N LYS C 139 -1.18 50.66 101.87
CA LYS C 139 -0.53 51.87 102.34
C LYS C 139 -1.22 52.45 103.57
N ALA C 140 -2.38 51.91 103.94
CA ALA C 140 -3.09 52.32 105.15
C ALA C 140 -2.96 51.32 106.28
N GLN C 141 -2.75 50.03 105.99
CA GLN C 141 -2.39 49.06 107.01
C GLN C 141 -0.92 49.13 107.38
N TYR C 142 -0.10 49.79 106.56
CA TYR C 142 1.31 49.95 106.90
C TYR C 142 1.48 50.81 108.14
N VAL C 143 0.74 51.92 108.23
CA VAL C 143 0.79 52.73 109.44
C VAL C 143 0.11 51.99 110.59
N LEU C 144 -0.91 51.19 110.28
CA LEU C 144 -1.56 50.40 111.31
C LEU C 144 -0.60 49.40 111.93
N ALA C 145 0.23 48.76 111.10
CA ALA C 145 1.28 47.91 111.63
C ALA C 145 2.33 48.71 112.39
N LYS C 146 2.65 49.91 111.91
CA LYS C 146 3.61 50.76 112.62
C LYS C 146 3.07 51.16 113.99
N PHE C 147 1.79 51.53 114.07
CA PHE C 147 1.20 51.85 115.36
C PHE C 147 1.08 50.62 116.24
N GLN C 148 0.85 49.45 115.65
CA GLN C 148 0.79 48.21 116.40
C GLN C 148 2.14 47.80 116.96
N ALA C 149 3.23 48.37 116.46
CA ALA C 149 4.53 48.15 117.05
C ALA C 149 4.78 49.07 118.24
N LEU C 150 4.36 50.33 118.13
CA LEU C 150 4.43 51.25 119.26
C LEU C 150 3.35 50.98 120.29
N ASN C 151 2.35 50.17 119.96
CA ASN C 151 1.33 49.74 120.91
C ASN C 151 1.76 48.49 121.67
N ALA C 152 2.87 47.88 121.27
CA ALA C 152 3.42 46.73 121.98
C ALA C 152 4.56 47.19 122.88
N LYS C 153 5.24 48.26 122.47
CA LYS C 153 6.24 48.86 123.35
C LYS C 153 5.59 49.46 124.59
N SER C 154 4.41 50.09 124.44
CA SER C 154 3.69 50.60 125.60
C SER C 154 3.27 49.47 126.52
N GLU C 155 2.78 48.36 125.95
CA GLU C 155 2.42 47.21 126.76
C GLU C 155 3.63 46.59 127.42
N TYR C 156 4.80 46.68 126.78
CA TYR C 156 6.04 46.26 127.43
C TYR C 156 6.31 47.10 128.68
N ALA C 157 6.16 48.42 128.57
CA ALA C 157 6.34 49.29 129.71
C ALA C 157 5.28 49.02 130.77
N LEU C 158 4.03 48.84 130.33
CA LEU C 158 2.94 48.61 131.28
C LEU C 158 3.14 47.32 132.06
N THR C 159 3.56 46.26 131.38
CA THR C 159 3.87 45.02 132.09
C THR C 159 5.08 45.18 133.01
N LYS C 160 6.10 45.92 132.56
CA LYS C 160 7.26 46.16 133.41
C LYS C 160 6.88 46.99 134.63
N LEU C 161 5.95 47.92 134.50
CA LEU C 161 5.45 48.69 135.63
C LEU C 161 4.50 47.89 136.51
N LYS C 162 4.00 46.76 136.03
CA LYS C 162 3.18 45.88 136.86
C LYS C 162 4.00 44.93 137.70
N LEU C 163 5.28 44.74 137.38
CA LEU C 163 6.15 43.94 138.24
C LEU C 163 6.34 44.61 139.59
N SER C 164 6.54 45.94 139.60
CA SER C 164 6.71 46.66 140.86
C SER C 164 5.45 46.63 141.70
N THR C 165 4.28 46.74 141.06
CA THR C 165 3.02 46.69 141.79
C THR C 165 2.86 45.35 142.50
N GLU C 166 3.19 44.25 141.82
CA GLU C 166 3.11 42.94 142.45
C GLU C 166 4.17 42.78 143.53
N SER C 167 5.30 43.49 143.40
CA SER C 167 6.32 43.43 144.45
C SER C 167 5.81 44.03 145.76
N GLU C 168 5.10 45.15 145.68
CA GLU C 168 4.52 45.74 146.88
C GLU C 168 3.42 44.85 147.45
N THR C 169 2.71 44.12 146.58
CA THR C 169 1.65 43.23 147.05
C THR C 169 2.22 42.14 147.97
N TYR C 170 3.38 41.58 147.61
CA TYR C 170 4.03 40.62 148.48
C TYR C 170 4.39 41.26 149.82
N CYS C 171 4.95 42.47 149.77
CA CYS C 171 5.25 43.20 151.01
C CYS C 171 3.98 43.57 151.74
N ALA C 172 2.87 43.73 151.02
CA ALA C 172 1.57 43.96 151.63
C ALA C 172 0.87 42.68 152.04
N ALA C 173 1.50 41.53 151.78
CA ALA C 173 0.98 40.25 152.27
C ALA C 173 1.89 39.59 153.29
N LEU C 174 3.18 39.91 153.33
CA LEU C 174 4.02 39.48 154.43
C LEU C 174 3.71 40.24 155.72
N PHE C 175 3.13 41.43 155.59
CA PHE C 175 2.64 42.21 156.72
C PHE C 175 1.25 41.75 157.16
N ASN C 176 0.61 40.87 156.39
CA ASN C 176 -0.71 40.36 156.72
C ASN C 176 -0.67 38.89 157.13
N VAL C 177 0.52 38.33 157.29
CA VAL C 177 0.67 36.93 157.70
C VAL C 177 1.53 36.87 158.94
N GLU C 178 2.41 37.86 159.12
CA GLU C 178 3.36 37.84 160.22
C GLU C 178 3.04 38.89 161.28
N GLN C 179 2.33 39.97 160.94
CA GLN C 179 2.05 41.01 161.92
C GLN C 179 0.57 41.19 162.17
N THR C 180 -0.21 41.41 161.11
CA THR C 180 -1.63 41.74 161.28
C THR C 180 -2.42 40.55 161.80
N LEU C 181 -2.25 39.38 161.17
CA LEU C 181 -3.01 38.20 161.60
C LEU C 181 -2.67 37.79 163.03
N PRO C 182 -1.39 37.71 163.45
CA PRO C 182 -1.11 37.38 164.84
C PRO C 182 -1.76 38.35 165.83
N GLN C 183 -1.80 39.63 165.46
CA GLN C 183 -2.40 40.62 166.34
C GLN C 183 -3.91 40.48 166.38
N GLN C 184 -4.54 40.29 165.23
CA GLN C 184 -5.99 40.11 165.19
C GLN C 184 -6.43 38.85 165.92
N LEU C 185 -5.57 37.83 165.99
CA LEU C 185 -5.88 36.67 166.79
C LEU C 185 -5.93 37.02 168.27
N LYS C 186 -5.01 37.86 168.73
CA LYS C 186 -5.02 38.29 170.12
C LYS C 186 -6.28 39.07 170.45
N LEU C 187 -6.72 39.93 169.52
CA LEU C 187 -7.96 40.66 169.72
C LEU C 187 -9.16 39.74 169.86
N LEU C 188 -9.17 38.60 169.18
CA LEU C 188 -10.18 37.57 169.39
C LEU C 188 -9.93 36.76 170.65
N ILE C 189 -8.67 36.54 171.02
CA ILE C 189 -8.35 35.87 172.28
C ILE C 189 -8.65 36.73 173.49
N GLU C 190 -8.86 38.04 173.30
CA GLU C 190 -9.28 38.93 174.38
C GLU C 190 -10.77 39.24 174.30
N GLN C 191 -11.37 39.09 173.12
CA GLN C 191 -12.80 39.30 172.96
C GLN C 191 -13.64 38.09 173.31
N THR C 192 -13.07 36.89 173.28
CA THR C 192 -13.80 35.70 173.71
C THR C 192 -13.93 35.66 175.23
N GLU C 193 -12.88 36.07 175.94
CA GLU C 193 -12.92 36.06 177.41
C GLU C 193 -13.98 37.02 177.94
N ALA C 194 -14.16 38.17 177.27
CA ALA C 194 -15.21 39.09 177.68
C ALA C 194 -16.59 38.44 177.56
N GLN C 195 -16.82 37.69 176.48
CA GLN C 195 -18.05 36.91 176.40
C GLN C 195 -18.07 35.81 177.46
N ARG C 196 -16.92 35.17 177.69
CA ARG C 196 -16.81 34.14 178.71
C ARG C 196 -16.96 34.68 180.12
N ALA C 197 -16.69 35.97 180.34
CA ALA C 197 -16.84 36.56 181.66
C ALA C 197 -18.30 36.74 182.07
N GLN C 198 -19.21 36.84 181.09
CA GLN C 198 -20.62 37.02 181.43
C GLN C 198 -21.23 35.74 181.99
N THR C 199 -20.83 34.58 181.49
CA THR C 199 -21.40 33.31 181.95
C THR C 199 -20.55 32.72 183.08
N LEU C 200 -19.25 32.58 182.85
CA LEU C 200 -18.37 32.01 183.85
C LEU C 200 -17.55 33.10 184.53
N ASP C 201 -17.12 32.81 185.76
CA ASP C 201 -16.32 33.74 186.55
C ASP C 201 -14.82 33.50 186.42
N LYS C 202 -14.41 32.54 185.59
CA LYS C 202 -13.00 32.25 185.39
C LYS C 202 -12.69 32.31 183.91
N ARG C 203 -11.54 32.87 183.55
CA ARG C 203 -11.15 32.97 182.16
C ARG C 203 -10.81 31.59 181.61
N SER C 204 -10.69 31.50 180.28
CA SER C 204 -10.42 30.22 179.63
C SER C 204 -9.10 29.63 180.10
N ASP C 205 -8.04 30.45 180.12
CA ASP C 205 -6.76 29.96 180.61
C ASP C 205 -6.81 29.69 182.11
N GLY C 206 -7.42 30.59 182.88
CA GLY C 206 -7.53 30.44 184.31
C GLY C 206 -7.72 31.76 185.02
N ALA C 207 -7.04 31.93 186.15
CA ALA C 207 -7.10 33.14 186.96
C ALA C 207 -8.55 33.45 187.31
N THR C 208 -8.89 34.73 187.45
CA THR C 208 -10.24 35.15 187.79
C THR C 208 -10.57 36.42 187.03
N VAL C 209 -11.86 36.68 186.85
CA VAL C 209 -12.32 37.87 186.16
C VAL C 209 -12.00 39.11 186.98
N SER C 210 -11.37 40.10 186.36
CA SER C 210 -11.01 41.34 187.03
C SER C 210 -11.19 42.48 186.02
N GLY C 211 -10.66 43.65 186.35
CA GLY C 211 -10.77 44.77 185.44
C GLY C 211 -12.13 45.44 185.52
N SER C 212 -12.52 46.08 184.42
CA SER C 212 -13.78 46.81 184.39
C SER C 212 -14.96 45.89 184.60
N ILE C 213 -14.95 44.71 183.97
CA ILE C 213 -16.03 43.75 184.17
C ILE C 213 -15.97 43.18 185.59
N GLY C 214 -14.75 42.92 186.08
CA GLY C 214 -14.61 42.39 187.42
C GLY C 214 -15.08 43.37 188.48
N LYS C 215 -14.71 44.64 188.35
CA LYS C 215 -15.15 45.65 189.30
C LYS C 215 -16.65 45.88 189.22
N GLN C 216 -17.23 45.71 188.03
CA GLN C 216 -18.68 45.85 187.89
C GLN C 216 -19.42 44.80 188.71
N LYS C 217 -18.85 43.60 188.84
CA LYS C 217 -19.46 42.58 189.69
C LYS C 217 -19.34 42.96 191.16
N GLU C 218 -18.22 43.59 191.54
CA GLU C 218 -18.04 44.00 192.93
C GLU C 218 -19.08 45.03 193.34
N LEU C 219 -19.36 46.00 192.47
CA LEU C 219 -20.36 47.02 192.76
C LEU C 219 -21.74 46.38 192.92
N TYR C 220 -22.07 45.42 192.06
CA TYR C 220 -23.32 44.69 192.21
C TYR C 220 -23.32 43.87 193.49
N THR C 221 -22.19 43.28 193.84
CA THR C 221 -22.08 42.52 195.08
C THR C 221 -22.29 43.43 196.28
N GLN C 222 -21.72 44.64 196.23
CA GLN C 222 -21.94 45.60 197.30
C GLN C 222 -23.39 46.09 197.33
N GLN C 223 -23.98 46.25 196.15
CA GLN C 223 -25.33 46.80 196.08
C GLN C 223 -26.35 45.89 196.75
N ILE C 224 -26.26 44.58 196.52
CA ILE C 224 -27.21 43.65 197.12
C ILE C 224 -27.02 43.60 198.63
N THR C 225 -25.76 43.63 199.08
CA THR C 225 -25.49 43.67 200.51
C THR C 225 -26.02 44.97 201.12
N SER C 226 -25.81 46.09 200.44
CA SER C 226 -26.30 47.38 200.94
C SER C 226 -27.82 47.41 201.01
N TYR C 227 -28.48 46.72 200.08
CA TYR C 227 -29.94 46.67 200.09
C TYR C 227 -30.46 45.99 201.35
N GLN C 228 -29.83 44.89 201.75
CA GLN C 228 -30.26 44.17 202.95
C GLN C 228 -29.99 44.99 204.20
N ARG C 229 -28.81 45.60 204.29
CA ARG C 229 -28.46 46.38 205.48
C ARG C 229 -29.37 47.59 205.62
N ASP C 230 -29.69 48.25 204.50
CA ASP C 230 -30.60 49.40 204.56
C ASP C 230 -31.99 48.98 205.01
N ALA C 231 -32.45 47.82 204.55
CA ALA C 231 -33.76 47.33 204.96
C ALA C 231 -33.81 47.05 206.45
N GLU C 232 -32.75 46.47 206.99
CA GLU C 232 -32.69 46.16 208.42
C GLU C 232 -32.74 47.44 209.25
N VAL C 233 -32.00 48.47 208.82
CA VAL C 233 -31.96 49.73 209.57
C VAL C 233 -33.35 50.35 209.64
N LYS C 234 -34.05 50.39 208.50
CA LYS C 234 -35.40 50.93 208.48
C LYS C 234 -36.34 50.07 209.31
N ALA C 235 -36.19 48.74 209.21
CA ALA C 235 -37.03 47.83 209.97
C ALA C 235 -36.71 47.83 211.46
N SER C 236 -35.56 48.35 211.86
CA SER C 236 -35.20 48.45 213.28
C SER C 236 -35.42 49.82 213.87
N LYS C 237 -35.50 50.87 213.03
CA LYS C 237 -35.76 52.20 213.55
C LYS C 237 -37.16 52.31 214.14
N LEU C 238 -38.10 51.51 213.63
CA LEU C 238 -39.43 51.44 214.22
C LEU C 238 -39.38 50.92 215.65
N PHE C 239 -38.56 49.88 215.87
CA PHE C 239 -38.43 49.31 217.21
C PHE C 239 -37.78 50.28 218.17
N THR C 240 -36.68 50.92 217.74
CA THR C 240 -35.95 51.81 218.63
C THR C 240 -36.72 53.11 218.87
N ASP C 241 -37.68 53.43 217.98
CA ASP C 241 -38.50 54.61 218.18
C ASP C 241 -39.42 54.45 219.39
N ALA C 242 -39.91 53.22 219.61
CA ALA C 242 -40.78 52.97 220.75
C ALA C 242 -40.06 53.20 222.06
N TRP C 243 -38.80 52.74 222.15
CA TRP C 243 -38.04 52.91 223.38
C TRP C 243 -37.81 54.38 223.69
N ILE C 244 -37.51 55.17 222.66
CA ILE C 244 -37.31 56.61 222.85
C ILE C 244 -38.59 57.26 223.37
N THR C 245 -39.73 56.90 222.76
CA THR C 245 -41.01 57.41 223.23
C THR C 245 -41.33 56.89 224.63
N GLN C 246 -41.04 55.61 224.88
CA GLN C 246 -41.29 55.04 226.20
C GLN C 246 -40.45 55.72 227.28
N LYS C 247 -39.18 56.00 226.96
CA LYS C 247 -38.31 56.66 227.92
C LYS C 247 -38.81 58.06 228.23
N THR C 248 -39.30 58.78 227.22
CA THR C 248 -39.79 60.15 227.44
C THR C 248 -40.99 60.16 228.37
N ILE C 249 -41.92 59.23 228.18
CA ILE C 249 -43.15 59.22 228.98
C ILE C 249 -42.84 58.79 230.42
N ASP C 250 -42.22 57.61 230.58
CA ASP C 250 -41.94 57.09 231.91
C ASP C 250 -40.92 57.95 232.65
N GLU C 251 -39.91 58.45 231.92
CA GLU C 251 -38.80 59.25 232.47
C GLU C 251 -37.87 58.38 233.29
N GLY C 252 -38.25 57.13 233.53
CA GLY C 252 -37.39 56.16 234.16
C GLY C 252 -37.45 54.81 233.48
N LEU C 253 -36.34 54.37 232.91
CA LEU C 253 -36.29 53.09 232.21
C LEU C 253 -34.83 52.71 232.04
N THR C 254 -34.46 51.51 232.48
CA THR C 254 -33.10 51.03 232.30
C THR C 254 -32.83 50.83 230.81
N PRO C 255 -31.79 51.49 230.27
CA PRO C 255 -31.47 51.31 228.85
C PRO C 255 -31.12 49.86 228.55
N PRO C 256 -31.44 49.37 227.36
CA PRO C 256 -31.05 48.01 226.98
C PRO C 256 -29.54 47.88 226.88
N ASN C 257 -29.09 46.63 226.72
CA ASN C 257 -27.66 46.35 226.64
C ASN C 257 -27.02 47.09 225.47
N GLY C 258 -27.75 47.28 224.37
CA GLY C 258 -27.21 48.01 223.24
C GLY C 258 -27.14 49.51 223.46
N PHE C 259 -27.92 50.03 224.40
CA PHE C 259 -27.94 51.46 224.70
C PHE C 259 -27.05 51.84 225.87
N THR C 260 -26.28 50.90 226.41
CA THR C 260 -25.35 51.20 227.48
C THR C 260 -24.28 52.16 226.98
N ASN C 261 -23.80 53.03 227.88
CA ASN C 261 -22.81 54.03 227.49
C ASN C 261 -21.54 53.40 226.96
N SER C 262 -21.17 52.22 227.46
CA SER C 262 -20.02 51.51 226.92
C SER C 262 -20.27 51.09 225.48
N SER C 263 -21.48 50.60 225.20
CA SER C 263 -21.84 50.17 223.85
C SER C 263 -21.83 51.34 222.88
N ILE C 264 -22.32 52.50 223.32
CA ILE C 264 -22.34 53.68 222.47
C ILE C 264 -20.92 54.16 222.22
N ASP C 265 -20.06 54.04 223.24
CA ASP C 265 -18.70 54.56 223.13
C ASP C 265 -17.89 53.81 222.06
N ASP C 266 -18.00 52.48 222.04
CA ASP C 266 -17.19 51.71 221.09
C ASP C 266 -17.76 51.84 219.68
N VAL C 267 -19.07 52.09 219.56
CA VAL C 267 -19.66 52.36 218.25
C VAL C 267 -19.05 53.60 217.64
N LEU C 268 -18.90 54.66 218.44
CA LEU C 268 -18.24 55.87 217.95
C LEU C 268 -16.77 55.62 217.65
N THR C 269 -16.15 54.68 218.36
CA THR C 269 -14.77 54.31 218.04
C THR C 269 -14.69 53.69 216.65
N THR C 270 -15.63 52.81 216.31
CA THR C 270 -15.67 52.21 214.98
C THR C 270 -15.91 53.27 213.92
N LEU C 271 -16.84 54.19 214.18
CA LEU C 271 -17.15 55.25 213.22
C LEU C 271 -15.99 56.20 213.01
N LYS C 272 -15.00 56.20 213.91
CA LYS C 272 -13.83 57.05 213.76
C LYS C 272 -12.65 56.35 213.11
N ARG C 273 -12.50 55.04 213.31
CA ARG C 273 -11.40 54.32 212.69
C ARG C 273 -11.68 53.99 211.23
N ASN C 274 -12.91 53.55 210.93
CA ASN C 274 -13.27 53.23 209.55
C ASN C 274 -13.18 54.45 208.66
N ASN C 275 -13.67 55.60 209.15
CA ASN C 275 -13.62 56.84 208.40
C ASN C 275 -12.30 57.58 208.59
N ASN C 276 -11.38 57.03 209.37
CA ASN C 276 -10.06 57.63 209.61
C ASN C 276 -10.17 59.05 210.17
N LEU C 277 -11.12 59.26 211.08
CA LEU C 277 -11.25 60.56 211.71
C LEU C 277 -10.10 60.83 212.67
N ASN C 278 -9.46 59.79 213.19
CA ASN C 278 -8.35 59.94 214.12
C ASN C 278 -7.15 60.60 213.44
N VAL D 30 22.52 51.99 -22.44
CA VAL D 30 22.74 50.58 -22.68
C VAL D 30 23.17 49.91 -21.38
N ASP D 31 23.13 48.58 -21.36
CA ASP D 31 23.40 47.84 -20.15
C ASP D 31 24.86 47.41 -20.12
N LYS D 32 25.65 48.03 -19.25
CA LYS D 32 27.09 47.80 -19.21
C LYS D 32 27.41 46.45 -18.59
N VAL D 33 28.49 45.83 -19.10
CA VAL D 33 28.89 44.52 -18.62
C VAL D 33 29.69 44.62 -17.32
N ILE D 34 30.43 45.72 -17.12
CA ILE D 34 31.27 45.88 -15.94
C ILE D 34 30.43 46.42 -14.79
N GLY D 35 29.12 46.47 -14.96
CA GLY D 35 28.24 46.98 -13.95
C GLY D 35 27.80 48.40 -14.25
N ASN D 36 26.52 48.68 -13.99
CA ASN D 36 25.97 49.99 -14.30
C ASN D 36 26.56 51.07 -13.41
N ALA D 37 26.66 50.81 -12.11
CA ALA D 37 27.22 51.81 -11.20
C ALA D 37 28.73 51.87 -11.29
N TYR D 38 29.39 50.76 -11.59
CA TYR D 38 30.84 50.78 -11.72
C TYR D 38 31.28 51.60 -12.92
N ALA D 39 30.48 51.61 -13.99
CA ALA D 39 30.80 52.47 -15.12
C ALA D 39 30.78 53.93 -14.71
N VAL D 40 29.78 54.32 -13.91
CA VAL D 40 29.69 55.70 -13.42
C VAL D 40 30.88 56.02 -12.52
N VAL D 41 31.22 55.09 -11.64
CA VAL D 41 32.33 55.33 -10.71
C VAL D 41 33.64 55.47 -11.48
N ARG D 42 33.86 54.63 -12.49
CA ARG D 42 35.05 54.73 -13.30
C ARG D 42 35.08 56.04 -14.09
N ALA D 43 33.93 56.44 -14.63
CA ALA D 43 33.87 57.69 -15.38
C ALA D 43 34.22 58.88 -14.50
N VAL D 44 33.73 58.87 -13.25
CA VAL D 44 34.10 59.92 -12.32
C VAL D 44 35.59 59.84 -12.01
N TYR D 45 36.11 58.62 -11.88
CA TYR D 45 37.52 58.43 -11.55
C TYR D 45 38.43 58.98 -12.66
N CYS D 46 38.09 58.70 -13.92
CA CYS D 46 38.94 59.15 -15.02
C CYS D 46 38.98 60.67 -15.12
N ASN D 47 37.99 61.35 -14.54
CA ASN D 47 37.93 62.80 -14.59
C ASN D 47 38.35 63.46 -13.28
N LEU D 48 39.09 62.74 -12.43
CA LEU D 48 39.53 63.33 -11.17
C LEU D 48 40.52 64.46 -11.40
N GLY D 49 41.38 64.33 -12.41
CA GLY D 49 42.36 65.37 -12.68
C GLY D 49 41.73 66.72 -12.97
N ASN D 50 40.72 66.73 -13.83
CA ASN D 50 39.99 67.97 -14.10
C ASN D 50 39.32 68.48 -12.84
N LEU D 51 38.70 67.58 -12.07
CA LEU D 51 38.11 67.97 -10.80
C LEU D 51 39.18 68.44 -9.82
N LYS D 52 40.38 67.86 -9.88
CA LYS D 52 41.47 68.35 -9.04
C LYS D 52 41.85 69.78 -9.39
N LEU D 53 41.92 70.10 -10.69
CA LEU D 53 42.19 71.47 -11.09
C LEU D 53 41.10 72.41 -10.63
N LEU D 54 39.83 72.01 -10.76
CA LEU D 54 38.74 72.86 -10.31
C LEU D 54 38.81 73.09 -8.80
N TYR D 55 39.06 72.03 -8.04
CA TYR D 55 39.16 72.17 -6.59
C TYR D 55 40.33 73.05 -6.20
N ASP D 56 41.47 72.91 -6.87
CA ASP D 56 42.61 73.76 -6.58
C ASP D 56 42.30 75.22 -6.87
N PHE D 57 41.66 75.50 -8.01
CA PHE D 57 41.35 76.89 -8.34
C PHE D 57 40.38 77.47 -7.33
N LEU D 58 39.41 76.67 -6.87
CA LEU D 58 38.52 77.13 -5.82
C LEU D 58 39.27 77.40 -4.52
N ASN D 59 40.22 76.53 -4.18
CA ASN D 59 40.87 76.62 -2.88
C ASN D 59 41.85 77.78 -2.80
N THR D 60 42.70 77.96 -3.80
CA THR D 60 43.77 78.95 -3.67
C THR D 60 43.29 80.38 -3.94
N TYR D 61 42.57 80.60 -5.04
CA TYR D 61 42.04 81.93 -5.35
C TYR D 61 40.83 82.18 -4.47
N GLY D 62 40.95 83.18 -3.59
CA GLY D 62 39.87 83.58 -2.71
C GLY D 62 38.60 83.94 -3.44
N MET D 63 37.48 83.42 -2.98
CA MET D 63 36.21 83.56 -3.69
C MET D 63 35.19 84.29 -2.82
N VAL D 64 34.45 85.21 -3.42
CA VAL D 64 33.34 85.86 -2.75
C VAL D 64 32.04 85.43 -3.43
N LEU D 65 31.07 84.99 -2.64
CA LEU D 65 29.82 84.47 -3.15
C LEU D 65 28.63 85.20 -2.56
N GLY D 66 27.50 85.10 -3.25
CA GLY D 66 26.28 85.76 -2.84
C GLY D 66 25.30 84.78 -2.19
N VAL D 67 24.62 85.25 -1.16
CA VAL D 67 23.73 84.41 -0.36
C VAL D 67 22.45 85.17 -0.08
N LYS D 68 21.32 84.45 -0.09
CA LYS D 68 20.02 85.07 0.17
C LYS D 68 19.79 85.35 1.65
N SER D 69 19.99 84.36 2.52
CA SER D 69 19.67 84.52 3.94
C SER D 69 20.79 84.01 4.83
N GLU D 70 20.55 83.97 6.14
CA GLU D 70 21.57 83.45 7.06
C GLU D 70 21.63 81.93 7.03
N ALA D 71 20.48 81.27 6.85
CA ALA D 71 20.48 79.81 6.80
C ALA D 71 21.30 79.29 5.63
N GLU D 72 21.14 79.93 4.47
CA GLU D 72 21.93 79.54 3.28
C GLU D 72 23.40 79.92 3.52
N LEU D 73 23.64 81.04 4.20
CA LEU D 73 25.02 81.47 4.51
C LEU D 73 25.66 80.42 5.43
N LYS D 74 24.92 79.97 6.44
CA LYS D 74 25.42 78.91 7.34
C LYS D 74 25.73 77.66 6.51
N LYS D 75 24.94 77.43 5.45
CA LYS D 75 25.14 76.23 4.59
C LYS D 75 26.10 76.55 3.45
N LEU D 76 27.29 77.07 3.78
CA LEU D 76 28.32 77.34 2.74
C LEU D 76 29.45 76.31 2.90
N ASN D 77 30.28 76.13 1.87
CA ASN D 77 31.34 75.14 1.94
C ASN D 77 32.49 75.65 2.80
N LYS D 78 33.46 74.77 3.04
CA LYS D 78 34.56 75.08 3.95
C LYS D 78 35.66 75.92 3.34
N LEU D 79 35.69 76.06 2.01
CA LEU D 79 36.70 76.88 1.34
C LEU D 79 36.16 78.24 0.95
N ALA D 80 34.95 78.58 1.35
CA ALA D 80 34.35 79.88 1.06
C ALA D 80 34.76 80.86 2.16
N LYS D 81 35.71 81.72 1.85
CA LYS D 81 36.23 82.69 2.81
C LYS D 81 35.40 83.96 2.89
N TYR D 82 34.90 84.45 1.76
CA TYR D 82 34.19 85.71 1.68
C TYR D 82 32.78 85.49 1.15
N ALA D 83 31.81 86.21 1.70
CA ALA D 83 30.39 86.04 1.28
C ALA D 83 29.68 87.39 1.17
N ARG D 84 28.42 87.38 0.72
CA ARG D 84 27.63 88.64 0.59
C ARG D 84 26.15 88.28 0.73
N VAL D 85 25.49 88.78 1.78
CA VAL D 85 24.07 88.37 2.03
C VAL D 85 23.10 89.36 1.36
N TYR D 86 22.51 88.98 0.22
CA TYR D 86 21.52 89.82 -0.46
C TYR D 86 20.23 89.77 0.34
N GLY D 87 20.02 90.80 1.17
CA GLY D 87 18.82 90.88 1.99
C GLY D 87 17.58 91.25 1.19
N ARG E 24 31.47 39.43 -14.36
CA ARG E 24 32.24 40.55 -14.92
C ARG E 24 31.74 41.88 -14.40
N SER E 25 30.82 41.85 -13.44
CA SER E 25 30.21 43.05 -12.88
C SER E 25 30.89 43.37 -11.57
N ASN E 26 31.41 44.60 -11.45
CA ASN E 26 32.07 45.08 -10.24
C ASN E 26 31.15 45.93 -9.37
N ASP E 27 29.84 45.89 -9.65
CA ASP E 27 28.86 46.67 -8.92
C ASP E 27 28.80 46.30 -7.44
N PRO E 28 28.88 45.02 -7.06
CA PRO E 28 28.93 44.70 -5.62
C PRO E 28 30.04 45.41 -4.87
N LEU E 29 31.19 45.64 -5.50
CA LEU E 29 32.24 46.44 -4.86
C LEU E 29 31.77 47.86 -4.58
N VAL E 30 31.10 48.49 -5.54
CA VAL E 30 30.56 49.84 -5.33
C VAL E 30 29.54 49.84 -4.21
N ASP E 31 28.66 48.83 -4.17
CA ASP E 31 27.69 48.73 -3.08
C ASP E 31 28.39 48.58 -1.74
N LYS E 32 29.46 47.77 -1.68
CA LYS E 32 30.18 47.59 -0.44
C LYS E 32 30.87 48.86 0.02
N VAL E 33 31.46 49.61 -0.90
CA VAL E 33 32.29 50.77 -0.51
C VAL E 33 31.50 52.07 -0.57
N ILE E 34 30.79 52.32 -1.68
CA ILE E 34 30.14 53.60 -1.90
C ILE E 34 28.63 53.38 -1.95
N GLY E 35 28.14 52.40 -1.19
CA GLY E 35 26.76 51.98 -1.28
C GLY E 35 25.70 53.06 -1.12
N ASN E 36 25.58 53.61 0.09
CA ASN E 36 24.55 54.60 0.35
C ASN E 36 24.86 55.97 -0.25
N ALA E 37 26.12 56.38 -0.24
CA ALA E 37 26.52 57.68 -0.77
C ALA E 37 26.76 57.67 -2.27
N TYR E 38 26.25 56.65 -2.98
CA TYR E 38 26.40 56.62 -4.43
C TYR E 38 25.62 57.74 -5.11
N ALA E 39 24.66 58.35 -4.41
CA ALA E 39 23.92 59.46 -4.98
C ALA E 39 24.82 60.64 -5.29
N VAL E 40 25.80 60.91 -4.43
CA VAL E 40 26.74 62.00 -4.68
C VAL E 40 27.53 61.73 -5.95
N VAL E 41 28.03 60.51 -6.12
CA VAL E 41 28.80 60.18 -7.30
C VAL E 41 27.94 60.27 -8.55
N ARG E 42 26.69 59.79 -8.47
CA ARG E 42 25.80 59.89 -9.63
C ARG E 42 25.50 61.34 -9.98
N ALA E 43 25.25 62.19 -8.97
CA ALA E 43 25.01 63.60 -9.23
C ALA E 43 26.22 64.28 -9.85
N VAL E 44 27.42 63.93 -9.39
CA VAL E 44 28.62 64.45 -10.03
C VAL E 44 28.72 63.98 -11.47
N TYR E 45 28.46 62.69 -11.71
CA TYR E 45 28.59 62.13 -13.05
C TYR E 45 27.63 62.79 -14.03
N CYS E 46 26.41 63.07 -13.59
CA CYS E 46 25.46 63.74 -14.47
C CYS E 46 25.89 65.16 -14.79
N ASN E 47 26.87 65.70 -14.05
CA ASN E 47 27.25 67.09 -14.16
C ASN E 47 28.71 67.31 -14.56
N LEU E 48 29.34 66.34 -15.25
CA LEU E 48 30.68 66.59 -15.75
C LEU E 48 30.69 67.70 -16.79
N GLY E 49 29.69 67.74 -17.66
CA GLY E 49 29.60 68.84 -18.62
C GLY E 49 29.43 70.18 -17.95
N ASN E 50 28.53 70.25 -16.97
CA ASN E 50 28.32 71.49 -16.23
C ASN E 50 29.57 71.90 -15.46
N LEU E 51 30.27 70.93 -14.86
CA LEU E 51 31.49 71.26 -14.15
C LEU E 51 32.58 71.74 -15.08
N LYS E 52 32.72 71.13 -16.27
CA LYS E 52 33.68 71.59 -17.25
C LYS E 52 33.36 73.01 -17.71
N LEU E 53 32.07 73.28 -17.98
CA LEU E 53 31.67 74.64 -18.35
C LEU E 53 31.95 75.64 -17.23
N LEU E 54 31.68 75.24 -15.98
CA LEU E 54 31.97 76.11 -14.85
C LEU E 54 33.46 76.41 -14.76
N TYR E 55 34.30 75.40 -14.94
CA TYR E 55 35.75 75.63 -14.88
C TYR E 55 36.22 76.52 -16.02
N ASP E 56 35.68 76.30 -17.23
CA ASP E 56 36.08 77.12 -18.37
C ASP E 56 35.66 78.58 -18.18
N PHE E 57 34.46 78.82 -17.65
CA PHE E 57 34.05 80.19 -17.33
C PHE E 57 34.89 80.74 -16.19
N LEU E 58 35.30 79.89 -15.26
CA LEU E 58 36.11 80.31 -14.12
C LEU E 58 37.47 80.81 -14.60
N ASN E 59 38.03 80.17 -15.62
CA ASN E 59 39.33 80.59 -16.14
C ASN E 59 39.25 81.90 -16.92
N THR E 60 38.03 82.34 -17.27
CA THR E 60 37.88 83.61 -17.98
C THR E 60 37.96 84.81 -17.05
N TYR E 61 37.91 84.60 -15.74
CA TYR E 61 38.17 85.62 -14.73
C TYR E 61 37.18 86.78 -14.85
N GLY E 62 35.98 86.48 -15.34
CA GLY E 62 34.94 87.46 -15.50
C GLY E 62 34.20 87.83 -14.24
N MET E 63 34.88 87.80 -13.10
CA MET E 63 34.25 87.94 -11.79
C MET E 63 35.11 88.83 -10.89
N VAL E 64 34.61 89.07 -9.69
CA VAL E 64 35.36 89.82 -8.69
C VAL E 64 35.98 88.81 -7.72
N LEU E 65 37.24 89.06 -7.34
CA LEU E 65 37.99 88.15 -6.49
C LEU E 65 38.29 88.82 -5.16
N GLY E 66 38.01 88.12 -4.06
CA GLY E 66 38.30 88.66 -2.75
C GLY E 66 39.76 88.48 -2.39
N VAL E 67 40.36 89.52 -1.85
CA VAL E 67 41.78 89.52 -1.50
C VAL E 67 41.94 90.11 -0.11
N LYS E 68 42.78 89.49 0.71
CA LYS E 68 43.11 90.01 2.04
C LYS E 68 44.32 90.92 1.92
N SER E 69 44.13 92.20 2.26
CA SER E 69 45.18 93.21 2.23
C SER E 69 45.63 93.52 0.81
N GLU E 70 46.33 94.65 0.64
CA GLU E 70 46.77 95.06 -0.69
C GLU E 70 47.86 94.14 -1.24
N ALA E 71 48.56 93.42 -0.35
CA ALA E 71 49.73 92.66 -0.77
C ALA E 71 49.41 91.60 -1.81
N GLU E 72 48.33 90.85 -1.64
CA GLU E 72 48.03 89.77 -2.57
C GLU E 72 47.34 90.25 -3.83
N LEU E 73 46.93 91.53 -3.84
CA LEU E 73 46.27 92.11 -5.02
C LEU E 73 47.22 91.98 -6.21
N LYS E 74 48.50 92.31 -5.99
CA LYS E 74 49.51 92.16 -7.06
C LYS E 74 49.57 90.70 -7.49
N LYS E 75 49.48 89.78 -6.53
CA LYS E 75 49.56 88.33 -6.86
C LYS E 75 48.25 87.85 -7.49
N LEU E 76 47.96 88.31 -8.71
CA LEU E 76 46.74 87.86 -9.44
C LEU E 76 47.14 87.56 -10.90
N ASN E 77 46.28 86.87 -11.64
CA ASN E 77 46.63 86.47 -13.04
C ASN E 77 46.57 87.69 -13.97
N LYS E 78 47.40 87.70 -15.01
CA LYS E 78 47.33 88.79 -15.98
C LYS E 78 45.93 89.06 -16.48
N LEU E 79 44.96 88.19 -16.19
CA LEU E 79 43.61 88.33 -16.70
C LEU E 79 42.61 88.77 -15.63
N ALA E 80 43.08 89.25 -14.48
CA ALA E 80 42.18 89.72 -13.44
C ALA E 80 41.37 90.90 -13.94
N LYS E 81 40.07 90.85 -13.71
CA LYS E 81 39.16 91.87 -14.24
C LYS E 81 38.42 92.65 -13.16
N TYR E 82 38.21 92.04 -11.99
CA TYR E 82 37.76 92.77 -10.81
C TYR E 82 38.40 92.18 -9.56
N ALA E 83 38.42 92.98 -8.51
CA ALA E 83 39.00 92.55 -7.24
C ALA E 83 38.38 93.37 -6.11
N ARG E 84 38.25 92.76 -4.94
CA ARG E 84 37.68 93.41 -3.76
C ARG E 84 38.57 93.08 -2.58
N VAL E 85 39.20 94.09 -2.00
CA VAL E 85 40.17 93.92 -0.92
C VAL E 85 39.48 94.17 0.41
N TYR E 86 39.66 93.23 1.35
CA TYR E 86 39.13 93.35 2.70
C TYR E 86 40.23 93.82 3.64
N GLY E 87 39.88 93.92 4.92
CA GLY E 87 40.83 94.34 5.94
C GLY E 87 40.16 94.91 7.18
N ASN F 36 42.44 47.14 -11.75
CA ASN F 36 42.09 47.14 -10.33
C ASN F 36 40.78 47.88 -10.08
N ALA F 37 39.70 47.12 -9.92
CA ALA F 37 38.43 47.75 -9.55
C ALA F 37 38.50 48.37 -8.17
N TYR F 38 39.15 47.70 -7.22
CA TYR F 38 39.25 48.23 -5.87
C TYR F 38 40.01 49.55 -5.84
N ALA F 39 41.08 49.68 -6.62
CA ALA F 39 41.82 50.94 -6.65
C ALA F 39 40.96 52.09 -7.15
N VAL F 40 40.20 51.88 -8.22
CA VAL F 40 39.34 52.93 -8.75
C VAL F 40 38.26 53.30 -7.74
N VAL F 41 37.61 52.29 -7.15
CA VAL F 41 36.54 52.57 -6.21
C VAL F 41 37.07 53.29 -4.98
N ARG F 42 38.23 52.87 -4.47
CA ARG F 42 38.81 53.53 -3.30
C ARG F 42 39.24 54.95 -3.62
N ALA F 43 39.80 55.17 -4.82
CA ALA F 43 40.20 56.53 -5.20
C ALA F 43 38.99 57.45 -5.30
N VAL F 44 37.87 56.94 -5.82
CA VAL F 44 36.65 57.75 -5.82
C VAL F 44 36.15 57.97 -4.39
N TYR F 45 36.16 56.93 -3.55
CA TYR F 45 35.56 57.04 -2.22
C TYR F 45 36.34 57.99 -1.33
N CYS F 46 37.67 57.95 -1.40
CA CYS F 46 38.48 58.83 -0.57
C CYS F 46 38.28 60.30 -0.91
N ASN F 47 37.77 60.60 -2.11
CA ASN F 47 37.51 61.96 -2.54
C ASN F 47 36.02 62.27 -2.56
N LEU F 48 35.23 61.53 -1.77
CA LEU F 48 33.78 61.69 -1.79
C LEU F 48 33.36 63.05 -1.26
N GLY F 49 33.98 63.51 -0.16
CA GLY F 49 33.65 64.80 0.39
C GLY F 49 33.94 65.95 -0.56
N ASN F 50 35.08 65.92 -1.25
CA ASN F 50 35.38 66.96 -2.23
C ASN F 50 34.41 66.91 -3.41
N LEU F 51 34.00 65.72 -3.83
CA LEU F 51 33.00 65.62 -4.89
C LEU F 51 31.68 66.24 -4.45
N LYS F 52 31.26 65.97 -3.22
CA LYS F 52 30.03 66.57 -2.70
C LYS F 52 30.17 68.09 -2.62
N LEU F 53 31.33 68.57 -2.19
CA LEU F 53 31.56 70.01 -2.12
C LEU F 53 31.47 70.66 -3.49
N LEU F 54 32.09 70.05 -4.49
CA LEU F 54 32.04 70.59 -5.85
C LEU F 54 30.62 70.59 -6.40
N TYR F 55 29.89 69.50 -6.19
CA TYR F 55 28.52 69.44 -6.67
C TYR F 55 27.64 70.48 -5.99
N ASP F 56 27.79 70.65 -4.67
CA ASP F 56 27.04 71.68 -3.97
C ASP F 56 27.40 73.08 -4.46
N PHE F 57 28.69 73.36 -4.67
CA PHE F 57 29.09 74.66 -5.20
C PHE F 57 28.49 74.91 -6.57
N LEU F 58 28.41 73.87 -7.41
CA LEU F 58 27.74 74.01 -8.69
C LEU F 58 26.25 74.31 -8.52
N ASN F 59 25.59 73.64 -7.57
CA ASN F 59 24.18 73.94 -7.31
C ASN F 59 24.00 75.27 -6.60
N THR F 60 24.89 75.61 -5.67
CA THR F 60 24.82 76.85 -4.91
C THR F 60 25.24 78.06 -5.74
N TYR F 61 25.63 77.83 -7.01
CA TYR F 61 26.30 78.82 -7.85
C TYR F 61 25.67 80.20 -7.74
N GLY F 62 26.40 81.12 -7.12
CA GLY F 62 25.93 82.48 -6.91
C GLY F 62 27.03 83.52 -6.99
N MET F 63 28.11 83.21 -7.70
CA MET F 63 29.23 84.14 -7.78
C MET F 63 28.80 85.45 -8.43
N VAL F 64 29.17 86.55 -7.79
CA VAL F 64 28.82 87.88 -8.26
C VAL F 64 29.74 88.24 -9.42
N LEU F 65 29.16 88.58 -10.56
CA LEU F 65 29.91 88.91 -11.75
C LEU F 65 29.85 90.42 -12.00
N GLY F 66 31.01 91.01 -12.27
CA GLY F 66 31.09 92.43 -12.52
C GLY F 66 30.99 92.73 -14.00
N VAL F 67 30.01 93.57 -14.33
CA VAL F 67 29.76 93.94 -15.72
C VAL F 67 29.98 95.43 -15.94
N LYS F 68 29.34 96.25 -15.11
CA LYS F 68 29.43 97.72 -15.20
C LYS F 68 28.93 98.22 -16.54
N SER F 69 28.21 97.35 -17.25
CA SER F 69 27.61 97.67 -18.54
C SER F 69 26.36 96.82 -18.75
N GLU F 70 25.26 97.48 -19.13
CA GLU F 70 24.00 96.78 -19.30
C GLU F 70 24.06 95.78 -20.46
N ALA F 71 24.77 96.13 -21.53
CA ALA F 71 24.83 95.27 -22.71
C ALA F 71 25.41 93.90 -22.36
N GLU F 72 26.61 93.88 -21.76
CA GLU F 72 27.21 92.61 -21.39
C GLU F 72 26.49 91.97 -20.22
N LEU F 73 25.81 92.78 -19.41
CA LEU F 73 25.01 92.24 -18.29
C LEU F 73 23.82 91.49 -18.89
N LYS F 74 23.25 92.01 -19.97
CA LYS F 74 22.14 91.31 -20.65
C LYS F 74 22.69 90.10 -21.38
N LYS F 75 23.99 90.07 -21.63
CA LYS F 75 24.63 88.94 -22.35
C LYS F 75 25.21 87.94 -21.36
N LEU F 76 24.67 87.89 -20.13
CA LEU F 76 25.13 86.89 -19.13
C LEU F 76 24.38 85.57 -19.35
N ASN F 77 24.91 84.46 -18.84
CA ASN F 77 24.27 83.16 -19.00
C ASN F 77 23.04 83.02 -18.11
N LYS F 78 22.22 82.01 -18.37
CA LYS F 78 20.97 81.85 -17.65
C LYS F 78 21.19 81.56 -16.16
N LEU F 79 22.30 80.92 -15.82
CA LEU F 79 22.57 80.54 -14.45
C LEU F 79 23.23 81.65 -13.64
N ALA F 80 23.55 82.78 -14.25
CA ALA F 80 24.28 83.85 -13.58
C ALA F 80 23.30 84.74 -12.83
N LYS F 81 23.18 84.51 -11.53
CA LYS F 81 22.47 85.42 -10.64
C LYS F 81 23.50 86.29 -9.92
N TYR F 82 23.05 87.46 -9.45
CA TYR F 82 23.86 88.37 -8.65
C TYR F 82 24.89 89.08 -9.52
N ALA F 83 24.80 90.40 -9.62
CA ALA F 83 25.73 91.17 -10.43
C ALA F 83 25.88 92.59 -9.92
#